data_6F2R
#
_entry.id   6F2R
#
_cell.length_a   177.139
_cell.length_b   177.139
_cell.length_c   126.461
_cell.angle_alpha   90.00
_cell.angle_beta   90.00
_cell.angle_gamma   120.00
#
_symmetry.space_group_name_H-M   'P 31'
#
loop_
_entity.id
_entity.type
_entity.pdbx_description
1 polymer 'HspB2,Heat shock protein beta-2,Heat shock protein beta-2,Heat shock protein beta-2,Heat shock protein beta-2,Heat shock protein beta-2'
2 polymer 'HspB2,Heat shock protein beta-2,Heat shock protein beta-2,Heat shock protein beta-2,Heat shock protein beta-2,Heat shock protein beta-2'
3 polymer 'Heat shock protein beta-2'
4 polymer 'Heat shock protein beta-3,Heat shock protein beta-3,Heat shock protein beta-3,Heat shock protein beta-3,Heat shock protein beta-2'
5 polymer 'Unknown peptide from HspB2 or HspB3'
6 polymer 'Unknown peptide from HspB2 or HspB3'
7 polymer 'Unknown peptide from HspB2 or HspB3'
8 polymer 'Unknown peptide from HspB2 or HspB3'
9 polymer 'Unknown peptide from HspB2 or HspB3'
#
loop_
_entity_poly.entity_id
_entity_poly.type
_entity_poly.pdbx_seq_one_letter_code
_entity_poly.pdbx_strand_id
1 'polypeptide(L)'
;(UNK)(UNK)(UNK)(UNK)(UNK)(UNK)(UNK)(UNK)(UNK)(UNK)(UNK)(UNK)(UNK)(UNK)(UNK)(UNK)
(UNK)(UNK)(UNK)(UNK)(UNK)(UNK)(UNK)(UNK)(UNK)(UNK)(UNK)(UNK)(UNK)(UNK)(UNK)MSGRS
VPHAHPATAEYEFANPSRLGEQRFGEGLLPEEILTPTLYHGYYVRPRAAPAGEGSRAGASELRLSEGKFQAFLDVSHFTP
DEVTVRTVDNLLEVSARHPQRLDRHGFVSREFCRTYVLPADVDPWRVRAALSHDGILNLEAPRGGRHLDTEVNEVYISLL
PAPPDPEEEEEAAIVEP
;
A,E,I
2 'polypeptide(L)'
;(UNK)(UNK)(UNK)(UNK)(UNK)(UNK)(UNK)(UNK)(UNK)(UNK)(UNK)(UNK)(UNK)(UNK)(UNK)(UNK)
(UNK)(UNK)(UNK)(UNK)(UNK)MSGRSVPHAHPATAEYEFANPSRLGEQRFGEGLLPEEILTPTLYHGYYVRPRAAP
AGEGSRAGASELRLSEGKFQAFLDVSHFTPDEVTVRTVDNLLEVSARHPQRLDRHGFVSREFCRTYVLPADVDPWRVRAA
LSHDGILNLEAPRGGRHLDTEVNEVYISLLPAPPDPEEEEEAAIVEP
;
C,G,K
3 'polypeptide(L)'
;MSGRSVPHAHPATAEYEFANPSRLGEQRFGEGLLPEEILTPTLYHGYYVRPRAAPAGEGSRAGASELRLSEGKFQAFLDV
SHFTPDEVTVRTVDNLLEVSARHPQRLDRHGFVSREFCRTYVLPADVDPWRVRAALSHDGILNLEAPRGGRHLDTEVNEV
YISLLPAPPDPEEEEEAAIVEP
;
D,F,J
4 'polypeptide(L)'
;MAKIILRHLIEIPVRYQEEFEARGLEDCRLDHALYALPGPTIVDLRKTRAAQSPPVDSAAETPPREGKSHFQILLDVVQF
LPEDIIIQTFEGWLLIKAQHGTRMDEHGFISRSFTRQYKLPDGVEIKDLSAVLCHDGILVVEVKDPVGTPEEEEEAAIVE
P
;
T,V,Q
5 'polypeptide(L)' (UNK)(UNK)(UNK)(UNK)(UNK)(UNK)(UNK)(UNK)(UNK)(UNK) M
6 'polypeptide(L)' (UNK)(UNK)(UNK)(UNK)(UNK)(UNK)(UNK) N
7 'polypeptide(L)' (UNK)(UNK)(UNK)(UNK)(UNK)(UNK) O
8 'polypeptide(L)' (UNK)(UNK)(UNK)(UNK)(UNK) 1,2,3
9 'polypeptide(L)' (UNK)(UNK)(UNK)(UNK)(UNK)(UNK)(UNK)(UNK)(UNK)(UNK)(UNK)(UNK) W,X,Y
#
# COMPACT_ATOMS: atom_id res chain seq x y z
N UNK A 1 38.19 35.68 -1.32
CA UNK A 1 37.96 35.77 -2.76
C UNK A 1 37.88 37.23 -3.26
N UNK A 2 38.25 37.45 -4.54
CA UNK A 2 38.24 38.76 -5.22
C UNK A 2 36.89 39.10 -5.87
N UNK A 3 36.77 40.32 -6.47
CA UNK A 3 35.56 40.82 -7.14
C UNK A 3 35.04 39.94 -8.28
N UNK A 4 35.94 39.27 -9.03
CA UNK A 4 35.58 38.37 -10.12
C UNK A 4 35.52 36.90 -9.64
N UNK A 5 35.50 36.71 -8.29
CA UNK A 5 35.45 35.45 -7.52
C UNK A 5 36.75 34.62 -7.58
N UNK A 6 37.90 35.27 -7.90
CA UNK A 6 39.21 34.62 -7.93
C UNK A 6 39.75 34.52 -6.49
N UNK A 7 39.58 33.35 -5.88
CA UNK A 7 39.92 33.08 -4.47
C UNK A 7 41.40 32.86 -4.18
N UNK A 8 41.78 33.06 -2.89
CA UNK A 8 43.10 32.88 -2.30
C UNK A 8 42.92 32.35 -0.85
N UNK A 9 42.70 31.01 -0.72
CA UNK A 9 42.42 30.22 0.50
C UNK A 9 43.00 30.75 1.82
N UNK A 10 42.17 30.78 2.89
CA UNK A 10 42.51 31.25 4.24
C UNK A 10 41.54 30.76 5.33
N UNK A 11 42.10 30.24 6.44
CA UNK A 11 41.34 29.74 7.60
C UNK A 11 41.94 30.35 8.89
N UNK A 12 43.07 29.79 9.39
CA UNK A 12 43.85 30.20 10.58
C UNK A 12 43.06 30.27 11.91
N UNK A 13 42.12 31.23 12.05
CA UNK A 13 41.32 31.45 13.27
C UNK A 13 40.09 30.52 13.41
N UNK A 14 39.12 30.90 14.29
CA UNK A 14 37.88 30.17 14.57
C UNK A 14 36.70 30.61 13.67
N UNK A 15 35.56 29.88 13.75
CA UNK A 15 34.35 30.14 12.95
C UNK A 15 33.07 30.08 13.79
N UNK A 16 31.91 30.41 13.17
CA UNK A 16 30.59 30.39 13.80
C UNK A 16 29.65 29.32 13.20
N UNK A 17 28.34 29.39 13.51
CA UNK A 17 27.31 28.43 13.05
C UNK A 17 26.90 28.58 11.58
N UNK A 18 25.96 27.69 11.11
CA UNK A 18 25.35 27.56 9.77
C UNK A 18 26.12 26.62 8.80
N UNK A 19 25.53 26.33 7.60
CA UNK A 19 26.09 25.46 6.56
C UNK A 19 25.78 25.98 5.13
N UNK A 20 26.23 25.23 4.09
CA UNK A 20 26.02 25.55 2.67
C UNK A 20 25.16 24.47 1.99
N UNK A 21 24.30 24.90 1.05
CA UNK A 21 23.35 24.04 0.31
C UNK A 21 24.01 22.94 -0.55
N UNK A 22 23.21 21.89 -0.90
CA UNK A 22 23.64 20.75 -1.73
C UNK A 22 23.13 20.87 -3.19
N UNK A 23 23.31 19.80 -4.00
CA UNK A 23 22.91 19.76 -5.42
C UNK A 23 21.39 19.76 -5.59
N UNK A 24 20.86 20.79 -6.28
CA UNK A 24 19.43 20.98 -6.55
C UNK A 24 19.19 21.85 -7.79
N UNK A 25 18.14 21.52 -8.57
CA UNK A 25 17.72 22.22 -9.79
C UNK A 25 16.35 22.91 -9.58
N UNK A 26 15.91 23.73 -10.56
CA UNK A 26 14.63 24.45 -10.51
C UNK A 26 13.67 24.10 -11.65
N UNK A 27 12.59 24.90 -11.85
CA UNK A 27 11.53 24.78 -12.86
C UNK A 27 10.74 23.45 -12.84
N UNK A 28 10.73 22.76 -11.68
CA UNK A 28 10.05 21.48 -11.46
C UNK A 28 8.53 21.65 -11.18
N UNK A 29 7.89 20.59 -10.66
CA UNK A 29 6.46 20.55 -10.32
C UNK A 29 6.21 20.38 -8.80
N UNK A 30 7.28 20.13 -8.02
CA UNK A 30 7.23 19.95 -6.57
C UNK A 30 7.33 21.29 -5.80
N UNK A 31 8.24 22.20 -6.24
CA UNK A 31 8.46 23.52 -5.65
C UNK A 31 8.57 24.61 -6.72
N SER A 96 23.05 21.08 3.26
CA SER A 96 22.46 19.85 2.74
C SER A 96 21.03 20.10 2.26
N GLU A 97 20.63 19.45 1.14
CA GLU A 97 19.31 19.65 0.54
C GLU A 97 18.54 18.34 0.18
N LEU A 98 17.45 18.49 -0.61
CA LEU A 98 16.54 17.44 -1.08
C LEU A 98 17.16 16.45 -2.06
N ARG A 99 16.50 15.29 -2.20
CA ARG A 99 16.86 14.19 -3.10
C ARG A 99 15.59 13.40 -3.48
N LEU A 100 14.46 14.14 -3.66
CA LEU A 100 13.14 13.59 -4.00
C LEU A 100 13.09 13.10 -5.45
N SER A 101 12.92 11.78 -5.61
CA SER A 101 12.83 11.10 -6.90
C SER A 101 11.38 10.66 -7.22
N GLU A 102 11.19 9.81 -8.26
CA GLU A 102 9.86 9.33 -8.65
C GLU A 102 9.43 8.16 -7.76
N GLY A 103 8.72 8.48 -6.69
CA GLY A 103 8.22 7.50 -5.73
C GLY A 103 8.67 7.68 -4.30
N LYS A 104 9.94 8.12 -4.10
CA LYS A 104 10.51 8.33 -2.77
C LYS A 104 11.04 9.75 -2.56
N PHE A 105 10.39 10.52 -1.67
CA PHE A 105 10.76 11.90 -1.35
C PHE A 105 11.65 11.94 -0.10
N GLN A 106 12.97 11.94 -0.32
CA GLN A 106 14.00 11.97 0.74
C GLN A 106 14.65 13.33 0.89
N ALA A 107 15.22 13.59 2.08
CA ALA A 107 15.90 14.84 2.41
C ALA A 107 17.11 14.59 3.30
N PHE A 108 17.96 15.61 3.48
CA PHE A 108 19.16 15.56 4.34
C PHE A 108 19.50 16.94 4.91
N LEU A 109 20.05 16.98 6.13
CA LEU A 109 20.44 18.20 6.83
C LEU A 109 21.66 18.02 7.75
N ASP A 110 22.48 19.08 7.90
CA ASP A 110 23.66 19.08 8.78
C ASP A 110 23.24 19.60 10.18
N VAL A 111 22.56 18.75 10.96
CA VAL A 111 22.07 19.08 12.31
C VAL A 111 23.10 18.67 13.40
N SER A 112 24.38 18.65 13.01
CA SER A 112 25.54 18.29 13.84
C SER A 112 25.71 19.20 15.04
N HIS A 113 25.42 20.50 14.88
CA HIS A 113 25.54 21.51 15.93
C HIS A 113 24.54 21.27 17.07
N PHE A 114 23.37 20.70 16.74
CA PHE A 114 22.28 20.47 17.68
C PHE A 114 22.20 19.05 18.24
N THR A 115 21.80 18.95 19.53
CA THR A 115 21.60 17.70 20.28
C THR A 115 20.27 17.04 19.82
N PRO A 116 20.09 15.69 19.90
CA PRO A 116 18.84 15.08 19.41
C PRO A 116 17.55 15.57 20.07
N ASP A 117 17.61 15.92 21.37
CA ASP A 117 16.46 16.44 22.14
C ASP A 117 16.10 17.86 21.70
N GLU A 118 17.09 18.64 21.23
CA GLU A 118 16.91 20.01 20.76
C GLU A 118 16.14 20.04 19.43
N VAL A 119 16.31 18.99 18.59
CA VAL A 119 15.66 18.87 17.28
C VAL A 119 14.19 18.42 17.42
N THR A 120 13.28 19.15 16.75
CA THR A 120 11.84 18.88 16.72
C THR A 120 11.30 18.99 15.29
N VAL A 121 10.69 17.91 14.78
CA VAL A 121 10.15 17.82 13.42
C VAL A 121 8.64 17.57 13.47
N ARG A 122 7.87 18.35 12.69
CA ARG A 122 6.41 18.24 12.59
C ARG A 122 5.95 18.55 11.17
N THR A 123 4.89 17.86 10.70
CA THR A 123 4.35 18.09 9.36
C THR A 123 3.06 18.91 9.43
N VAL A 124 3.20 20.23 9.58
CA VAL A 124 2.07 21.18 9.63
C VAL A 124 1.51 21.23 8.22
N ASP A 125 0.42 20.47 7.99
CA ASP A 125 -0.27 20.26 6.72
C ASP A 125 0.63 19.47 5.75
N ASN A 126 1.21 20.12 4.73
CA ASN A 126 2.09 19.48 3.74
C ASN A 126 3.57 19.87 3.87
N LEU A 127 3.90 20.71 4.87
CA LEU A 127 5.27 21.20 5.08
C LEU A 127 5.95 20.51 6.27
N LEU A 128 7.04 19.78 6.01
CA LEU A 128 7.81 19.10 7.05
C LEU A 128 8.76 20.09 7.71
N GLU A 129 8.28 20.78 8.76
CA GLU A 129 9.05 21.78 9.50
C GLU A 129 10.06 21.12 10.42
N VAL A 130 11.35 21.48 10.27
CA VAL A 130 12.44 20.94 11.08
C VAL A 130 12.97 22.08 11.93
N SER A 131 12.45 22.20 13.16
CA SER A 131 12.85 23.24 14.10
C SER A 131 14.01 22.77 14.96
N ALA A 132 14.87 23.71 15.37
CA ALA A 132 16.05 23.41 16.18
C ALA A 132 16.09 24.21 17.49
N ARG A 133 16.94 25.27 17.57
CA ARG A 133 17.16 26.16 18.72
C ARG A 133 17.87 25.46 19.89
N HIS A 134 19.12 25.91 20.17
CA HIS A 134 19.97 25.41 21.24
C HIS A 134 20.57 26.58 22.03
N PRO A 135 20.43 26.60 23.38
CA PRO A 135 21.00 27.73 24.15
C PRO A 135 22.53 27.73 24.23
N GLN A 136 23.11 28.80 24.85
CA GLN A 136 24.54 29.02 25.01
C GLN A 136 25.29 27.82 25.60
N ARG A 137 26.43 27.48 24.98
CA ARG A 137 27.29 26.36 25.38
C ARG A 137 28.76 26.82 25.52
N LEU A 138 29.72 25.88 25.44
CA LEU A 138 31.15 26.18 25.56
C LEU A 138 31.81 26.39 24.19
N ASP A 139 31.46 25.55 23.20
CA ASP A 139 31.96 25.56 21.80
C ASP A 139 33.50 25.54 21.76
N ARG A 140 34.15 26.71 21.55
CA ARG A 140 35.60 26.88 21.51
C ARG A 140 36.02 28.35 21.70
N HIS A 141 35.28 29.29 21.09
CA HIS A 141 35.55 30.73 21.19
C HIS A 141 34.87 31.37 22.39
N GLY A 142 33.65 30.93 22.69
CA GLY A 142 32.85 31.43 23.81
C GLY A 142 31.45 30.86 23.85
N PHE A 143 30.54 31.57 24.54
CA PHE A 143 29.14 31.17 24.67
C PHE A 143 28.40 31.47 23.37
N VAL A 144 28.03 30.41 22.61
CA VAL A 144 27.36 30.53 21.32
C VAL A 144 25.96 29.88 21.37
N SER A 145 24.92 30.60 20.90
CA SER A 145 23.55 30.13 20.84
C SER A 145 23.04 30.17 19.40
N ARG A 146 22.47 29.05 18.92
CA ARG A 146 21.95 28.92 17.55
C ARG A 146 20.46 28.53 17.50
N GLU A 147 19.81 28.73 16.32
CA GLU A 147 18.39 28.44 16.04
C GLU A 147 18.13 28.40 14.54
N PHE A 148 17.33 27.41 14.08
CA PHE A 148 16.98 27.21 12.67
C PHE A 148 15.65 26.46 12.50
N CYS A 149 14.77 26.97 11.63
CA CYS A 149 13.46 26.37 11.36
C CYS A 149 13.26 26.12 9.85
N ARG A 150 14.03 25.15 9.32
CA ARG A 150 14.01 24.77 7.90
C ARG A 150 12.78 23.92 7.56
N THR A 151 11.96 24.41 6.63
CA THR A 151 10.74 23.75 6.16
C THR A 151 10.92 23.28 4.73
N TYR A 152 10.38 22.09 4.41
CA TYR A 152 10.45 21.50 3.07
C TYR A 152 9.07 21.41 2.44
N VAL A 153 8.98 21.67 1.13
CA VAL A 153 7.71 21.63 0.40
C VAL A 153 7.59 20.29 -0.33
N LEU A 154 6.71 19.41 0.19
CA LEU A 154 6.45 18.09 -0.38
C LEU A 154 5.35 18.17 -1.44
N PRO A 155 5.43 17.39 -2.56
CA PRO A 155 4.38 17.47 -3.58
C PRO A 155 3.04 16.88 -3.13
N ALA A 156 1.97 17.15 -3.89
CA ALA A 156 0.62 16.65 -3.61
C ALA A 156 0.54 15.11 -3.64
N ASP A 157 1.47 14.45 -4.36
CA ASP A 157 1.56 12.99 -4.45
C ASP A 157 1.97 12.36 -3.13
N VAL A 158 2.93 12.98 -2.43
CA VAL A 158 3.46 12.51 -1.15
C VAL A 158 2.46 12.72 -0.01
N ASP A 159 2.34 11.70 0.86
CA ASP A 159 1.47 11.72 2.04
C ASP A 159 2.01 12.70 3.08
N PRO A 160 1.17 13.62 3.61
CA PRO A 160 1.64 14.56 4.65
C PRO A 160 2.10 13.83 5.91
N TRP A 161 1.41 12.72 6.26
CA TRP A 161 1.75 11.84 7.38
C TRP A 161 2.66 10.75 6.81
N ARG A 162 3.06 9.76 7.64
CA ARG A 162 3.94 8.64 7.25
C ARG A 162 5.32 9.13 6.78
N VAL A 163 5.90 10.06 7.55
CA VAL A 163 7.21 10.66 7.28
C VAL A 163 8.20 10.13 8.33
N ARG A 164 9.28 9.50 7.85
CA ARG A 164 10.35 8.93 8.69
C ARG A 164 11.54 9.89 8.71
N ALA A 165 12.30 9.88 9.81
CA ALA A 165 13.48 10.72 10.01
C ALA A 165 14.49 10.00 10.87
N ALA A 166 15.77 10.06 10.47
CA ALA A 166 16.85 9.39 11.19
C ALA A 166 18.06 10.29 11.43
N LEU A 167 18.42 10.50 12.72
CA LEU A 167 19.58 11.30 13.11
C LEU A 167 20.79 10.38 13.24
N SER A 168 21.86 10.68 12.50
CA SER A 168 23.08 9.88 12.53
C SER A 168 23.98 10.28 13.71
N HIS A 169 25.03 9.48 13.98
CA HIS A 169 26.02 9.73 15.04
C HIS A 169 26.85 10.97 14.67
N ASP A 170 27.08 11.17 13.35
CA ASP A 170 27.80 12.30 12.76
C ASP A 170 27.01 13.59 13.02
N GLY A 171 25.68 13.47 13.05
CA GLY A 171 24.77 14.57 13.28
C GLY A 171 24.07 15.02 12.01
N ILE A 172 23.38 14.07 11.34
CA ILE A 172 22.68 14.36 10.10
C ILE A 172 21.31 13.72 10.07
N LEU A 173 20.25 14.55 9.95
CA LEU A 173 18.87 14.09 9.87
C LEU A 173 18.58 13.70 8.42
N ASN A 174 18.23 12.43 8.19
CA ASN A 174 17.93 11.92 6.85
C ASN A 174 16.45 11.57 6.73
N LEU A 175 15.64 12.60 6.43
CA LEU A 175 14.18 12.53 6.28
C LEU A 175 13.79 11.69 5.07
N GLU A 176 12.62 11.04 5.13
CA GLU A 176 12.08 10.20 4.08
C GLU A 176 10.55 10.10 4.19
N ALA A 177 9.85 10.02 3.04
CA ALA A 177 8.40 9.88 2.93
C ALA A 177 8.04 9.39 1.52
N PRO A 178 7.19 8.34 1.38
CA PRO A 178 6.89 7.84 0.03
C PRO A 178 5.74 8.55 -0.67
N ARG A 179 5.83 8.63 -2.02
CA ARG A 179 4.84 9.26 -2.89
C ARG A 179 3.72 8.28 -3.21
N GLY A 180 2.47 8.77 -3.17
CA GLY A 180 1.28 7.98 -3.44
C GLY A 180 0.20 8.20 -2.40
N GLY A 181 -0.49 9.34 -2.51
CA GLY A 181 -1.56 9.73 -1.59
C GLY A 181 -2.70 10.46 -2.26
N ARG A 182 -2.40 11.24 -3.32
CA ARG A 182 -3.39 12.02 -4.09
C ARG A 182 -3.09 11.99 -5.59
N HIS A 183 -4.12 12.28 -6.42
CA HIS A 183 -4.05 12.30 -7.88
C HIS A 183 -3.08 13.34 -8.45
N LEU A 184 -2.96 14.52 -7.77
CA LEU A 184 -2.09 15.65 -8.12
C LEU A 184 -2.30 16.15 -9.56
N ASP A 185 -3.30 17.04 -9.73
CA ASP A 185 -3.67 17.64 -11.02
C ASP A 185 -3.56 19.15 -10.98
N THR A 186 -3.26 19.76 -12.15
CA THR A 186 -3.10 21.21 -12.39
C THR A 186 -2.07 21.85 -11.43
N VAL A 188 -3.91 23.43 -15.69
CA VAL A 188 -2.92 24.49 -15.59
C VAL A 188 -3.57 25.86 -15.35
N ASN A 189 -4.59 26.21 -16.17
CA ASN A 189 -5.38 27.46 -16.15
C ASN A 189 -4.56 28.70 -16.60
N GLU A 190 -5.19 29.58 -17.41
CA GLU A 190 -4.61 30.83 -17.93
C GLU A 190 -5.68 31.94 -17.95
N VAL A 191 -5.40 33.05 -17.25
CA VAL A 191 -6.30 34.20 -17.13
C VAL A 191 -6.07 35.23 -18.27
N TYR A 192 -7.12 36.02 -18.60
CA TYR A 192 -7.09 37.06 -19.63
C TYR A 192 -6.95 38.45 -19.02
N ILE A 193 -6.24 39.35 -19.72
CA ILE A 193 -5.99 40.74 -19.28
C ILE A 193 -7.22 41.61 -19.52
N SER A 194 -7.54 42.49 -18.54
CA SER A 194 -8.69 43.41 -18.58
C SER A 194 -8.43 44.67 -19.41
N LEU A 195 -7.21 45.24 -19.33
CA LEU A 195 -6.75 46.45 -20.04
C LEU A 195 -7.61 47.68 -19.74
N UNK B 1 32.25 54.37 -11.02
CA UNK B 1 32.58 53.70 -9.76
C UNK B 1 32.86 52.22 -9.98
N UNK B 2 34.15 51.86 -10.12
CA UNK B 2 34.60 50.49 -10.37
C UNK B 2 35.08 49.81 -9.08
N UNK B 3 36.20 50.30 -8.52
CA UNK B 3 36.80 49.77 -7.30
C UNK B 3 35.94 50.07 -6.08
N UNK B 4 36.04 49.22 -5.04
CA UNK B 4 35.27 49.40 -3.82
C UNK B 4 36.08 49.29 -2.50
N UNK B 5 37.07 50.18 -2.18
CA UNK B 5 37.71 51.32 -2.88
C UNK B 5 36.75 52.34 -3.55
N UNK B 6 37.26 53.12 -4.55
CA UNK B 6 36.56 54.14 -5.33
C UNK B 6 37.33 54.44 -6.62
N UNK B 7 36.66 54.33 -7.78
CA UNK B 7 37.28 54.57 -9.09
C UNK B 7 36.58 55.69 -9.89
N UNK B 8 37.22 56.14 -10.99
CA UNK B 8 36.72 57.21 -11.86
C UNK B 8 35.91 56.72 -13.05
N UNK B 9 34.78 57.41 -13.33
CA UNK B 9 33.83 57.13 -14.42
C UNK B 9 32.98 58.39 -14.75
N UNK B 10 32.12 58.31 -15.78
CA UNK B 10 31.25 59.41 -16.20
C UNK B 10 29.84 58.92 -16.53
N UNK B 11 28.82 59.60 -15.98
CA UNK B 11 27.40 59.27 -16.20
C UNK B 11 26.85 59.96 -17.45
N UNK B 12 26.24 59.15 -18.35
CA UNK B 12 25.67 59.62 -19.61
C UNK B 12 24.40 58.83 -20.00
N UNK B 13 23.65 59.34 -21.00
CA UNK B 13 22.40 58.81 -21.58
C UNK B 13 21.21 58.80 -20.61
N UNK B 14 20.99 48.54 -22.53
CA UNK B 14 20.30 48.45 -21.25
C UNK B 14 19.31 47.30 -21.22
N UNK B 15 19.19 46.63 -20.06
CA UNK B 15 18.29 45.50 -19.84
C UNK B 15 17.16 45.89 -18.89
N UNK B 16 15.90 45.87 -19.40
CA UNK B 16 14.68 46.24 -18.69
C UNK B 16 14.49 45.44 -17.40
N UNK B 17 14.33 46.17 -16.27
CA UNK B 17 14.16 45.60 -14.93
C UNK B 17 13.41 46.55 -13.99
N UNK B 18 13.16 46.10 -12.73
CA UNK B 18 12.49 46.85 -11.67
C UNK B 18 12.89 46.35 -10.28
N UNK B 19 12.94 47.26 -9.28
CA UNK B 19 13.30 46.95 -7.89
C UNK B 19 12.03 46.60 -7.08
N UNK B 20 12.07 45.45 -6.38
CA UNK B 20 10.97 44.91 -5.58
C UNK B 20 10.59 45.77 -4.35
N UNK B 21 9.42 45.48 -3.76
CA UNK B 21 8.89 46.18 -2.58
C UNK B 21 8.58 45.19 -1.44
N GLU B 87 7.04 42.79 -8.11
CA GLU B 87 7.74 44.05 -7.81
C GLU B 87 7.08 44.85 -6.68
N LEU B 88 5.84 44.48 -6.27
CA LEU B 88 5.11 45.16 -5.21
C LEU B 88 4.77 44.22 -4.04
N ARG B 89 3.80 43.28 -4.25
CA ARG B 89 3.30 42.26 -3.31
C ARG B 89 2.65 42.84 -2.03
N LEU B 90 1.36 42.52 -1.82
CA LEU B 90 0.58 42.94 -0.65
C LEU B 90 -0.17 41.76 -0.01
N SER B 91 -0.40 41.83 1.31
CA SER B 91 -1.07 40.75 2.06
C SER B 91 -2.30 41.22 2.89
N GLU B 92 -3.04 40.22 3.45
CA GLU B 92 -4.25 40.32 4.29
C GLU B 92 -5.47 40.85 3.53
N GLY B 93 -6.53 40.05 3.53
CA GLY B 93 -7.78 40.36 2.85
C GLY B 93 -7.74 39.98 1.38
N LYS B 94 -6.91 40.70 0.60
CA LYS B 94 -6.72 40.47 -0.82
C LYS B 94 -5.25 40.68 -1.23
N PHE B 95 -4.67 39.67 -1.91
CA PHE B 95 -3.30 39.69 -2.41
C PHE B 95 -3.25 40.44 -3.74
N GLN B 96 -2.22 41.31 -3.93
CA GLN B 96 -2.01 42.08 -5.15
C GLN B 96 -0.52 42.37 -5.41
N ALA B 97 -0.11 42.32 -6.69
CA ALA B 97 1.29 42.58 -7.09
C ALA B 97 1.34 43.34 -8.43
N PHE B 98 2.06 44.49 -8.45
CA PHE B 98 2.21 45.32 -9.64
C PHE B 98 3.57 45.16 -10.32
N LEU B 99 3.57 44.84 -11.62
CA LEU B 99 4.76 44.64 -12.44
C LEU B 99 4.93 45.73 -13.49
N ASP B 100 6.18 45.91 -13.98
CA ASP B 100 6.49 46.87 -15.03
C ASP B 100 6.88 46.11 -16.30
N VAL B 101 5.89 45.85 -17.16
CA VAL B 101 6.05 45.12 -18.42
C VAL B 101 5.91 46.09 -19.64
N SER B 102 6.01 47.41 -19.37
CA SER B 102 5.91 48.51 -20.35
C SER B 102 6.78 48.33 -21.59
N HIS B 103 7.99 47.76 -21.43
CA HIS B 103 8.94 47.49 -22.52
C HIS B 103 8.43 46.43 -23.50
N PHE B 104 7.51 45.56 -23.05
CA PHE B 104 6.90 44.49 -23.86
C PHE B 104 5.59 44.95 -24.53
N THR B 105 4.98 44.04 -25.32
CA THR B 105 3.73 44.26 -26.03
C THR B 105 2.57 43.55 -25.32
N PRO B 106 1.33 44.13 -25.32
CA PRO B 106 0.22 43.44 -24.62
C PRO B 106 -0.30 42.20 -25.35
N ASP B 107 0.04 42.05 -26.64
CA ASP B 107 -0.36 40.92 -27.48
C ASP B 107 0.37 39.62 -27.09
N GLU B 108 1.59 39.72 -26.50
CA GLU B 108 2.38 38.57 -26.10
C GLU B 108 2.90 38.66 -24.65
N VAL B 109 2.02 38.37 -23.67
CA VAL B 109 2.28 38.37 -22.23
C VAL B 109 1.46 37.27 -21.54
N THR B 110 1.93 36.01 -21.68
CA THR B 110 1.26 34.83 -21.12
C THR B 110 1.31 34.77 -19.60
N VAL B 111 0.16 34.51 -18.97
CA VAL B 111 -0.02 34.40 -17.52
C VAL B 111 -0.66 33.04 -17.19
N ARG B 112 0.03 32.24 -16.36
CA ARG B 112 -0.41 30.90 -15.96
C ARG B 112 -0.58 30.80 -14.44
N THR B 113 -1.46 29.89 -13.98
CA THR B 113 -1.72 29.65 -12.56
C THR B 113 -1.57 28.16 -12.22
N VAL B 114 -0.43 27.55 -12.65
CA VAL B 114 -0.10 26.14 -12.43
C VAL B 114 -0.05 25.84 -10.92
N ASP B 115 -0.91 24.90 -10.48
CA ASP B 115 -1.10 24.47 -9.09
C ASP B 115 -1.46 25.66 -8.17
N ASN B 116 -0.44 26.37 -7.65
CA ASN B 116 -0.62 27.53 -6.77
C ASN B 116 0.51 28.56 -7.03
N LEU B 117 0.96 28.65 -8.30
CA LEU B 117 2.02 29.55 -8.73
C LEU B 117 1.59 30.44 -9.88
N LEU B 118 1.76 31.77 -9.72
CA LEU B 118 1.39 32.77 -10.73
C LEU B 118 2.61 33.08 -11.61
N GLU B 119 2.78 32.30 -12.69
CA GLU B 119 3.89 32.45 -13.64
C GLU B 119 3.52 33.39 -14.77
N VAL B 120 4.34 34.44 -14.98
CA VAL B 120 4.12 35.42 -16.06
C VAL B 120 5.31 35.42 -17.03
N SER B 121 5.07 34.94 -18.27
CA SER B 121 6.07 34.90 -19.34
C SER B 121 5.71 35.96 -20.39
N ALA B 122 6.73 36.58 -21.01
CA ALA B 122 6.49 37.63 -21.98
C ALA B 122 7.10 37.36 -23.37
N ARG B 123 8.44 37.51 -23.53
CA ARG B 123 9.22 37.33 -24.77
C ARG B 123 8.95 38.44 -25.81
N HIS B 124 10.02 38.93 -26.46
CA HIS B 124 9.95 40.00 -27.45
C HIS B 124 10.96 39.77 -28.60
N PRO B 125 10.54 39.96 -29.88
CA PRO B 125 11.51 39.79 -30.99
C PRO B 125 12.43 41.02 -31.14
N GLN B 126 13.20 41.09 -32.25
CA GLN B 126 14.11 42.21 -32.51
C GLN B 126 13.36 43.54 -32.72
N ARG B 127 13.55 44.49 -31.79
CA ARG B 127 12.91 45.81 -31.79
C ARG B 127 13.90 46.94 -32.08
N LEU B 128 13.36 48.12 -32.48
CA LEU B 128 14.14 49.31 -32.81
C LEU B 128 14.77 49.98 -31.59
N ASP B 129 13.99 50.18 -30.51
CA ASP B 129 14.37 50.82 -29.24
C ASP B 129 14.89 52.25 -29.47
N ARG B 130 16.20 52.50 -29.30
CA ARG B 130 16.89 53.79 -29.51
C ARG B 130 18.39 53.60 -29.67
N HIS B 131 18.98 52.67 -28.90
CA HIS B 131 20.41 52.34 -28.95
C HIS B 131 20.73 51.40 -30.11
N GLY B 132 19.86 50.41 -30.33
CA GLY B 132 20.01 49.43 -31.40
C GLY B 132 19.04 48.27 -31.31
N PHE B 133 19.32 47.20 -32.06
CA PHE B 133 18.50 45.98 -32.11
C PHE B 133 18.66 45.18 -30.82
N VAL B 134 17.61 45.19 -29.98
CA VAL B 134 17.60 44.51 -28.68
C VAL B 134 16.50 43.43 -28.65
N SER B 135 16.89 42.18 -28.33
CA SER B 135 16.00 41.02 -28.20
C SER B 135 15.87 40.66 -26.71
N ARG B 136 14.63 40.41 -26.25
CA ARG B 136 14.37 40.07 -24.84
C ARG B 136 13.44 38.87 -24.63
N GLU B 137 13.49 38.28 -23.43
CA GLU B 137 12.71 37.11 -22.98
C GLU B 137 12.73 37.10 -21.45
N PHE B 138 11.55 37.16 -20.79
CA PHE B 138 11.47 37.16 -19.33
C PHE B 138 10.31 36.31 -18.81
N CYS B 139 10.54 35.59 -17.70
CA CYS B 139 9.56 34.71 -17.06
C CYS B 139 9.69 34.74 -15.54
N ARG B 140 8.78 35.45 -14.85
CA ARG B 140 8.80 35.58 -13.40
C ARG B 140 7.58 34.92 -12.74
N THR B 141 7.81 33.89 -11.88
CA THR B 141 6.74 33.20 -11.17
C THR B 141 6.50 33.80 -9.78
N TYR B 142 5.27 33.70 -9.30
CA TYR B 142 4.86 34.25 -8.01
C TYR B 142 4.27 33.18 -7.11
N VAL B 143 4.75 33.12 -5.86
CA VAL B 143 4.29 32.16 -4.85
C VAL B 143 3.03 32.69 -4.16
N LEU B 144 1.87 32.08 -4.49
CA LEU B 144 0.57 32.46 -3.93
C LEU B 144 0.37 31.89 -2.52
N PRO B 145 -0.24 32.66 -1.58
CA PRO B 145 -0.45 32.13 -0.23
C PRO B 145 -1.46 30.97 -0.15
N ALA B 146 -1.51 30.30 1.02
CA ALA B 146 -2.37 29.14 1.29
C ALA B 146 -3.87 29.45 1.20
N ASP B 147 -4.32 30.56 1.80
CA ASP B 147 -5.73 30.97 1.78
C ASP B 147 -6.25 31.32 0.39
N VAL B 148 -5.34 31.77 -0.50
CA VAL B 148 -5.64 32.15 -1.88
C VAL B 148 -5.94 30.91 -2.74
N ASP B 149 -7.13 30.91 -3.38
CA ASP B 149 -7.59 29.86 -4.28
C ASP B 149 -6.82 29.99 -5.62
N PRO B 150 -6.49 28.89 -6.34
CA PRO B 150 -5.75 29.04 -7.62
C PRO B 150 -6.41 29.95 -8.66
N TRP B 151 -7.76 30.00 -8.65
CA TRP B 151 -8.57 30.85 -9.52
C TRP B 151 -8.76 32.22 -8.84
N ARG B 152 -9.88 32.93 -9.12
CA ARG B 152 -10.27 34.25 -8.58
C ARG B 152 -9.25 35.39 -8.84
N VAL B 153 -8.10 35.06 -9.48
CA VAL B 153 -7.04 36.00 -9.81
C VAL B 153 -7.44 36.84 -11.03
N ARG B 154 -7.38 38.17 -10.88
CA ARG B 154 -7.74 39.12 -11.93
C ARG B 154 -6.51 39.79 -12.51
N ALA B 155 -6.38 39.77 -13.85
CA ALA B 155 -5.26 40.38 -14.57
C ALA B 155 -5.73 41.65 -15.28
N ALA B 156 -5.03 42.77 -15.04
CA ALA B 156 -5.35 44.07 -15.64
C ALA B 156 -4.10 44.86 -15.97
N LEU B 157 -4.13 45.59 -17.10
CA LEU B 157 -3.01 46.41 -17.57
C LEU B 157 -3.35 47.90 -17.59
N SER B 158 -2.41 48.74 -17.14
CA SER B 158 -2.55 50.20 -17.12
C SER B 158 -2.12 50.77 -18.47
N HIS B 159 -2.64 51.97 -18.83
CA HIS B 159 -2.33 52.68 -20.08
C HIS B 159 -0.85 53.11 -20.15
N ASP B 160 -0.19 53.22 -18.98
CA ASP B 160 1.24 53.56 -18.86
C ASP B 160 2.09 52.34 -19.23
N GLY B 161 1.58 51.15 -18.89
CA GLY B 161 2.23 49.86 -19.15
C GLY B 161 2.55 49.11 -17.88
N ILE B 162 1.65 49.16 -16.89
CA ILE B 162 1.82 48.51 -15.58
C ILE B 162 0.75 47.41 -15.39
N LEU B 163 1.21 46.16 -15.17
CA LEU B 163 0.33 45.01 -14.94
C LEU B 163 0.03 44.86 -13.46
N ASN B 164 -1.25 44.66 -13.11
CA ASN B 164 -1.69 44.47 -11.73
C ASN B 164 -2.48 43.16 -11.59
N LEU B 165 -1.86 42.16 -10.94
CA LEU B 165 -2.47 40.84 -10.70
C LEU B 165 -2.92 40.75 -9.24
N GLU B 166 -4.23 40.54 -9.03
CA GLU B 166 -4.83 40.47 -7.70
C GLU B 166 -5.76 39.28 -7.47
N ALA B 167 -5.63 38.62 -6.32
CA ALA B 167 -6.45 37.48 -5.92
C ALA B 167 -6.84 37.59 -4.44
N PRO B 168 -8.12 37.35 -4.07
CA PRO B 168 -8.51 37.50 -2.65
C PRO B 168 -8.20 36.29 -1.77
N ARG B 169 -8.14 36.52 -0.44
CA ARG B 169 -7.87 35.49 0.57
C ARG B 169 -9.17 34.93 1.14
N GLY B 170 -9.22 33.59 1.25
CA GLY B 170 -10.39 32.88 1.78
C GLY B 170 -11.13 32.07 0.74
N GLY B 171 -11.07 30.74 0.81
CA GLY B 171 -10.34 29.98 1.82
C GLY B 171 -10.03 28.57 1.38
N ARG B 172 -8.84 28.39 0.76
CA ARG B 172 -8.38 27.09 0.28
C ARG B 172 -7.54 26.33 1.34
N HIS B 173 -7.65 26.73 2.63
CA HIS B 173 -6.96 26.13 3.77
C HIS B 173 -7.34 24.67 3.99
N LEU B 174 -8.64 24.34 3.80
CA LEU B 174 -9.26 23.02 3.93
C LEU B 174 -9.00 22.35 5.29
N ASP B 175 -7.81 21.73 5.48
CA ASP B 175 -7.41 21.05 6.71
C ASP B 175 -6.28 21.81 7.41
N THR B 176 -6.26 21.74 8.76
CA THR B 176 -5.25 22.39 9.62
C THR B 176 -5.05 21.56 10.90
N GLU B 177 -3.77 21.24 11.21
CA GLU B 177 -3.31 20.47 12.38
C GLU B 177 -4.02 19.09 12.55
N VAL B 178 -3.57 17.94 11.94
CA VAL B 178 -2.45 17.53 11.05
C VAL B 178 -1.09 18.21 11.42
N ASN B 179 -0.27 17.48 12.21
CA ASN B 179 1.06 17.86 12.68
C ASN B 179 1.95 16.60 12.78
N GLU B 180 1.84 15.84 13.90
CA GLU B 180 2.52 14.60 14.30
C GLU B 180 4.02 14.51 13.86
N VAL B 181 4.53 13.29 13.56
CA VAL B 181 5.90 12.95 13.11
C VAL B 181 6.91 12.97 14.29
N TYR B 182 7.80 11.96 14.33
CA TYR B 182 8.83 11.82 15.36
C TYR B 182 10.18 11.39 14.78
N ILE B 183 11.28 11.69 15.51
CA ILE B 183 12.65 11.37 15.14
C ILE B 183 13.17 10.15 15.90
N SER B 184 13.91 9.26 15.20
CA SER B 184 14.50 8.05 15.79
C SER B 184 16.02 8.03 15.69
N LEU B 185 16.71 7.80 16.82
CA LEU B 185 18.16 7.75 16.92
C LEU B 185 18.76 6.55 16.19
N LEU B 186 19.98 6.71 15.65
CA LEU B 186 20.70 5.68 14.92
C LEU B 186 22.01 5.29 15.63
N SER C 70 34.15 61.40 -26.99
CA SER C 70 33.32 60.50 -27.78
C SER C 70 33.96 60.15 -29.14
N GLU C 71 34.60 61.16 -29.79
CA GLU C 71 35.25 61.01 -31.09
C GLU C 71 36.49 60.11 -31.00
N GLY C 72 36.68 59.29 -32.04
CA GLY C 72 37.80 58.37 -32.13
C GLY C 72 37.41 56.93 -31.83
N LYS C 73 36.79 56.71 -30.64
CA LYS C 73 36.35 55.39 -30.20
C LYS C 73 34.84 55.33 -29.94
N PHE C 74 34.14 54.47 -30.69
CA PHE C 74 32.70 54.27 -30.60
C PHE C 74 32.39 53.24 -29.51
N GLN C 75 31.85 53.72 -28.38
CA GLN C 75 31.50 52.91 -27.22
C GLN C 75 30.00 52.87 -26.98
N ALA C 76 29.49 51.71 -26.56
CA ALA C 76 28.07 51.51 -26.24
C ALA C 76 27.93 51.11 -24.77
N PHE C 77 27.01 51.77 -24.04
CA PHE C 77 26.76 51.51 -22.62
C PHE C 77 25.46 50.76 -22.38
N LEU C 78 25.56 49.52 -21.84
CA LEU C 78 24.43 48.65 -21.52
C LEU C 78 24.51 48.18 -20.07
N ASP C 79 23.45 48.47 -19.28
CA ASP C 79 23.35 48.11 -17.87
C ASP C 79 23.10 46.62 -17.67
N VAL C 80 24.17 45.84 -17.47
CA VAL C 80 24.08 44.40 -17.25
C VAL C 80 23.83 44.04 -15.77
N SER C 81 23.44 45.04 -14.94
CA SER C 81 23.14 44.91 -13.50
C SER C 81 22.16 43.80 -13.19
N HIS C 82 21.19 43.56 -14.09
CA HIS C 82 20.18 42.51 -13.98
C HIS C 82 20.80 41.12 -14.03
N PHE C 83 21.89 40.95 -14.80
CA PHE C 83 22.59 39.67 -14.96
C PHE C 83 23.84 39.57 -14.08
N THR C 84 24.37 38.33 -13.93
CA THR C 84 25.57 38.01 -13.17
C THR C 84 26.83 38.16 -14.03
N PRO C 85 28.02 38.48 -13.46
CA PRO C 85 29.22 38.60 -14.30
C PRO C 85 29.70 37.26 -14.88
N ASP C 86 29.30 36.14 -14.23
CA ASP C 86 29.63 34.78 -14.64
C ASP C 86 28.92 34.39 -15.94
N GLU C 87 27.61 34.71 -16.05
CA GLU C 87 26.78 34.41 -17.22
C GLU C 87 26.74 35.59 -18.20
N VAL C 88 27.93 35.97 -18.71
CA VAL C 88 28.07 37.07 -19.65
C VAL C 88 28.74 36.60 -20.94
N THR C 89 28.10 36.87 -22.08
CA THR C 89 28.61 36.50 -23.40
C THR C 89 28.54 37.69 -24.37
N VAL C 90 29.50 37.78 -25.30
CA VAL C 90 29.55 38.87 -26.28
C VAL C 90 29.61 38.33 -27.71
N ARG C 91 30.81 37.93 -28.17
CA ARG C 91 31.11 37.40 -29.51
C ARG C 91 31.00 38.46 -30.60
N THR C 92 32.09 38.66 -31.36
CA THR C 92 32.15 39.64 -32.44
C THR C 92 31.34 39.16 -33.65
N VAL C 93 31.92 38.31 -34.53
CA VAL C 93 31.33 37.73 -35.74
C VAL C 93 30.99 38.83 -36.78
N ASP C 94 31.80 38.89 -37.85
CA ASP C 94 31.70 39.86 -38.96
C ASP C 94 31.85 41.32 -38.47
N ASN C 95 31.12 42.27 -39.08
CA ASN C 95 31.17 43.69 -38.72
C ASN C 95 30.37 44.02 -37.46
N LEU C 96 29.20 43.36 -37.26
CA LEU C 96 28.32 43.56 -36.12
C LEU C 96 28.87 42.95 -34.83
N LEU C 97 28.52 43.53 -33.67
CA LEU C 97 28.97 43.06 -32.35
C LEU C 97 27.77 42.71 -31.46
N GLU C 98 27.63 41.41 -31.14
CA GLU C 98 26.54 40.87 -30.31
C GLU C 98 26.87 40.86 -28.81
N VAL C 99 25.84 40.61 -27.97
CA VAL C 99 25.94 40.52 -26.51
C VAL C 99 24.80 39.64 -25.97
N SER C 100 25.14 38.41 -25.52
CA SER C 100 24.17 37.44 -24.98
C SER C 100 24.28 37.28 -23.47
N ALA C 101 23.15 37.01 -22.79
CA ALA C 101 23.13 36.85 -21.35
C ALA C 101 22.55 35.51 -20.88
N ARG C 102 21.21 35.35 -20.92
CA ARG C 102 20.43 34.17 -20.54
C ARG C 102 20.73 33.67 -19.11
N HIS C 103 19.94 34.13 -18.13
CA HIS C 103 20.04 33.73 -16.73
C HIS C 103 19.26 32.42 -16.47
N PRO C 104 19.69 31.68 -15.43
CA PRO C 104 18.75 30.78 -14.74
C PRO C 104 17.77 31.51 -13.81
N GLN C 105 16.86 30.75 -13.18
CA GLN C 105 15.84 31.27 -12.27
C GLN C 105 16.44 31.81 -10.96
N ARG C 106 16.48 33.14 -10.84
CA ARG C 106 16.98 33.87 -9.67
C ARG C 106 16.01 33.71 -8.51
N LEU C 107 16.53 33.66 -7.27
CA LEU C 107 15.74 33.49 -6.05
C LEU C 107 14.74 34.64 -5.84
N ASP C 108 15.24 35.90 -5.79
CA ASP C 108 14.48 37.16 -5.62
C ASP C 108 13.62 37.22 -4.34
N ARG C 109 12.87 38.33 -4.15
CA ARG C 109 12.03 38.54 -2.98
C ARG C 109 10.58 38.10 -3.16
N HIS C 110 9.96 38.42 -4.31
CA HIS C 110 8.57 38.08 -4.61
C HIS C 110 8.37 36.63 -5.09
N GLY C 111 9.34 36.12 -5.85
CA GLY C 111 9.31 34.77 -6.41
C GLY C 111 10.42 34.55 -7.41
N PHE C 112 10.59 33.29 -7.86
CA PHE C 112 11.62 32.90 -8.83
C PHE C 112 11.45 33.65 -10.16
N VAL C 113 12.55 34.17 -10.72
CA VAL C 113 12.51 34.93 -11.98
C VAL C 113 13.62 34.56 -12.94
N SER C 114 13.26 34.27 -14.20
CA SER C 114 14.18 33.93 -15.29
C SER C 114 14.19 35.08 -16.30
N ARG C 115 15.38 35.46 -16.78
CA ARG C 115 15.54 36.56 -17.74
C ARG C 115 16.65 36.27 -18.76
N GLU C 116 16.37 36.51 -20.05
CA GLU C 116 17.29 36.30 -21.16
C GLU C 116 17.20 37.46 -22.15
N PHE C 117 18.32 38.14 -22.44
CA PHE C 117 18.36 39.27 -23.36
C PHE C 117 19.59 39.27 -24.26
N CYS C 118 19.38 39.46 -25.58
CA CYS C 118 20.45 39.50 -26.60
C CYS C 118 20.37 40.77 -27.45
N ARG C 119 21.22 41.76 -27.12
CA ARG C 119 21.29 43.05 -27.82
C ARG C 119 22.46 43.10 -28.79
N THR C 120 22.17 43.26 -30.08
CA THR C 120 23.16 43.33 -31.16
C THR C 120 23.46 44.77 -31.54
N TYR C 121 24.70 45.22 -31.25
CA TYR C 121 25.16 46.59 -31.55
C TYR C 121 25.80 46.61 -32.94
N VAL C 122 25.28 47.47 -33.83
CA VAL C 122 25.78 47.60 -35.21
C VAL C 122 27.02 48.48 -35.25
N LEU C 123 28.21 47.84 -35.22
CA LEU C 123 29.50 48.53 -35.25
C LEU C 123 29.77 49.03 -36.68
N PRO C 124 30.27 50.29 -36.84
CA PRO C 124 30.53 50.80 -38.20
C PRO C 124 31.71 50.14 -38.91
N ALA C 125 31.78 50.30 -40.25
CA ALA C 125 32.84 49.76 -41.10
C ALA C 125 34.22 50.36 -40.77
N ASP C 126 34.23 51.56 -40.16
CA ASP C 126 35.44 52.27 -39.73
C ASP C 126 36.09 51.58 -38.53
N VAL C 127 35.29 50.92 -37.66
CA VAL C 127 35.75 50.20 -36.47
C VAL C 127 36.10 48.74 -36.78
N ASP C 128 37.26 48.26 -36.28
CA ASP C 128 37.77 46.90 -36.48
C ASP C 128 36.98 45.85 -35.67
N PRO C 129 37.01 44.59 -36.16
CA PRO C 129 36.61 43.46 -35.30
C PRO C 129 37.58 43.22 -34.13
N TRP C 130 38.90 43.29 -34.40
CA TRP C 130 39.95 43.08 -33.41
C TRP C 130 40.11 44.27 -32.46
N ARG C 131 40.75 44.04 -31.29
CA ARG C 131 41.04 45.02 -30.23
C ARG C 131 39.76 45.72 -29.70
N VAL C 132 38.67 44.95 -29.53
CA VAL C 132 37.39 45.45 -29.00
C VAL C 132 37.32 45.22 -27.49
N ARG C 133 37.60 46.28 -26.72
CA ARG C 133 37.61 46.26 -25.25
C ARG C 133 36.21 46.11 -24.65
N ALA C 134 36.09 45.27 -23.61
CA ALA C 134 34.83 45.00 -22.91
C ALA C 134 35.06 44.96 -21.39
N ALA C 135 34.47 45.93 -20.67
CA ALA C 135 34.62 46.08 -19.22
C ALA C 135 33.30 46.45 -18.54
N LEU C 136 33.06 45.87 -17.35
CA LEU C 136 31.85 46.12 -16.55
C LEU C 136 32.19 46.56 -15.12
N SER C 137 31.63 47.70 -14.70
CA SER C 137 31.83 48.28 -13.37
C SER C 137 31.01 47.51 -12.33
N HIS C 138 31.40 47.64 -11.03
CA HIS C 138 30.72 46.99 -9.89
C HIS C 138 29.25 47.41 -9.77
N ASP C 139 28.89 48.55 -10.38
CA ASP C 139 27.53 49.10 -10.44
C ASP C 139 26.68 48.35 -11.47
N GLY C 140 27.34 47.71 -12.43
CA GLY C 140 26.71 46.94 -13.49
C GLY C 140 26.55 47.71 -14.79
N ILE C 141 27.62 48.40 -15.23
CA ILE C 141 27.63 49.19 -16.46
C ILE C 141 28.72 48.65 -17.41
N LEU C 142 28.32 47.72 -18.32
CA LEU C 142 29.22 47.09 -19.29
C LEU C 142 29.38 47.96 -20.54
N ASN C 143 30.59 48.53 -20.72
CA ASN C 143 30.92 49.40 -21.85
C ASN C 143 31.70 48.69 -22.95
N LEU C 144 31.05 48.50 -24.10
CA LEU C 144 31.64 47.84 -25.28
C LEU C 144 32.17 48.90 -26.23
N GLU C 145 33.51 49.11 -26.20
CA GLU C 145 34.21 50.09 -27.01
C GLU C 145 35.03 49.46 -28.13
N ALA C 146 35.21 50.22 -29.23
CA ALA C 146 35.98 49.82 -30.41
C ALA C 146 36.53 51.05 -31.14
N PRO C 147 37.86 51.21 -31.08
CA PRO C 147 38.52 52.27 -31.86
C PRO C 147 38.29 52.15 -33.37
N ARG C 148 37.99 53.29 -34.02
CA ARG C 148 37.74 53.38 -35.46
C ARG C 148 39.02 53.79 -36.19
N GLY C 149 39.44 52.94 -37.13
CA GLY C 149 40.64 53.15 -37.93
C GLY C 149 41.78 52.22 -37.57
N UNK D 1 -11.30 -12.26 49.90
CA UNK D 1 -10.86 -13.31 50.82
C UNK D 1 -12.04 -14.11 51.38
N UNK D 2 -12.69 -14.92 50.53
CA UNK D 2 -13.84 -15.75 50.93
C UNK D 2 -14.29 -16.74 49.85
N UNK D 3 -15.54 -17.22 49.96
CA UNK D 3 -16.18 -18.17 49.04
C UNK D 3 -16.61 -17.47 47.76
N UNK D 4 -17.43 -16.41 47.89
CA UNK D 4 -17.91 -15.60 46.78
C UNK D 4 -17.21 -14.23 46.80
N UNK D 5 -15.88 -14.25 47.08
CA UNK D 5 -14.95 -13.11 47.14
C UNK D 5 -15.31 -12.03 48.20
N UNK D 6 -16.08 -12.40 49.25
CA UNK D 6 -16.45 -11.48 50.34
C UNK D 6 -15.22 -11.27 51.24
N UNK D 7 -14.80 -10.00 51.45
CA UNK D 7 -13.59 -9.70 52.22
C UNK D 7 -13.67 -8.51 53.19
N UNK D 8 -12.60 -8.35 54.01
CA UNK D 8 -12.38 -7.29 54.98
C UNK D 8 -11.02 -6.64 54.66
N UNK D 9 -11.05 -5.33 54.30
CA UNK D 9 -9.91 -4.49 53.89
C UNK D 9 -8.65 -4.59 54.74
N UNK D 10 -7.46 -4.51 54.09
CA UNK D 10 -6.14 -4.59 54.71
C UNK D 10 -5.05 -3.95 53.83
N UNK D 11 -4.44 -2.86 54.31
CA UNK D 11 -3.36 -2.12 53.65
C UNK D 11 -2.47 -1.46 54.71
N UNK D 12 -1.61 -2.28 55.34
CA UNK D 12 -0.71 -1.84 56.42
C UNK D 12 0.79 -1.93 56.08
N UNK D 13 1.16 -2.77 55.09
CA UNK D 13 2.56 -2.98 54.69
C UNK D 13 2.96 -2.21 53.40
N UNK D 14 3.73 -2.87 52.49
CA UNK D 14 4.22 -2.30 51.22
C UNK D 14 3.48 -2.88 49.99
N UNK D 15 3.86 -2.43 48.77
CA UNK D 15 3.25 -2.87 47.51
C UNK D 15 4.24 -2.78 46.33
N UNK D 16 3.99 -3.57 45.26
CA UNK D 16 4.81 -3.59 44.04
C UNK D 16 4.08 -2.86 42.90
N UNK D 17 4.48 -3.12 41.63
CA UNK D 17 3.88 -2.47 40.45
C UNK D 17 2.93 -3.40 39.68
N UNK D 18 1.69 -2.90 39.43
CA UNK D 18 0.62 -3.61 38.72
C UNK D 18 -0.45 -2.64 38.22
N UNK D 19 -1.05 -2.94 37.04
CA UNK D 19 -2.10 -2.13 36.42
C UNK D 19 -3.43 -2.89 36.34
N UNK D 20 -4.56 -2.15 36.44
CA UNK D 20 -5.91 -2.71 36.39
C UNK D 20 -6.71 -2.16 35.20
N UNK D 21 -7.57 -3.00 34.58
CA UNK D 21 -8.40 -2.64 33.42
C UNK D 21 -9.80 -2.16 33.79
N UNK D 22 -10.43 -1.36 32.90
CA UNK D 22 -11.78 -0.80 33.07
C UNK D 22 -12.57 -0.75 31.76
N UNK D 23 -13.89 -1.09 31.83
CA UNK D 23 -14.88 -1.13 30.75
C UNK D 23 -14.50 -2.10 29.61
N UNK D 24 -15.17 -3.27 29.57
CA UNK D 24 -14.93 -4.34 28.58
C UNK D 24 -15.94 -4.34 27.42
N UNK D 25 -15.48 -4.75 26.23
CA UNK D 25 -16.29 -4.82 25.01
C UNK D 25 -16.46 -6.27 24.50
N UNK D 26 -17.51 -6.52 23.70
CA UNK D 26 -17.83 -7.83 23.12
C UNK D 26 -18.64 -7.72 21.82
N UNK D 27 -18.52 -8.74 20.94
CA UNK D 27 -19.20 -8.90 19.63
C UNK D 27 -18.95 -7.76 18.61
N UNK D 28 -17.88 -6.95 18.82
CA UNK D 28 -17.50 -5.84 17.94
C UNK D 28 -16.57 -6.30 16.80
N UNK D 29 -16.12 -5.35 15.94
CA UNK D 29 -15.22 -5.62 14.82
C UNK D 29 -13.79 -5.92 15.30
N UNK D 30 -13.22 -5.05 16.16
CA UNK D 30 -11.87 -5.20 16.71
C UNK D 30 -11.83 -6.23 17.85
N UNK D 31 -12.89 -6.25 18.71
CA UNK D 31 -13.02 -7.15 19.87
C UNK D 31 -13.06 -8.62 19.48
N SER D 96 -5.59 0.79 32.91
CA SER D 96 -6.80 1.16 32.19
C SER D 96 -6.88 0.54 30.78
N GLU D 97 -8.10 0.33 30.28
CA GLU D 97 -8.33 -0.27 28.97
C GLU D 97 -8.88 0.71 27.91
N LEU D 98 -9.41 0.18 26.79
CA LEU D 98 -9.96 0.89 25.64
C LEU D 98 -11.22 1.71 25.91
N ARG D 99 -11.47 2.68 25.02
CA ARG D 99 -12.64 3.57 25.01
C ARG D 99 -12.99 3.88 23.54
N LEU D 100 -13.07 2.81 22.72
CA LEU D 100 -13.38 2.86 21.30
C LEU D 100 -14.83 3.25 21.01
N SER D 101 -15.01 4.41 20.37
CA SER D 101 -16.33 4.97 20.02
C SER D 101 -16.51 5.06 18.50
N GLU D 102 -17.70 5.53 18.06
CA GLU D 102 -18.04 5.68 16.65
C GLU D 102 -17.35 6.94 16.10
N GLY D 103 -16.48 6.75 15.11
CA GLY D 103 -15.74 7.83 14.46
C GLY D 103 -14.29 7.97 14.88
N LYS D 104 -13.95 7.58 16.14
CA LYS D 104 -12.60 7.66 16.69
C LYS D 104 -12.35 6.65 17.81
N PHE D 105 -11.28 5.84 17.69
CA PHE D 105 -10.90 4.84 18.69
C PHE D 105 -9.85 5.40 19.63
N GLN D 106 -10.19 5.48 20.93
CA GLN D 106 -9.33 6.02 21.98
C GLN D 106 -8.94 4.97 23.03
N ALA D 107 -7.78 5.18 23.67
CA ALA D 107 -7.24 4.31 24.72
C ALA D 107 -6.58 5.14 25.84
N PHE D 108 -6.45 4.55 27.04
CA PHE D 108 -5.82 5.18 28.20
C PHE D 108 -5.05 4.15 29.01
N LEU D 109 -3.87 4.52 29.54
CA LEU D 109 -3.01 3.64 30.34
C LEU D 109 -2.39 4.35 31.54
N ASP D 110 -2.37 3.69 32.71
CA ASP D 110 -1.83 4.22 33.97
C ASP D 110 -0.29 4.11 34.04
N VAL D 111 0.40 4.33 32.91
CA VAL D 111 1.87 4.26 32.83
C VAL D 111 2.48 5.45 33.58
N SER D 112 2.89 5.21 34.84
CA SER D 112 3.50 6.22 35.71
C SER D 112 4.78 5.74 36.38
N HIS D 113 4.98 4.41 36.48
CA HIS D 113 6.18 3.79 37.06
C HIS D 113 7.37 4.01 36.13
N PHE D 114 7.11 4.04 34.81
CA PHE D 114 8.10 4.22 33.75
C PHE D 114 8.24 5.69 33.37
N THR D 115 9.50 6.13 33.15
CA THR D 115 9.85 7.51 32.75
C THR D 115 9.36 7.75 31.29
N PRO D 116 8.97 9.01 30.91
CA PRO D 116 8.49 9.22 29.53
C PRO D 116 9.49 8.88 28.41
N ASP D 117 10.81 8.92 28.71
CA ASP D 117 11.86 8.58 27.75
C ASP D 117 11.92 7.07 27.48
N GLU D 118 11.67 6.24 28.51
CA GLU D 118 11.68 4.78 28.43
C GLU D 118 10.55 4.20 27.59
N VAL D 119 9.35 4.80 27.69
CA VAL D 119 8.13 4.37 26.99
C VAL D 119 8.24 4.61 25.49
N THR D 120 8.00 3.56 24.69
CA THR D 120 8.02 3.59 23.23
C THR D 120 6.76 2.98 22.63
N VAL D 121 6.34 3.47 21.45
CA VAL D 121 5.14 3.03 20.72
C VAL D 121 5.52 2.76 19.26
N ARG D 122 4.84 1.79 18.61
CA ARG D 122 5.08 1.42 17.20
C ARG D 122 3.82 0.82 16.62
N THR D 123 3.32 1.38 15.49
CA THR D 123 2.11 0.87 14.84
C THR D 123 2.45 -0.06 13.68
N VAL D 124 2.89 -1.29 14.03
CA VAL D 124 3.22 -2.34 13.07
C VAL D 124 1.89 -2.91 12.61
N ASP D 125 1.49 -2.59 11.35
CA ASP D 125 0.22 -2.97 10.73
C ASP D 125 -0.94 -2.40 11.58
N ASN D 126 -2.07 -3.14 11.70
CA ASN D 126 -3.23 -2.68 12.50
C ASN D 126 -3.05 -2.89 14.01
N LEU D 127 -1.79 -3.02 14.47
CA LEU D 127 -1.47 -3.24 15.88
C LEU D 127 -0.61 -2.10 16.44
N LEU D 128 -1.08 -1.45 17.52
CA LEU D 128 -0.36 -0.37 18.19
C LEU D 128 0.19 -0.86 19.52
N GLU D 129 1.48 -1.22 19.52
CA GLU D 129 2.21 -1.73 20.67
C GLU D 129 2.70 -0.58 21.56
N VAL D 130 2.47 -0.66 22.87
CA VAL D 130 2.90 0.37 23.83
C VAL D 130 3.93 -0.24 24.78
N SER D 131 5.20 -0.27 24.34
CA SER D 131 6.34 -0.81 25.09
C SER D 131 6.80 0.14 26.19
N ALA D 132 7.32 -0.43 27.30
CA ALA D 132 7.77 0.34 28.44
C ALA D 132 9.23 0.05 28.85
N ARG D 133 9.44 -0.85 29.86
CA ARG D 133 10.73 -1.29 30.42
C ARG D 133 11.50 -0.21 31.20
N HIS D 134 11.84 -0.53 32.47
CA HIS D 134 12.59 0.35 33.38
C HIS D 134 13.57 -0.45 34.25
N PRO D 135 14.88 -0.11 34.27
CA PRO D 135 15.84 -0.88 35.09
C PRO D 135 15.73 -0.60 36.61
N GLN D 136 16.57 -1.28 37.42
CA GLN D 136 16.61 -1.17 38.89
C GLN D 136 16.64 0.26 39.40
N ARG D 137 15.83 0.55 40.44
CA ARG D 137 15.71 1.87 41.06
C ARG D 137 15.88 1.80 42.59
N LEU D 138 15.04 2.49 43.36
CA LEU D 138 15.07 2.52 44.82
C LEU D 138 13.69 2.28 45.42
N ASP D 139 12.63 2.77 44.73
CA ASP D 139 11.20 2.65 45.06
C ASP D 139 10.89 3.08 46.50
N ARG D 140 10.94 2.13 47.46
CA ARG D 140 10.67 2.32 48.89
C ARG D 140 11.23 1.16 49.71
N HIS D 141 11.11 -0.08 49.17
CA HIS D 141 11.58 -1.31 49.80
C HIS D 141 12.93 -1.77 49.24
N GLY D 142 13.11 -1.63 47.94
CA GLY D 142 14.35 -2.02 47.25
C GLY D 142 14.35 -1.69 45.77
N PHE D 143 15.39 -2.18 45.05
CA PHE D 143 15.56 -1.97 43.62
C PHE D 143 14.57 -2.83 42.83
N VAL D 144 13.56 -2.18 42.22
CA VAL D 144 12.50 -2.84 41.45
C VAL D 144 12.64 -2.50 39.96
N SER D 145 12.66 -3.53 39.12
CA SER D 145 12.75 -3.40 37.65
C SER D 145 11.50 -4.00 37.02
N ARG D 146 10.86 -3.27 36.09
CA ARG D 146 9.64 -3.73 35.41
C ARG D 146 9.69 -3.59 33.88
N GLU D 147 8.79 -4.30 33.17
CA GLU D 147 8.68 -4.30 31.70
C GLU D 147 7.29 -4.73 31.25
N PHE D 148 6.62 -3.90 30.43
CA PHE D 148 5.27 -4.19 29.92
C PHE D 148 5.06 -3.76 28.46
N CYS D 149 4.67 -4.74 27.60
CA CYS D 149 4.41 -4.53 26.16
C CYS D 149 2.92 -4.69 25.84
N ARG D 150 2.12 -3.66 26.13
CA ARG D 150 0.67 -3.64 25.91
C ARG D 150 0.34 -3.29 24.46
N THR D 151 0.00 -4.32 23.66
CA THR D 151 -0.35 -4.17 22.26
C THR D 151 -1.85 -3.94 22.10
N TYR D 152 -2.24 -3.11 21.14
CA TYR D 152 -3.65 -2.81 20.87
C TYR D 152 -4.09 -3.30 19.50
N VAL D 153 -5.25 -3.98 19.42
CA VAL D 153 -5.80 -4.46 18.15
C VAL D 153 -6.81 -3.43 17.64
N LEU D 154 -6.32 -2.52 16.79
CA LEU D 154 -7.08 -1.42 16.17
C LEU D 154 -8.06 -1.96 15.10
N PRO D 155 -9.25 -1.33 14.91
CA PRO D 155 -10.21 -1.84 13.91
C PRO D 155 -9.73 -1.83 12.47
N ALA D 156 -10.40 -2.62 11.62
CA ALA D 156 -10.10 -2.72 10.19
C ALA D 156 -10.41 -1.43 9.43
N ASP D 157 -11.27 -0.57 10.03
CA ASP D 157 -11.68 0.70 9.42
C ASP D 157 -11.04 1.93 10.09
N VAL D 158 -9.75 1.83 10.49
CA VAL D 158 -9.01 2.96 11.08
C VAL D 158 -7.67 3.16 10.36
N ASP D 159 -6.99 4.28 10.66
CA ASP D 159 -5.70 4.64 10.08
C ASP D 159 -4.58 4.12 11.01
N PRO D 160 -3.91 2.99 10.66
CA PRO D 160 -2.85 2.48 11.54
C PRO D 160 -1.60 3.38 11.56
N TRP D 161 -1.16 3.86 10.38
CA TRP D 161 -0.04 4.79 10.24
C TRP D 161 -0.49 6.14 10.81
N ARG D 162 0.33 6.74 11.70
CA ARG D 162 0.08 8.01 12.40
C ARG D 162 -1.13 7.91 13.36
N VAL D 163 -0.82 7.70 14.65
CA VAL D 163 -1.77 7.60 15.76
C VAL D 163 -1.27 8.53 16.88
N ARG D 164 -2.10 9.50 17.29
CA ARG D 164 -1.77 10.47 18.33
C ARG D 164 -1.57 9.82 19.71
N ALA D 165 -0.51 10.23 20.41
CA ALA D 165 -0.17 9.72 21.74
C ALA D 165 0.39 10.84 22.62
N ALA D 166 -0.23 11.05 23.79
CA ALA D 166 0.17 12.09 24.73
C ALA D 166 0.25 11.61 26.17
N LEU D 167 1.37 11.94 26.85
CA LEU D 167 1.65 11.59 28.24
C LEU D 167 1.37 12.77 29.16
N SER D 168 0.49 12.59 30.16
CA SER D 168 0.17 13.63 31.13
C SER D 168 1.27 13.71 32.19
N HIS D 169 1.38 14.86 32.88
CA HIS D 169 2.37 15.10 33.95
C HIS D 169 2.24 14.11 35.12
N ASP D 170 0.99 13.67 35.41
CA ASP D 170 0.67 12.72 36.49
C ASP D 170 1.17 11.31 36.15
N GLY D 171 1.06 10.91 34.88
CA GLY D 171 1.50 9.60 34.40
C GLY D 171 0.42 8.80 33.71
N ILE D 172 -0.07 9.31 32.56
CA ILE D 172 -1.09 8.65 31.74
C ILE D 172 -0.86 8.89 30.25
N LEU D 173 -0.60 7.82 29.49
CA LEU D 173 -0.34 7.89 28.05
C LEU D 173 -1.61 7.63 27.23
N ASN D 174 -2.35 8.71 26.89
CA ASN D 174 -3.59 8.63 26.13
C ASN D 174 -3.35 8.48 24.63
N LEU D 175 -3.91 7.40 24.04
CA LEU D 175 -3.79 7.07 22.63
C LEU D 175 -5.07 7.42 21.88
N GLU D 176 -4.97 8.27 20.84
CA GLU D 176 -6.11 8.71 20.04
C GLU D 176 -5.87 8.52 18.56
N ALA D 177 -6.91 8.04 17.85
CA ALA D 177 -6.89 7.80 16.40
C ALA D 177 -8.31 7.82 15.81
N PRO D 178 -8.52 8.39 14.60
CA PRO D 178 -9.88 8.41 14.02
C PRO D 178 -10.22 7.16 13.20
N ARG D 179 -11.52 6.99 12.87
CA ARG D 179 -12.03 5.87 12.07
C ARG D 179 -12.35 6.30 10.65
N GLY D 180 -11.63 5.72 9.69
CA GLY D 180 -11.76 6.01 8.26
C GLY D 180 -10.47 5.82 7.51
N GLY D 181 -10.28 4.62 6.95
CA GLY D 181 -9.09 4.24 6.19
C GLY D 181 -9.32 3.12 5.20
N ARG D 182 -10.33 2.26 5.47
CA ARG D 182 -10.71 1.12 4.63
C ARG D 182 -12.25 0.97 4.55
N HIS D 183 -12.74 -0.15 3.98
CA HIS D 183 -14.18 -0.43 3.82
C HIS D 183 -14.72 -1.31 4.95
N LEU D 184 -13.91 -2.29 5.43
CA LEU D 184 -14.20 -3.25 6.50
C LEU D 184 -15.50 -4.05 6.27
N ASP D 185 -15.37 -5.16 5.51
CA ASP D 185 -16.47 -6.07 5.18
C ASP D 185 -16.18 -7.48 5.73
N THR D 186 -17.24 -8.31 5.87
CA THR D 186 -17.22 -9.70 6.37
C THR D 186 -16.62 -9.81 7.78
N VAL D 188 -19.08 -13.11 5.68
CA VAL D 188 -18.53 -13.61 6.93
C VAL D 188 -18.03 -15.06 6.79
N ASN D 189 -18.61 -15.83 5.85
CA ASN D 189 -18.29 -17.22 5.49
C ASN D 189 -18.59 -18.26 6.58
N GLU D 190 -19.15 -19.40 6.16
CA GLU D 190 -19.47 -20.56 6.97
C GLU D 190 -18.87 -21.81 6.32
N VAL D 191 -18.14 -22.62 7.11
CA VAL D 191 -17.49 -23.86 6.64
C VAL D 191 -18.33 -25.10 7.02
N TYR D 192 -18.42 -26.09 6.12
CA TYR D 192 -19.19 -27.32 6.34
C TYR D 192 -18.34 -28.48 6.87
N ILE D 193 -18.99 -29.35 7.67
CA ILE D 193 -18.36 -30.53 8.29
C ILE D 193 -18.40 -31.71 7.31
N SER D 194 -17.22 -32.28 7.02
CA SER D 194 -17.07 -33.40 6.09
C SER D 194 -17.48 -34.77 6.64
N LEU D 195 -17.38 -34.96 7.99
CA LEU D 195 -17.71 -36.19 8.72
C LEU D 195 -16.90 -37.40 8.26
N MET E 1 -43.29 -20.52 42.36
CA MET E 1 -42.09 -21.20 41.88
C MET E 1 -41.02 -21.36 42.98
N ALA E 2 -40.59 -20.22 43.61
CA ALA E 2 -39.59 -20.10 44.69
C ALA E 2 -38.19 -20.61 44.31
N LYS E 3 -37.25 -19.65 44.14
CA LYS E 3 -35.85 -19.93 43.79
C LYS E 3 -34.97 -19.99 45.03
N ILE E 4 -34.17 -21.06 45.14
CA ILE E 4 -33.26 -21.32 46.25
C ILE E 4 -31.91 -20.57 46.11
N ILE E 5 -31.01 -20.71 47.11
CA ILE E 5 -29.68 -20.07 47.14
C ILE E 5 -28.58 -21.02 47.65
N LEU E 6 -27.36 -20.89 47.08
CA LEU E 6 -26.18 -21.70 47.46
C LEU E 6 -25.41 -21.11 48.67
N ARG E 7 -24.36 -21.82 49.18
CA ARG E 7 -23.59 -21.35 50.33
C ARG E 7 -22.11 -21.82 50.34
N HIS E 8 -21.59 -22.23 51.54
CA HIS E 8 -20.24 -22.73 51.86
C HIS E 8 -19.13 -21.72 51.62
N LEU E 9 -18.56 -21.15 52.72
CA LEU E 9 -17.49 -20.17 52.69
C LEU E 9 -16.27 -20.62 53.52
N ILE E 10 -16.37 -20.56 54.88
CA ILE E 10 -15.32 -20.96 55.83
C ILE E 10 -15.89 -21.24 57.23
N GLY E 67 11.45 -5.36 60.58
CA GLY E 67 12.22 -4.61 61.56
C GLY E 67 11.86 -4.98 63.00
N LYS E 68 12.88 -5.01 63.90
CA LYS E 68 12.81 -5.33 65.33
C LYS E 68 12.27 -6.73 65.61
N SER E 69 13.19 -7.68 65.77
CA SER E 69 12.88 -9.08 66.05
C SER E 69 12.60 -9.92 64.81
N HIS E 70 11.64 -9.48 63.98
CA HIS E 70 11.22 -10.17 62.76
C HIS E 70 11.15 -9.25 61.55
N PHE E 71 11.57 -9.76 60.38
CA PHE E 71 11.55 -9.02 59.11
C PHE E 71 10.51 -9.61 58.15
N GLN E 72 9.47 -8.80 57.82
CA GLN E 72 8.37 -9.17 56.93
C GLN E 72 8.39 -8.40 55.62
N ILE E 73 8.48 -9.13 54.48
CA ILE E 73 8.49 -8.53 53.15
C ILE E 73 7.22 -8.86 52.36
N LEU E 74 6.48 -7.81 51.95
CA LEU E 74 5.23 -7.90 51.20
C LEU E 74 5.30 -7.12 49.88
N LEU E 75 4.88 -7.76 48.77
CA LEU E 75 4.87 -7.19 47.41
C LEU E 75 3.60 -7.65 46.67
N ASP E 76 2.94 -6.70 45.96
CA ASP E 76 1.69 -6.97 45.22
C ASP E 76 1.90 -7.82 43.97
N VAL E 77 1.68 -9.14 44.12
CA VAL E 77 1.79 -10.13 43.03
C VAL E 77 0.38 -10.51 42.53
N VAL E 78 -0.56 -9.54 42.59
CA VAL E 78 -1.96 -9.68 42.16
C VAL E 78 -2.07 -9.98 40.67
N GLN E 79 -1.26 -9.29 39.84
CA GLN E 79 -1.25 -9.47 38.39
C GLN E 79 -0.60 -10.81 38.01
N PHE E 80 0.57 -11.12 38.62
CA PHE E 80 1.35 -12.34 38.38
C PHE E 80 0.65 -13.65 38.81
N LEU E 81 1.13 -14.80 38.26
CA LEU E 81 0.64 -16.16 38.50
C LEU E 81 1.57 -16.93 39.46
N PRO E 82 1.11 -18.03 40.14
CA PRO E 82 2.02 -18.75 41.07
C PRO E 82 3.22 -19.40 40.39
N GLU E 83 3.03 -19.94 39.19
CA GLU E 83 4.08 -20.57 38.39
C GLU E 83 4.91 -19.50 37.71
N ASP E 84 4.31 -18.34 37.44
CA ASP E 84 4.97 -17.18 36.81
C ASP E 84 5.40 -16.16 37.88
N ILE E 85 6.05 -16.64 38.96
CA ILE E 85 6.59 -15.87 40.09
C ILE E 85 7.58 -16.73 40.88
N ILE E 86 8.87 -16.37 40.84
CA ILE E 86 9.96 -17.09 41.51
C ILE E 86 10.66 -16.21 42.53
N ILE E 87 11.05 -16.80 43.67
CA ILE E 87 11.76 -16.11 44.75
C ILE E 87 13.04 -16.86 45.14
N GLN E 88 14.19 -16.43 44.58
CA GLN E 88 15.48 -17.03 44.84
C GLN E 88 16.32 -16.20 45.81
N THR E 89 16.89 -16.86 46.84
CA THR E 89 17.72 -16.23 47.86
C THR E 89 19.20 -16.52 47.60
N PHE E 90 20.06 -15.49 47.72
CA PHE E 90 21.51 -15.60 47.49
C PHE E 90 22.29 -14.62 48.37
N GLU E 91 23.45 -15.08 48.90
CA GLU E 91 24.38 -14.34 49.76
C GLU E 91 23.71 -13.68 50.98
N GLY E 92 23.13 -12.47 50.82
CA GLY E 92 22.45 -11.74 51.89
C GLY E 92 21.06 -11.25 51.46
N TRP E 93 21.00 -10.44 50.38
CA TRP E 93 19.75 -9.88 49.84
C TRP E 93 18.85 -10.94 49.22
N LEU E 94 17.51 -10.76 49.32
CA LEU E 94 16.51 -11.67 48.77
C LEU E 94 15.92 -11.12 47.48
N LEU E 95 15.85 -11.96 46.43
CA LEU E 95 15.33 -11.57 45.11
C LEU E 95 14.01 -12.28 44.79
N ILE E 96 13.09 -11.55 44.12
CA ILE E 96 11.78 -12.04 43.69
C ILE E 96 11.44 -11.48 42.31
N LYS E 97 11.12 -12.36 41.34
CA LYS E 97 10.77 -11.96 39.97
C LYS E 97 9.48 -12.62 39.49
N ALA E 98 8.72 -11.94 38.62
CA ALA E 98 7.44 -12.43 38.08
C ALA E 98 7.56 -13.08 36.70
N GLN E 99 7.47 -12.28 35.60
CA GLN E 99 7.52 -12.67 34.19
C GLN E 99 6.33 -13.54 33.78
N HIS E 100 5.33 -12.92 33.14
CA HIS E 100 4.10 -13.56 32.65
C HIS E 100 3.60 -12.88 31.37
N GLY E 101 3.51 -13.69 30.30
CA GLY E 101 4.07 -13.26 29.02
C GLY E 101 2.97 -12.69 28.10
N THR E 102 3.05 -12.94 26.77
CA THR E 102 2.05 -12.47 25.80
C THR E 102 0.69 -13.15 26.04
N ARG E 103 -0.10 -12.58 26.97
CA ARG E 103 -1.41 -13.07 27.37
C ARG E 103 -2.56 -12.46 26.59
N MET E 104 -3.77 -13.04 26.73
CA MET E 104 -5.01 -12.63 26.07
C MET E 104 -5.38 -11.16 26.27
N ASP E 105 -5.67 -10.74 27.54
CA ASP E 105 -6.06 -9.39 27.98
C ASP E 105 -7.44 -8.96 27.45
N GLU E 106 -8.28 -8.45 28.38
CA GLU E 106 -9.67 -8.00 28.16
C GLU E 106 -9.87 -7.03 26.99
N HIS E 107 -8.82 -6.26 26.62
CA HIS E 107 -8.86 -5.30 25.52
C HIS E 107 -7.97 -5.76 24.35
N GLY E 108 -6.68 -5.41 24.39
CA GLY E 108 -5.71 -5.78 23.37
C GLY E 108 -5.01 -7.09 23.68
N PHE E 109 -3.74 -7.01 24.13
CA PHE E 109 -2.87 -8.14 24.52
C PHE E 109 -1.68 -7.61 25.32
N ILE E 110 -1.62 -7.96 26.62
CA ILE E 110 -0.58 -7.49 27.55
C ILE E 110 0.48 -8.52 27.89
N SER E 111 1.70 -8.04 28.21
CA SER E 111 2.84 -8.88 28.58
C SER E 111 3.69 -8.21 29.67
N ARG E 112 3.50 -8.65 30.92
CA ARG E 112 4.20 -8.12 32.09
C ARG E 112 5.41 -8.97 32.48
N SER E 113 6.52 -8.31 32.87
CA SER E 113 7.78 -8.95 33.29
C SER E 113 8.50 -8.06 34.29
N PHE E 114 8.53 -8.47 35.58
CA PHE E 114 9.16 -7.71 36.65
C PHE E 114 10.19 -8.52 37.45
N THR E 115 11.15 -7.80 38.08
CA THR E 115 12.22 -8.35 38.91
C THR E 115 12.61 -7.32 39.98
N ARG E 116 12.34 -7.65 41.27
CA ARG E 116 12.62 -6.79 42.41
C ARG E 116 13.61 -7.42 43.39
N GLN E 117 14.56 -6.61 43.90
CA GLN E 117 15.58 -7.04 44.85
C GLN E 117 15.60 -6.10 46.07
N TYR E 118 15.07 -6.58 47.21
CA TYR E 118 15.01 -5.84 48.46
C TYR E 118 16.18 -6.24 49.36
N LYS E 119 16.92 -5.24 49.89
CA LYS E 119 18.07 -5.45 50.75
C LYS E 119 17.72 -6.08 52.10
N LEU E 120 18.56 -7.03 52.56
CA LEU E 120 18.40 -7.73 53.83
C LEU E 120 19.58 -7.44 54.77
N PRO E 121 19.36 -7.34 56.11
CA PRO E 121 20.48 -7.04 57.02
C PRO E 121 21.55 -8.14 57.14
N ASP E 122 22.74 -7.76 57.64
CA ASP E 122 23.90 -8.65 57.83
C ASP E 122 23.63 -9.82 58.77
N GLY E 123 22.89 -9.57 59.87
CA GLY E 123 22.52 -10.60 60.86
C GLY E 123 21.47 -11.56 60.31
N VAL E 124 21.53 -12.84 60.74
CA VAL E 124 20.66 -13.96 60.39
C VAL E 124 20.85 -14.45 58.93
N GLU E 125 20.59 -15.76 58.71
CA GLU E 125 20.72 -16.43 57.41
C GLU E 125 19.71 -15.93 56.36
N ILE E 126 20.12 -15.99 55.07
CA ILE E 126 19.16 -16.18 53.97
C ILE E 126 18.16 -17.32 54.21
N LYS E 127 18.63 -18.43 54.81
CA LYS E 127 17.83 -19.61 55.16
C LYS E 127 16.86 -19.28 56.30
N ASP E 128 15.87 -20.17 56.54
CA ASP E 128 14.81 -20.07 57.56
C ASP E 128 13.91 -18.84 57.33
N LEU E 129 13.59 -18.57 56.04
CA LEU E 129 12.73 -17.49 55.59
C LEU E 129 11.69 -18.06 54.62
N SER E 130 10.74 -18.83 55.17
CA SER E 130 9.66 -19.50 54.42
C SER E 130 8.68 -18.50 53.81
N ALA E 131 8.44 -18.65 52.50
CA ALA E 131 7.54 -17.77 51.74
C ALA E 131 6.12 -18.35 51.63
N VAL E 132 5.13 -17.45 51.48
CA VAL E 132 3.72 -17.82 51.35
C VAL E 132 3.00 -16.92 50.33
N LEU E 133 2.31 -17.54 49.36
CA LEU E 133 1.56 -16.85 48.32
C LEU E 133 0.06 -16.92 48.62
N CYS E 134 -0.46 -15.89 49.31
CA CYS E 134 -1.87 -15.79 49.73
C CYS E 134 -2.85 -15.75 48.56
N HIS E 135 -4.08 -16.25 48.78
CA HIS E 135 -5.16 -16.29 47.77
C HIS E 135 -5.64 -14.90 47.33
N ASP E 136 -5.46 -13.87 48.17
CA ASP E 136 -5.87 -12.50 47.87
C ASP E 136 -5.03 -11.84 46.78
N GLY E 137 -3.77 -12.25 46.64
CA GLY E 137 -2.85 -11.72 45.65
C GLY E 137 -1.49 -11.31 46.20
N ILE E 138 -1.48 -10.79 47.44
CA ILE E 138 -0.27 -10.33 48.13
C ILE E 138 0.60 -11.50 48.62
N LEU E 139 1.81 -11.64 48.04
CA LEU E 139 2.79 -12.67 48.40
C LEU E 139 3.64 -12.15 49.55
N VAL E 140 4.04 -13.04 50.47
CA VAL E 140 4.85 -12.66 51.63
C VAL E 140 6.06 -13.55 51.83
N VAL E 141 7.22 -12.96 52.11
CA VAL E 141 8.48 -13.66 52.36
C VAL E 141 9.00 -13.32 53.76
N GLU E 142 8.53 -14.08 54.79
CA GLU E 142 8.89 -13.88 56.20
C GLU E 142 8.70 -15.14 57.05
N VAL E 143 9.58 -15.33 58.05
CA VAL E 143 9.53 -16.45 58.99
C VAL E 143 10.18 -16.10 60.34
N LYS E 144 11.45 -15.66 60.31
CA LYS E 144 11.84 -14.41 60.98
C LYS E 144 11.05 -14.07 62.24
N UNK F 1 -15.30 -31.82 50.05
CA UNK F 1 -14.08 -31.01 50.01
C UNK F 1 -14.38 -29.53 49.81
N UNK F 2 -15.37 -28.99 50.57
CA UNK F 2 -15.81 -27.59 50.51
C UNK F 2 -14.73 -26.61 50.95
N UNK F 3 -13.95 -26.96 52.00
CA UNK F 3 -12.84 -26.16 52.53
C UNK F 3 -11.55 -26.56 51.84
N UNK F 4 -10.70 -25.58 51.48
CA UNK F 4 -9.44 -25.85 50.78
C UNK F 4 -8.22 -25.08 51.35
N UNK F 5 -7.60 -25.46 52.52
CA UNK F 5 -7.90 -26.50 53.52
C UNK F 5 -8.22 -27.92 52.95
N UNK F 6 -9.07 -28.69 53.69
CA UNK F 6 -9.54 -30.04 53.37
C UNK F 6 -10.82 -30.33 54.18
N UNK F 7 -11.90 -30.77 53.48
CA UNK F 7 -13.20 -31.06 54.11
C UNK F 7 -13.69 -32.50 53.83
N UNK F 8 -15.03 -32.73 53.89
CA UNK F 8 -15.63 -34.05 53.70
C UNK F 8 -16.81 -34.08 52.71
N UNK F 9 -16.88 -35.17 51.91
CA UNK F 9 -17.90 -35.45 50.88
C UNK F 9 -17.82 -36.91 50.40
N UNK F 10 -18.55 -37.25 49.32
CA UNK F 10 -18.59 -38.57 48.71
C UNK F 10 -18.60 -38.49 47.16
N UNK F 11 -17.69 -39.24 46.51
CA UNK F 11 -17.59 -39.25 45.05
C UNK F 11 -18.11 -40.59 44.47
N UNK F 12 -19.45 -40.72 44.37
CA UNK F 12 -20.11 -41.92 43.86
C UNK F 12 -21.27 -41.61 42.92
N UNK F 13 -22.30 -40.89 43.41
CA UNK F 13 -23.50 -40.54 42.63
C UNK F 13 -23.19 -39.42 41.62
N UNK F 14 -23.73 -32.86 35.64
CA UNK F 14 -23.74 -32.73 34.18
C UNK F 14 -22.55 -31.92 33.67
N UNK F 15 -22.76 -31.12 32.62
CA UNK F 15 -21.74 -30.27 32.01
C UNK F 15 -20.99 -30.96 30.86
N UNK F 16 -19.97 -30.29 30.29
CA UNK F 16 -19.16 -30.79 29.18
C UNK F 16 -17.73 -30.20 29.19
N UNK F 17 -17.37 -29.46 30.26
CA UNK F 17 -16.07 -28.81 30.47
C UNK F 17 -14.85 -29.73 30.25
N UNK F 18 -13.80 -29.20 29.60
CA UNK F 18 -12.58 -29.95 29.29
C UNK F 18 -11.32 -29.08 29.28
N UNK F 19 -10.18 -29.64 29.71
CA UNK F 19 -8.88 -28.96 29.74
C UNK F 19 -8.28 -28.84 28.33
N UNK F 20 -7.61 -27.70 28.04
CA UNK F 20 -6.99 -27.41 26.75
C UNK F 20 -5.47 -27.73 26.74
N UNK F 21 -4.85 -27.74 25.53
CA UNK F 21 -3.42 -28.00 25.34
C UNK F 21 -2.66 -26.78 24.84
N GLU F 87 -9.71 -27.18 22.53
CA GLU F 87 -9.23 -28.18 23.47
C GLU F 87 -7.87 -28.80 23.05
N LEU F 88 -7.28 -28.30 21.94
CA LEU F 88 -5.98 -28.78 21.43
C LEU F 88 -5.03 -27.66 20.98
N ARG F 89 -5.26 -27.07 19.77
CA ARG F 89 -4.48 -25.98 19.14
C ARG F 89 -3.01 -26.36 18.82
N LEU F 90 -2.56 -26.09 17.58
CA LEU F 90 -1.20 -26.36 17.10
C LEU F 90 -0.59 -25.17 16.36
N SER F 91 0.73 -24.96 16.50
CA SER F 91 1.45 -23.86 15.87
C SER F 91 2.53 -24.31 14.87
N GLU F 92 2.87 -23.43 13.91
CA GLU F 92 3.86 -23.56 12.83
C GLU F 92 3.51 -24.60 11.77
N GLY F 93 3.69 -24.24 10.51
CA GLY F 93 3.41 -25.09 9.35
C GLY F 93 1.95 -25.03 8.93
N LYS F 94 1.05 -25.46 9.82
CA LYS F 94 -0.39 -25.49 9.61
C LYS F 94 -1.12 -25.41 10.96
N PHE F 95 -2.11 -24.50 11.06
CA PHE F 95 -2.91 -24.31 12.28
C PHE F 95 -4.04 -25.33 12.35
N GLN F 96 -4.13 -26.08 13.46
CA GLN F 96 -5.19 -27.07 13.69
C GLN F 96 -5.58 -27.15 15.17
N ALA F 97 -6.88 -27.28 15.45
CA ALA F 97 -7.42 -27.35 16.82
C ALA F 97 -8.58 -28.35 16.91
N PHE F 98 -8.67 -29.06 18.04
CA PHE F 98 -9.72 -30.06 18.30
C PHE F 98 -10.64 -29.69 19.46
N LEU F 99 -11.83 -30.31 19.52
CA LEU F 99 -12.84 -30.09 20.57
C LEU F 99 -13.57 -31.37 20.94
N ASP F 100 -13.93 -31.51 22.22
CA ASP F 100 -14.71 -32.65 22.71
C ASP F 100 -16.19 -32.25 22.60
N VAL F 101 -16.70 -32.24 21.36
CA VAL F 101 -18.08 -31.88 21.02
C VAL F 101 -19.03 -33.11 21.05
N SER F 102 -18.52 -34.25 21.59
CA SER F 102 -19.22 -35.53 21.73
C SER F 102 -20.60 -35.45 22.40
N HIS F 103 -20.81 -34.43 23.25
CA HIS F 103 -22.10 -34.21 23.93
C HIS F 103 -23.13 -33.53 23.03
N PHE F 104 -22.67 -32.79 21.99
CA PHE F 104 -23.53 -32.10 21.03
C PHE F 104 -23.83 -32.93 19.77
N THR F 105 -24.93 -32.58 19.06
CA THR F 105 -25.39 -33.22 17.82
C THR F 105 -24.62 -32.70 16.59
N PRO F 106 -24.34 -33.55 15.56
CA PRO F 106 -23.60 -33.05 14.38
C PRO F 106 -24.41 -32.10 13.49
N ASP F 107 -25.75 -32.20 13.56
CA ASP F 107 -26.67 -31.34 12.82
C ASP F 107 -26.73 -29.95 13.43
N GLU F 108 -26.62 -29.86 14.78
CA GLU F 108 -26.68 -28.61 15.53
C GLU F 108 -25.30 -28.14 16.02
N VAL F 109 -24.44 -27.75 15.06
CA VAL F 109 -23.07 -27.21 15.23
C VAL F 109 -22.71 -26.40 13.97
N THR F 110 -22.89 -25.06 14.04
CA THR F 110 -22.59 -24.15 12.93
C THR F 110 -21.26 -23.44 13.19
N VAL F 111 -20.37 -23.44 12.20
CA VAL F 111 -19.06 -22.81 12.34
C VAL F 111 -18.89 -21.69 11.31
N ARG F 112 -18.61 -20.47 11.81
CA ARG F 112 -18.43 -19.23 11.03
C ARG F 112 -16.97 -18.78 11.10
N THR F 113 -16.56 -17.89 10.17
CA THR F 113 -15.21 -17.33 10.09
C THR F 113 -15.24 -15.79 9.95
N VAL F 114 -15.98 -15.10 10.85
CA VAL F 114 -16.13 -13.65 10.86
C VAL F 114 -14.74 -12.96 10.87
N ASP F 115 -14.40 -12.34 9.72
CA ASP F 115 -13.11 -11.68 9.43
C ASP F 115 -11.94 -12.65 9.64
N ASN F 116 -11.40 -12.74 10.86
CA ASN F 116 -10.31 -13.65 11.20
C ASN F 116 -10.56 -14.27 12.58
N LEU F 117 -11.80 -14.74 12.80
CA LEU F 117 -12.26 -15.36 14.05
C LEU F 117 -13.06 -16.62 13.72
N LEU F 118 -12.50 -17.81 14.01
CA LEU F 118 -13.15 -19.09 13.78
C LEU F 118 -14.12 -19.33 14.94
N GLU F 119 -15.42 -19.16 14.67
CA GLU F 119 -16.45 -19.30 15.70
C GLU F 119 -17.21 -20.63 15.63
N VAL F 120 -16.86 -21.58 16.52
CA VAL F 120 -17.48 -22.92 16.61
C VAL F 120 -18.72 -22.88 17.53
N SER F 121 -19.87 -22.48 16.96
CA SER F 121 -21.14 -22.40 17.69
C SER F 121 -21.82 -23.76 17.75
N ALA F 122 -22.73 -23.94 18.73
CA ALA F 122 -23.45 -25.21 18.94
C ALA F 122 -24.94 -25.03 19.27
N ARG F 123 -25.31 -25.03 20.58
CA ARG F 123 -26.67 -24.93 21.15
C ARG F 123 -27.52 -26.19 20.91
N HIS F 124 -28.10 -26.74 22.00
CA HIS F 124 -28.93 -27.94 21.95
C HIS F 124 -30.18 -27.80 22.86
N PRO F 125 -31.40 -28.19 22.39
CA PRO F 125 -32.58 -28.07 23.27
C PRO F 125 -32.66 -29.17 24.34
N GLN F 126 -33.78 -29.22 25.09
CA GLN F 126 -34.00 -30.20 26.18
C GLN F 126 -34.07 -31.64 25.68
N ARG F 127 -33.02 -32.42 26.02
CA ARG F 127 -32.89 -33.83 25.64
C ARG F 127 -33.33 -34.76 26.78
N LEU F 128 -32.79 -36.00 26.84
CA LEU F 128 -33.12 -37.01 27.86
C LEU F 128 -31.95 -37.29 28.81
N ASP F 129 -30.70 -37.35 28.27
CA ASP F 129 -29.45 -37.62 28.99
C ASP F 129 -29.52 -38.96 29.76
N ARG F 130 -29.69 -38.91 31.11
CA ARG F 130 -29.81 -40.08 32.01
C ARG F 130 -30.32 -39.69 33.39
N HIS F 131 -30.13 -38.41 33.79
CA HIS F 131 -30.57 -37.89 35.09
C HIS F 131 -31.84 -37.06 35.00
N GLY F 132 -32.02 -36.34 33.90
CA GLY F 132 -33.19 -35.49 33.65
C GLY F 132 -33.09 -34.66 32.38
N PHE F 133 -34.11 -33.80 32.15
CA PHE F 133 -34.19 -32.90 30.99
C PHE F 133 -33.14 -31.80 31.08
N VAL F 134 -32.03 -31.97 30.34
CA VAL F 134 -30.88 -31.05 30.34
C VAL F 134 -30.77 -30.26 29.02
N SER F 135 -30.79 -28.92 29.13
CA SER F 135 -30.64 -27.95 28.04
C SER F 135 -29.22 -27.36 28.13
N ARG F 136 -28.50 -27.30 26.99
CA ARG F 136 -27.12 -26.78 26.97
C ARG F 136 -26.77 -26.02 25.69
N GLU F 137 -26.27 -24.80 25.84
CA GLU F 137 -25.83 -23.89 24.78
C GLU F 137 -24.31 -23.65 24.94
N PHE F 138 -23.57 -23.52 23.82
CA PHE F 138 -22.12 -23.30 23.80
C PHE F 138 -21.65 -22.63 22.51
N CYS F 139 -20.72 -21.65 22.63
CA CYS F 139 -20.17 -20.92 21.47
C CYS F 139 -18.74 -20.41 21.72
N ARG F 140 -17.73 -21.15 21.24
CA ARG F 140 -16.32 -20.78 21.38
C ARG F 140 -15.80 -20.09 20.13
N THR F 141 -14.96 -19.07 20.30
CA THR F 141 -14.32 -18.36 19.19
C THR F 141 -12.80 -18.47 19.31
N TYR F 142 -12.22 -19.18 18.34
CA TYR F 142 -10.79 -19.43 18.24
C TYR F 142 -10.17 -18.26 17.49
N VAL F 143 -9.17 -17.60 18.09
CA VAL F 143 -8.51 -16.45 17.44
C VAL F 143 -7.57 -16.92 16.33
N LEU F 144 -7.97 -16.70 15.07
CA LEU F 144 -7.18 -17.08 13.89
C LEU F 144 -5.98 -16.15 13.74
N PRO F 145 -4.76 -16.71 13.48
CA PRO F 145 -3.58 -15.84 13.30
C PRO F 145 -3.61 -15.02 12.02
N ALA F 146 -2.89 -13.87 12.01
CA ALA F 146 -2.78 -12.99 10.84
C ALA F 146 -1.99 -13.68 9.73
N ASP F 147 -1.06 -14.57 10.13
CA ASP F 147 -0.22 -15.39 9.25
C ASP F 147 -1.08 -16.46 8.54
N VAL F 148 -2.35 -16.61 8.93
CA VAL F 148 -3.30 -17.56 8.38
C VAL F 148 -4.40 -16.83 7.59
N ASP F 149 -4.78 -17.39 6.44
CA ASP F 149 -5.84 -16.90 5.54
C ASP F 149 -7.21 -17.12 6.22
N PRO F 150 -8.22 -16.23 6.04
CA PRO F 150 -9.53 -16.47 6.67
C PRO F 150 -10.21 -17.77 6.23
N TRP F 151 -9.94 -18.19 4.98
CA TRP F 151 -10.46 -19.40 4.37
C TRP F 151 -9.50 -20.59 4.57
N ARG F 152 -9.53 -21.58 3.63
CA ARG F 152 -8.71 -22.80 3.59
C ARG F 152 -8.91 -23.73 4.81
N VAL F 153 -9.78 -23.35 5.77
CA VAL F 153 -10.10 -24.13 6.97
C VAL F 153 -11.06 -25.28 6.59
N ARG F 154 -10.76 -26.51 7.06
CA ARG F 154 -11.57 -27.69 6.77
C ARG F 154 -12.13 -28.29 8.05
N ALA F 155 -13.46 -28.51 8.08
CA ALA F 155 -14.15 -29.08 9.24
C ALA F 155 -14.47 -30.57 9.02
N ALA F 156 -14.15 -31.41 10.03
CA ALA F 156 -14.40 -32.85 10.00
C ALA F 156 -14.86 -33.33 11.37
N LEU F 157 -15.87 -34.24 11.39
CA LEU F 157 -16.42 -34.80 12.63
C LEU F 157 -16.21 -36.31 12.72
N SER F 158 -15.47 -36.75 13.76
CA SER F 158 -15.19 -38.17 14.00
C SER F 158 -16.40 -38.84 14.64
N HIS F 159 -16.52 -40.18 14.46
CA HIS F 159 -17.62 -40.99 15.02
C HIS F 159 -17.60 -41.00 16.56
N ASP F 160 -16.44 -40.66 17.15
CA ASP F 160 -16.21 -40.56 18.60
C ASP F 160 -16.79 -39.24 19.14
N GLY F 161 -16.92 -38.25 18.25
CA GLY F 161 -17.46 -36.92 18.57
C GLY F 161 -16.41 -35.85 18.71
N ILE F 162 -15.32 -35.95 17.91
CA ILE F 162 -14.21 -34.98 17.94
C ILE F 162 -14.17 -34.16 16.65
N LEU F 163 -14.39 -32.84 16.77
CA LEU F 163 -14.38 -31.89 15.65
C LEU F 163 -13.00 -31.24 15.54
N ASN F 164 -12.44 -31.25 14.32
CA ASN F 164 -11.12 -30.66 14.04
C ASN F 164 -11.19 -29.69 12.85
N LEU F 165 -10.75 -28.44 13.08
CA LEU F 165 -10.71 -27.38 12.06
C LEU F 165 -9.26 -27.02 11.75
N GLU F 166 -8.80 -27.38 10.54
CA GLU F 166 -7.41 -27.17 10.12
C GLU F 166 -7.27 -26.19 8.95
N ALA F 167 -6.47 -25.12 9.15
CA ALA F 167 -6.17 -24.09 8.15
C ALA F 167 -4.65 -23.91 8.03
N PRO F 168 -4.06 -24.04 6.82
CA PRO F 168 -2.60 -23.87 6.71
C PRO F 168 -2.14 -22.42 6.77
N ARG F 169 -0.96 -22.17 7.37
CA ARG F 169 -0.42 -20.81 7.50
C ARG F 169 0.44 -20.40 6.29
N GLY F 170 0.30 -19.13 5.90
CA GLY F 170 1.01 -18.50 4.79
C GLY F 170 0.13 -18.32 3.55
N GLY F 171 -0.66 -17.24 3.49
CA GLY F 171 -0.79 -16.20 4.50
C GLY F 171 -1.27 -14.89 3.92
N ARG F 172 -1.95 -14.07 4.75
CA ARG F 172 -2.48 -12.76 4.36
C ARG F 172 -1.80 -11.59 5.12
N HIS F 173 -0.52 -11.77 5.51
CA HIS F 173 0.30 -10.79 6.23
C HIS F 173 0.51 -9.50 5.43
N LEU F 174 1.06 -9.63 4.20
CA LEU F 174 1.34 -8.57 3.23
C LEU F 174 2.29 -7.45 3.75
N ASP F 175 1.80 -6.57 4.66
CA ASP F 175 2.57 -5.46 5.22
C ASP F 175 3.66 -5.89 6.21
N THR F 176 4.83 -5.22 6.11
CA THR F 176 6.02 -5.44 6.94
C THR F 176 6.92 -4.17 6.97
N GLU F 177 7.80 -4.07 7.99
CA GLU F 177 8.74 -2.96 8.22
C GLU F 177 8.02 -1.60 8.26
N VAL F 178 7.10 -1.46 9.23
CA VAL F 178 6.26 -0.28 9.43
C VAL F 178 6.09 -0.03 10.94
N ASN F 179 6.11 1.25 11.38
CA ASN F 179 5.98 1.60 12.80
C ASN F 179 5.44 3.02 13.02
N GLU F 180 6.19 4.07 12.60
CA GLU F 180 5.84 5.49 12.73
C GLU F 180 5.62 5.93 14.20
N VAL F 181 4.48 6.62 14.48
CA VAL F 181 3.98 7.17 15.77
C VAL F 181 4.80 8.38 16.26
N TYR F 182 4.19 9.23 17.12
CA TYR F 182 4.79 10.43 17.71
C TYR F 182 4.36 10.59 19.17
N ILE F 183 5.33 10.82 20.08
CA ILE F 183 5.07 10.99 21.52
C ILE F 183 5.35 12.42 21.97
N SER F 184 4.37 13.06 22.63
CA SER F 184 4.48 14.44 23.12
C SER F 184 3.99 14.56 24.56
N LEU F 185 4.90 14.91 25.49
CA LEU F 185 4.59 15.08 26.91
C LEU F 185 3.82 16.37 27.16
N LEU F 186 2.89 16.33 28.13
CA LEU F 186 2.07 17.48 28.53
C LEU F 186 2.67 18.17 29.75
N UNK G 1 -5.82 -18.24 -47.33
CA UNK G 1 -6.33 -19.25 -46.40
C UNK G 1 -7.30 -20.21 -47.09
N UNK G 2 -7.12 -21.52 -46.86
CA UNK G 2 -7.96 -22.58 -47.43
C UNK G 2 -8.65 -23.43 -46.36
N UNK G 3 -9.26 -24.55 -46.79
CA UNK G 3 -9.97 -25.49 -45.92
C UNK G 3 -9.01 -26.33 -45.07
N UNK G 4 -7.82 -26.64 -45.62
CA UNK G 4 -6.77 -27.42 -44.94
C UNK G 4 -5.69 -26.49 -44.35
N UNK G 5 -6.05 -25.20 -44.11
CA UNK G 5 -5.25 -24.10 -43.55
C UNK G 5 -4.08 -23.62 -44.46
N UNK G 6 -4.02 -24.13 -45.71
CA UNK G 6 -3.00 -23.76 -46.70
C UNK G 6 -3.28 -22.35 -47.26
N UNK G 7 -2.22 -21.53 -47.40
CA UNK G 7 -2.32 -20.15 -47.89
C UNK G 7 -1.13 -19.71 -48.75
N UNK G 8 -1.25 -18.52 -49.38
CA UNK G 8 -0.22 -17.89 -50.21
C UNK G 8 0.20 -16.56 -49.56
N UNK G 9 1.53 -16.38 -49.35
CA UNK G 9 2.12 -15.21 -48.70
C UNK G 9 1.95 -13.90 -49.49
N UNK G 10 1.36 -12.87 -48.85
CA UNK G 10 1.11 -11.54 -49.42
C UNK G 10 1.01 -10.47 -48.33
N UNK G 11 1.83 -9.40 -48.44
CA UNK G 11 1.88 -8.26 -47.53
C UNK G 11 2.38 -6.99 -48.26
N UNK G 12 1.43 -6.21 -48.81
CA UNK G 12 1.72 -4.98 -49.57
C UNK G 12 1.18 -3.70 -48.92
N UNK G 13 0.68 -3.79 -47.66
CA UNK G 13 0.12 -2.65 -46.91
C UNK G 13 0.79 -2.45 -45.53
N UNK G 14 0.00 -2.30 -44.44
CA UNK G 14 0.48 -2.10 -43.07
C UNK G 14 -0.16 -3.06 -42.05
N UNK G 15 0.57 -3.36 -40.96
CA UNK G 15 0.15 -4.27 -39.89
C UNK G 15 -0.14 -3.58 -38.56
N UNK G 16 -1.11 -4.12 -37.80
CA UNK G 16 -1.53 -3.62 -36.48
C UNK G 16 -0.92 -4.44 -35.32
N UNK G 17 -1.15 -4.00 -34.07
CA UNK G 17 -0.65 -4.65 -32.85
C UNK G 17 -1.35 -5.99 -32.57
N UNK G 18 -0.58 -7.09 -32.67
CA UNK G 18 -1.03 -8.48 -32.45
C UNK G 18 0.15 -9.41 -32.19
N UNK G 19 -0.07 -10.49 -31.40
CA UNK G 19 0.94 -11.49 -31.06
C UNK G 19 0.33 -12.85 -30.74
N UNK G 20 0.97 -13.94 -31.23
CA UNK G 20 0.55 -15.33 -31.02
C UNK G 20 1.12 -15.87 -29.70
N UNK G 21 0.35 -16.74 -29.01
CA UNK G 21 0.74 -17.33 -27.73
C UNK G 21 1.74 -18.49 -27.87
N UNK G 22 2.89 -18.36 -27.19
CA UNK G 22 3.97 -19.36 -27.19
C UNK G 22 3.75 -20.41 -26.11
N UNK G 23 4.15 -21.67 -26.40
CA UNK G 23 4.02 -22.86 -25.55
C UNK G 23 2.56 -23.15 -25.13
N UNK G 24 1.86 -23.96 -25.96
CA UNK G 24 0.46 -24.33 -25.73
C UNK G 24 0.32 -25.24 -24.51
N UNK G 25 -0.24 -24.69 -23.41
CA UNK G 25 -0.44 -25.39 -22.14
C UNK G 25 -1.61 -26.36 -22.16
N UNK G 26 -1.46 -27.50 -21.46
CA UNK G 26 -2.49 -28.54 -21.38
C UNK G 26 -2.60 -29.11 -19.97
N UNK G 27 -3.80 -28.94 -19.35
CA UNK G 27 -4.21 -29.39 -18.01
C UNK G 27 -3.15 -29.16 -16.89
N UNK G 28 -2.45 -28.01 -16.95
CA UNK G 28 -1.41 -27.61 -15.99
C UNK G 28 -1.99 -27.23 -14.62
N UNK G 29 -1.09 -27.01 -13.62
CA UNK G 29 -1.44 -26.61 -12.25
C UNK G 29 -2.11 -25.23 -12.20
N UNK G 30 -1.77 -24.37 -13.18
CA UNK G 30 -2.34 -23.03 -13.37
C UNK G 30 -2.22 -22.66 -14.86
N UNK G 31 -3.35 -22.79 -15.58
CA UNK G 31 -3.45 -22.49 -17.01
C UNK G 31 -4.78 -21.81 -17.33
N SER G 96 3.92 -14.42 -26.94
CA SER G 96 4.60 -14.63 -25.67
C SER G 96 3.60 -14.99 -24.57
N GLU G 97 3.87 -16.10 -23.85
CA GLU G 97 3.01 -16.59 -22.77
C GLU G 97 3.83 -17.16 -21.59
N LEU G 98 3.17 -17.98 -20.74
CA LEU G 98 3.73 -18.59 -19.52
C LEU G 98 4.86 -19.61 -19.77
N ARG G 99 5.72 -19.81 -18.75
CA ARG G 99 6.84 -20.73 -18.71
C ARG G 99 7.22 -21.03 -17.25
N LEU G 100 6.24 -21.58 -16.49
CA LEU G 100 6.39 -21.92 -15.07
C LEU G 100 7.13 -23.26 -14.89
N SER G 101 8.16 -23.26 -14.02
CA SER G 101 9.00 -24.43 -13.73
C SER G 101 9.17 -24.67 -12.21
N GLU G 102 9.82 -25.79 -11.83
CA GLU G 102 10.08 -26.16 -10.44
C GLU G 102 11.23 -25.31 -9.91
N GLY G 103 10.94 -24.51 -8.90
CA GLY G 103 11.88 -23.59 -8.27
C GLY G 103 11.41 -22.14 -8.37
N LYS G 104 11.21 -21.65 -9.62
CA LYS G 104 10.75 -20.30 -9.92
C LYS G 104 9.89 -20.26 -11.19
N PHE G 105 8.87 -19.38 -11.22
CA PHE G 105 7.95 -19.17 -12.35
C PHE G 105 8.27 -17.86 -13.07
N GLN G 106 8.26 -17.88 -14.42
CA GLN G 106 8.56 -16.71 -15.26
C GLN G 106 7.79 -16.72 -16.58
N ALA G 107 7.48 -15.51 -17.10
CA ALA G 107 6.75 -15.29 -18.36
C ALA G 107 7.10 -13.94 -18.99
N PHE G 108 7.29 -13.91 -20.33
CA PHE G 108 7.62 -12.69 -21.08
C PHE G 108 6.37 -12.02 -21.68
N LEU G 109 6.52 -10.79 -22.25
CA LEU G 109 5.43 -10.02 -22.85
C LEU G 109 5.86 -9.12 -24.01
N ASP G 110 5.15 -9.19 -25.15
CA ASP G 110 5.40 -8.37 -26.35
C ASP G 110 4.82 -6.96 -26.18
N VAL G 111 5.52 -6.10 -25.40
CA VAL G 111 5.08 -4.72 -25.16
C VAL G 111 5.85 -3.75 -26.09
N SER G 112 6.09 -4.20 -27.34
CA SER G 112 6.80 -3.47 -28.39
C SER G 112 6.03 -2.23 -28.91
N HIS G 113 4.71 -2.18 -28.66
CA HIS G 113 3.84 -1.08 -29.08
C HIS G 113 3.65 0.01 -28.02
N PHE G 114 3.76 -0.37 -26.72
CA PHE G 114 3.57 0.58 -25.61
C PHE G 114 4.87 1.13 -25.04
N THR G 115 4.77 2.29 -24.35
CA THR G 115 5.88 3.00 -23.72
C THR G 115 6.02 2.64 -22.22
N PRO G 116 7.24 2.67 -21.62
CA PRO G 116 7.37 2.34 -20.18
C PRO G 116 6.59 3.26 -19.25
N ASP G 117 6.30 4.49 -19.72
CA ASP G 117 5.52 5.50 -19.01
C ASP G 117 4.05 5.07 -18.93
N GLU G 118 3.57 4.37 -19.98
CA GLU G 118 2.19 3.89 -20.10
C GLU G 118 2.01 2.41 -19.66
N VAL G 119 2.94 1.89 -18.82
CA VAL G 119 2.89 0.52 -18.31
C VAL G 119 2.77 0.51 -16.77
N THR G 120 1.72 -0.15 -16.25
CA THR G 120 1.45 -0.29 -14.81
C THR G 120 1.15 -1.76 -14.49
N VAL G 121 2.02 -2.40 -13.70
CA VAL G 121 1.88 -3.81 -13.31
C VAL G 121 1.56 -3.90 -11.82
N ARG G 122 0.33 -4.35 -11.50
CA ARG G 122 -0.15 -4.52 -10.13
C ARG G 122 -0.39 -6.00 -9.82
N THR G 123 -0.31 -6.40 -8.54
CA THR G 123 -0.53 -7.79 -8.14
C THR G 123 -1.74 -7.94 -7.21
N VAL G 124 -2.91 -8.22 -7.79
CA VAL G 124 -4.16 -8.42 -7.05
C VAL G 124 -4.21 -9.88 -6.59
N ASP G 125 -3.64 -10.12 -5.39
CA ASP G 125 -3.53 -11.43 -4.70
C ASP G 125 -2.73 -12.46 -5.54
N ASN G 126 -3.39 -13.56 -5.97
CA ASN G 126 -2.78 -14.63 -6.77
C ASN G 126 -2.91 -14.35 -8.29
N LEU G 127 -2.98 -13.07 -8.67
CA LEU G 127 -3.10 -12.61 -10.06
C LEU G 127 -2.11 -11.48 -10.31
N LEU G 128 -1.21 -11.66 -11.30
CA LEU G 128 -0.21 -10.67 -11.69
C LEU G 128 -0.74 -9.89 -12.90
N GLU G 129 -1.52 -8.83 -12.62
CA GLU G 129 -2.18 -7.97 -13.60
C GLU G 129 -1.21 -7.10 -14.39
N VAL G 130 -1.32 -7.13 -15.73
CA VAL G 130 -0.50 -6.36 -16.66
C VAL G 130 -1.43 -5.48 -17.52
N SER G 131 -1.41 -4.16 -17.27
CA SER G 131 -2.23 -3.19 -18.00
C SER G 131 -1.38 -2.33 -18.95
N ALA G 132 -2.02 -1.72 -19.96
CA ALA G 132 -1.31 -0.88 -20.93
C ALA G 132 -1.97 0.48 -21.19
N ARG G 133 -2.63 0.67 -22.36
CA ARG G 133 -3.31 1.88 -22.84
C ARG G 133 -2.33 2.99 -23.26
N HIS G 134 -2.40 3.40 -24.55
CA HIS G 134 -1.58 4.45 -25.16
C HIS G 134 -2.44 5.41 -26.00
N PRO G 135 -2.18 6.74 -25.95
CA PRO G 135 -3.00 7.67 -26.76
C PRO G 135 -2.73 7.60 -28.26
N GLN G 136 -3.67 8.12 -29.07
CA GLN G 136 -3.60 8.14 -30.54
C GLN G 136 -2.38 8.92 -31.03
N ARG G 137 -1.44 8.20 -31.66
CA ARG G 137 -0.18 8.77 -32.17
C ARG G 137 -0.27 9.12 -33.67
N LEU G 138 0.62 8.56 -34.51
CA LEU G 138 0.67 8.81 -35.95
C LEU G 138 0.96 7.54 -36.76
N ASP G 139 1.69 6.57 -36.16
CA ASP G 139 2.08 5.27 -36.75
C ASP G 139 2.85 5.44 -38.06
N ARG G 140 2.11 5.53 -39.19
CA ARG G 140 2.61 5.70 -40.56
C ARG G 140 1.46 6.07 -41.51
N HIS G 141 0.24 5.58 -41.20
CA HIS G 141 -0.98 5.81 -41.98
C HIS G 141 -1.97 6.76 -41.30
N GLY G 142 -2.16 6.59 -39.98
CA GLY G 142 -3.07 7.41 -39.18
C GLY G 142 -2.91 7.28 -37.68
N PHE G 143 -3.68 8.09 -36.92
CA PHE G 143 -3.69 8.11 -35.46
C PHE G 143 -4.22 6.79 -34.90
N VAL G 144 -3.37 6.06 -34.13
CA VAL G 144 -3.70 4.76 -33.55
C VAL G 144 -3.61 4.77 -32.01
N SER G 145 -4.73 4.46 -31.33
CA SER G 145 -4.85 4.38 -29.88
C SER G 145 -5.07 2.92 -29.48
N ARG G 146 -4.10 2.33 -28.76
CA ARG G 146 -4.15 0.91 -28.35
C ARG G 146 -4.27 0.71 -26.83
N GLU G 147 -4.78 -0.47 -26.40
CA GLU G 147 -4.95 -0.87 -24.99
C GLU G 147 -5.06 -2.40 -24.89
N PHE G 148 -4.29 -3.02 -23.98
CA PHE G 148 -4.28 -4.47 -23.77
C PHE G 148 -3.92 -4.85 -22.33
N CYS G 149 -4.85 -5.56 -21.65
CA CYS G 149 -4.69 -6.01 -20.26
C CYS G 149 -4.65 -7.54 -20.18
N ARG G 150 -3.45 -8.12 -20.01
CA ARG G 150 -3.27 -9.57 -19.91
C ARG G 150 -2.84 -9.99 -18.51
N THR G 151 -3.80 -10.54 -17.75
CA THR G 151 -3.60 -11.04 -16.39
C THR G 151 -3.26 -12.53 -16.41
N TYR G 152 -2.35 -12.95 -15.52
CA TYR G 152 -1.95 -14.36 -15.40
C TYR G 152 -2.36 -14.91 -14.05
N VAL G 153 -2.99 -16.09 -14.05
CA VAL G 153 -3.40 -16.74 -12.81
C VAL G 153 -2.17 -17.44 -12.23
N LEU G 154 -1.57 -16.84 -11.20
CA LEU G 154 -0.36 -17.34 -10.54
C LEU G 154 -0.69 -18.65 -9.78
N PRO G 155 0.19 -19.68 -9.84
CA PRO G 155 -0.10 -20.95 -9.15
C PRO G 155 -0.23 -20.85 -7.63
N ALA G 156 -0.89 -21.85 -7.02
CA ALA G 156 -1.14 -21.93 -5.58
C ALA G 156 0.16 -21.97 -4.74
N ASP G 157 1.26 -22.54 -5.30
CA ASP G 157 2.56 -22.61 -4.61
C ASP G 157 3.50 -21.46 -5.03
N VAL G 158 2.95 -20.24 -5.20
CA VAL G 158 3.70 -19.04 -5.58
C VAL G 158 3.32 -17.87 -4.67
N ASP G 159 4.35 -17.16 -4.15
CA ASP G 159 4.21 -15.99 -3.27
C ASP G 159 3.43 -14.87 -3.98
N PRO G 160 2.50 -14.16 -3.27
CA PRO G 160 1.77 -13.05 -3.93
C PRO G 160 2.72 -11.91 -4.34
N TRP G 161 3.75 -11.67 -3.50
CA TRP G 161 4.79 -10.67 -3.72
C TRP G 161 5.98 -11.33 -4.46
N ARG G 162 7.19 -10.73 -4.36
CA ARG G 162 8.44 -11.17 -4.97
C ARG G 162 8.35 -11.27 -6.52
N VAL G 163 7.58 -10.34 -7.13
CA VAL G 163 7.36 -10.27 -8.58
C VAL G 163 8.34 -9.26 -9.19
N ARG G 164 9.38 -9.78 -9.87
CA ARG G 164 10.42 -8.99 -10.52
C ARG G 164 10.13 -8.82 -12.02
N ALA G 165 9.79 -7.59 -12.43
CA ALA G 165 9.47 -7.23 -13.82
C ALA G 165 10.49 -6.24 -14.37
N ALA G 166 11.00 -6.52 -15.58
CA ALA G 166 12.00 -5.67 -16.23
C ALA G 166 11.69 -5.44 -17.71
N LEU G 167 11.88 -4.18 -18.16
CA LEU G 167 11.66 -3.78 -19.54
C LEU G 167 12.99 -3.69 -20.27
N SER G 168 13.21 -4.59 -21.24
CA SER G 168 14.44 -4.65 -22.04
C SER G 168 14.59 -3.47 -23.02
N HIS G 169 15.81 -3.32 -23.59
CA HIS G 169 16.15 -2.27 -24.56
C HIS G 169 15.33 -2.35 -25.84
N ASP G 170 14.91 -3.57 -26.23
CA ASP G 170 14.09 -3.85 -27.42
C ASP G 170 12.65 -3.38 -27.24
N GLY G 171 12.08 -3.63 -26.05
CA GLY G 171 10.71 -3.27 -25.70
C GLY G 171 9.88 -4.50 -25.34
N ILE G 172 10.32 -5.24 -24.30
CA ILE G 172 9.66 -6.45 -23.82
C ILE G 172 9.69 -6.54 -22.29
N LEU G 173 8.56 -6.95 -21.68
CA LEU G 173 8.42 -7.09 -20.23
C LEU G 173 8.64 -8.54 -19.80
N ASN G 174 9.70 -8.77 -19.01
CA ASN G 174 10.04 -10.09 -18.48
C ASN G 174 9.72 -10.19 -17.00
N LEU G 175 8.70 -10.99 -16.67
CA LEU G 175 8.22 -11.21 -15.30
C LEU G 175 8.89 -12.44 -14.68
N GLU G 176 9.01 -12.45 -13.33
CA GLU G 176 9.62 -13.55 -12.56
C GLU G 176 9.15 -13.54 -11.10
N ALA G 177 8.67 -14.69 -10.62
CA ALA G 177 8.20 -14.90 -9.25
C ALA G 177 8.69 -16.28 -8.74
N PRO G 178 9.34 -16.35 -7.57
CA PRO G 178 9.85 -17.65 -7.10
C PRO G 178 8.79 -18.53 -6.44
N ARG G 179 8.78 -19.83 -6.81
CA ARG G 179 7.84 -20.83 -6.29
C ARG G 179 8.19 -21.20 -4.84
N GLY G 180 7.18 -21.14 -3.98
CA GLY G 180 7.29 -21.44 -2.55
C GLY G 180 6.64 -20.40 -1.68
N GLY G 181 5.34 -20.21 -1.86
CA GLY G 181 4.54 -19.23 -1.10
C GLY G 181 3.62 -19.88 -0.10
N ARG G 182 2.52 -20.48 -0.59
CA ARG G 182 1.52 -21.15 0.23
C ARG G 182 1.75 -22.67 0.32
N HIS G 183 1.23 -23.30 1.39
CA HIS G 183 1.32 -24.75 1.64
C HIS G 183 0.60 -25.53 0.54
N LEU G 184 -0.58 -25.02 0.11
CA LEU G 184 -1.48 -25.50 -0.95
C LEU G 184 -1.95 -26.96 -0.79
N ASP G 185 -3.26 -27.12 -0.53
CA ASP G 185 -3.92 -28.41 -0.38
C ASP G 185 -4.73 -28.75 -1.64
N THR G 186 -5.34 -29.97 -1.69
CA THR G 186 -6.17 -30.53 -2.76
C THR G 186 -5.42 -30.61 -4.10
N VAL G 188 -9.88 -30.99 -5.19
CA VAL G 188 -10.17 -32.38 -5.57
C VAL G 188 -11.53 -32.84 -4.99
N ASN G 189 -11.79 -34.18 -4.98
CA ASN G 189 -13.00 -34.88 -4.49
C ASN G 189 -14.19 -34.73 -5.45
N GLU G 190 -14.90 -35.85 -5.69
CA GLU G 190 -16.05 -35.92 -6.58
C GLU G 190 -17.37 -35.80 -5.81
N VAL G 191 -18.29 -34.93 -6.30
CA VAL G 191 -19.61 -34.70 -5.69
C VAL G 191 -20.66 -35.71 -6.20
N TYR G 192 -21.56 -36.15 -5.30
CA TYR G 192 -22.63 -37.11 -5.58
C TYR G 192 -23.83 -36.48 -6.30
N ILE G 193 -24.64 -37.32 -6.96
CA ILE G 193 -25.84 -36.92 -7.70
C ILE G 193 -27.11 -37.32 -6.92
N SER G 194 -28.12 -36.43 -6.91
CA SER G 194 -29.40 -36.67 -6.22
C SER G 194 -30.41 -37.46 -7.07
N LEU G 195 -30.36 -37.31 -8.41
CA LEU G 195 -31.21 -37.96 -9.42
C LEU G 195 -32.70 -37.66 -9.23
N MET H 1 -6.94 -51.25 -40.97
CA MET H 1 -6.24 -51.28 -42.25
C MET H 1 -6.76 -50.20 -43.23
N ALA H 2 -5.95 -49.90 -44.27
CA ALA H 2 -6.21 -48.92 -45.36
C ALA H 2 -6.58 -47.51 -44.85
N LYS H 3 -5.55 -46.67 -44.58
CA LYS H 3 -5.73 -45.30 -44.10
C LYS H 3 -6.20 -44.38 -45.24
N ILE H 4 -7.49 -43.99 -45.21
CA ILE H 4 -8.14 -43.14 -46.23
C ILE H 4 -7.97 -41.65 -45.96
N ILE H 5 -7.48 -40.92 -46.98
CA ILE H 5 -7.23 -39.47 -46.92
C ILE H 5 -8.49 -38.65 -47.18
N LEU H 6 -8.66 -37.55 -46.42
CA LEU H 6 -9.80 -36.63 -46.53
C LEU H 6 -9.51 -35.49 -47.52
N ARG H 7 -10.57 -34.88 -48.11
CA ARG H 7 -10.43 -33.80 -49.09
C ARG H 7 -11.48 -32.67 -48.92
N HIS H 8 -11.83 -31.97 -50.03
CA HIS H 8 -12.77 -30.84 -50.16
C HIS H 8 -12.35 -29.62 -49.36
N LEU H 9 -11.78 -28.62 -50.05
CA LEU H 9 -11.29 -27.38 -49.45
C LEU H 9 -11.53 -26.17 -50.36
N ILE H 10 -12.19 -25.14 -49.83
CA ILE H 10 -12.51 -23.90 -50.55
C ILE H 10 -11.25 -23.05 -50.77
N GLY H 67 -3.27 3.56 -57.01
CA GLY H 67 -2.69 4.91 -57.02
C GLY H 67 -3.31 5.77 -58.12
N LYS H 68 -3.77 6.99 -57.74
CA LYS H 68 -4.41 7.99 -58.61
C LYS H 68 -5.66 7.44 -59.31
N SER H 69 -6.70 7.17 -58.51
CA SER H 69 -7.97 6.63 -58.98
C SER H 69 -8.71 5.78 -57.98
N HIS H 70 -7.99 5.21 -57.00
CA HIS H 70 -8.56 4.36 -55.95
C HIS H 70 -7.79 4.48 -54.63
N PHE H 71 -8.52 4.64 -53.51
CA PHE H 71 -7.95 4.75 -52.17
C PHE H 71 -8.32 3.54 -51.32
N GLN H 72 -7.31 2.89 -50.71
CA GLN H 72 -7.50 1.69 -49.89
C GLN H 72 -6.75 1.77 -48.56
N ILE H 73 -7.35 1.17 -47.50
CA ILE H 73 -6.79 1.11 -46.15
C ILE H 73 -7.10 -0.26 -45.53
N LEU H 74 -6.05 -0.94 -45.01
CA LEU H 74 -6.18 -2.27 -44.41
C LEU H 74 -5.45 -2.38 -43.06
N LEU H 75 -6.09 -3.04 -42.08
CA LEU H 75 -5.56 -3.25 -40.73
C LEU H 75 -5.63 -4.74 -40.35
N ASP H 76 -4.78 -5.18 -39.39
CA ASP H 76 -4.75 -6.56 -38.93
C ASP H 76 -5.80 -6.84 -37.82
N VAL H 77 -7.02 -7.20 -38.25
CA VAL H 77 -8.14 -7.51 -37.37
C VAL H 77 -8.31 -9.04 -37.17
N VAL H 78 -7.16 -9.74 -36.99
CA VAL H 78 -7.11 -11.18 -36.75
C VAL H 78 -7.25 -11.48 -35.25
N GLN H 79 -6.73 -10.57 -34.40
CA GLN H 79 -6.81 -10.68 -32.95
C GLN H 79 -8.24 -10.50 -32.41
N PHE H 80 -9.08 -9.68 -33.10
CA PHE H 80 -10.47 -9.40 -32.71
C PHE H 80 -11.52 -10.12 -33.58
N LEU H 81 -12.76 -10.23 -33.07
CA LEU H 81 -13.91 -10.90 -33.71
C LEU H 81 -14.60 -10.01 -34.79
N PRO H 82 -15.29 -10.59 -35.82
CA PRO H 82 -15.93 -9.75 -36.85
C PRO H 82 -17.00 -8.78 -36.34
N GLU H 83 -17.66 -9.12 -35.23
CA GLU H 83 -18.66 -8.27 -34.59
C GLU H 83 -17.93 -7.14 -33.84
N ASP H 84 -16.74 -7.44 -33.29
CA ASP H 84 -15.88 -6.50 -32.57
C ASP H 84 -15.02 -5.72 -33.59
N ILE H 85 -15.66 -4.75 -34.28
CA ILE H 85 -15.09 -3.85 -35.29
C ILE H 85 -16.07 -2.68 -35.53
N ILE H 86 -15.55 -1.43 -35.56
CA ILE H 86 -16.40 -0.26 -35.77
C ILE H 86 -16.57 0.07 -37.26
N ILE H 87 -15.52 0.60 -37.94
CA ILE H 87 -15.47 1.00 -39.36
C ILE H 87 -16.55 2.06 -39.72
N GLN H 88 -17.04 2.82 -38.71
CA GLN H 88 -18.06 3.87 -38.90
C GLN H 88 -17.48 5.11 -39.59
N THR H 89 -17.93 5.37 -40.83
CA THR H 89 -17.50 6.50 -41.67
C THR H 89 -17.96 7.83 -41.08
N PHE H 90 -17.01 8.79 -40.96
CA PHE H 90 -17.26 10.13 -40.40
C PHE H 90 -16.65 11.24 -41.27
N GLU H 91 -16.93 11.19 -42.60
CA GLU H 91 -16.52 12.13 -43.65
C GLU H 91 -14.99 12.40 -43.72
N GLY H 92 -14.50 13.37 -42.91
CA GLY H 92 -13.09 13.81 -42.84
C GLY H 92 -12.10 12.71 -42.48
N TRP H 93 -12.56 11.68 -41.73
CA TRP H 93 -11.75 10.54 -41.30
C TRP H 93 -12.61 9.31 -40.99
N LEU H 94 -12.10 8.12 -41.34
CA LEU H 94 -12.75 6.84 -41.07
C LEU H 94 -12.15 6.28 -39.78
N LEU H 95 -13.01 5.80 -38.86
CA LEU H 95 -12.55 5.27 -37.58
C LEU H 95 -13.06 3.87 -37.31
N ILE H 96 -12.18 3.00 -36.79
CA ILE H 96 -12.47 1.60 -36.45
C ILE H 96 -11.85 1.26 -35.09
N LYS H 97 -12.57 0.46 -34.29
CA LYS H 97 -12.12 0.06 -32.95
C LYS H 97 -12.28 -1.45 -32.73
N ALA H 98 -11.30 -2.08 -32.05
CA ALA H 98 -11.32 -3.51 -31.75
C ALA H 98 -12.32 -3.87 -30.65
N GLN H 99 -11.98 -3.61 -29.35
CA GLN H 99 -12.79 -3.88 -28.16
C GLN H 99 -13.27 -5.34 -28.07
N HIS H 100 -12.43 -6.21 -27.48
CA HIS H 100 -12.70 -7.64 -27.29
C HIS H 100 -12.12 -8.17 -25.98
N GLY H 101 -12.89 -9.08 -25.37
CA GLY H 101 -13.08 -9.03 -23.91
C GLY H 101 -12.11 -9.97 -23.19
N THR H 102 -12.18 -10.01 -21.83
CA THR H 102 -11.32 -10.86 -21.00
C THR H 102 -11.60 -12.34 -21.23
N ARG H 103 -10.91 -12.92 -22.23
CA ARG H 103 -11.04 -14.33 -22.62
C ARG H 103 -9.88 -15.16 -22.04
N MET H 104 -10.01 -16.51 -22.09
CA MET H 104 -9.03 -17.47 -21.57
C MET H 104 -7.62 -17.33 -22.18
N ASP H 105 -7.53 -16.94 -23.47
CA ASP H 105 -6.31 -16.71 -24.27
C ASP H 105 -5.23 -17.82 -24.14
N GLU H 106 -5.67 -19.06 -23.86
CA GLU H 106 -4.87 -20.28 -23.67
C GLU H 106 -4.04 -20.25 -22.37
N HIS H 107 -3.23 -19.20 -22.16
CA HIS H 107 -2.38 -19.05 -20.96
C HIS H 107 -3.14 -18.40 -19.78
N GLY H 108 -3.49 -17.13 -19.91
CA GLY H 108 -4.22 -16.38 -18.88
C GLY H 108 -5.25 -15.43 -19.44
N PHE H 109 -6.12 -14.89 -18.56
CA PHE H 109 -7.20 -13.94 -18.93
C PHE H 109 -6.66 -12.64 -19.54
N ILE H 110 -7.03 -12.35 -20.80
CA ILE H 110 -6.57 -11.17 -21.54
C ILE H 110 -7.70 -10.39 -22.21
N SER H 111 -7.77 -9.06 -21.95
CA SER H 111 -8.77 -8.15 -22.51
C SER H 111 -8.09 -7.04 -23.32
N ARG H 112 -8.45 -6.91 -24.62
CA ARG H 112 -7.85 -5.92 -25.52
C ARG H 112 -8.88 -4.98 -26.18
N SER H 113 -8.41 -3.77 -26.59
CA SER H 113 -9.21 -2.74 -27.25
C SER H 113 -8.28 -1.77 -27.99
N PHE H 114 -8.45 -1.61 -29.31
CA PHE H 114 -7.61 -0.73 -30.12
C PHE H 114 -8.39 0.09 -31.14
N THR H 115 -8.49 1.40 -30.90
CA THR H 115 -9.20 2.35 -31.77
C THR H 115 -8.23 3.11 -32.66
N ARG H 116 -8.43 3.02 -33.98
CA ARG H 116 -7.61 3.69 -34.99
C ARG H 116 -8.47 4.56 -35.90
N GLN H 117 -7.99 5.79 -36.18
CA GLN H 117 -8.68 6.76 -37.04
C GLN H 117 -7.71 7.37 -38.06
N TYR H 118 -7.88 6.99 -39.34
CA TYR H 118 -7.04 7.46 -40.44
C TYR H 118 -7.65 8.69 -41.11
N LYS H 119 -6.87 9.79 -41.21
CA LYS H 119 -7.29 11.05 -41.82
C LYS H 119 -7.36 10.92 -43.35
N LEU H 120 -8.57 11.10 -43.92
CA LEU H 120 -8.83 11.02 -45.35
C LEU H 120 -8.21 12.20 -46.12
N PRO H 121 -7.77 12.04 -47.40
CA PRO H 121 -7.18 13.18 -48.13
C PRO H 121 -8.22 14.22 -48.59
N ASP H 122 -7.74 15.40 -49.04
CA ASP H 122 -8.57 16.51 -49.52
C ASP H 122 -9.48 16.13 -50.70
N GLY H 123 -8.96 15.32 -51.64
CA GLY H 123 -9.71 14.86 -52.82
C GLY H 123 -10.40 13.51 -52.54
N VAL H 124 -11.20 13.45 -51.46
CA VAL H 124 -11.95 12.26 -51.03
C VAL H 124 -13.32 12.62 -50.47
N GLU H 125 -14.32 11.75 -50.72
CA GLU H 125 -15.71 11.94 -50.25
C GLU H 125 -16.39 10.61 -49.96
N ILE H 126 -17.37 10.63 -49.04
CA ILE H 126 -17.40 9.61 -47.97
C ILE H 126 -18.28 8.43 -48.33
N LYS H 127 -19.49 8.69 -48.88
CA LYS H 127 -20.44 7.66 -49.28
C LYS H 127 -20.01 6.98 -50.59
N ASP H 128 -19.06 6.02 -50.46
CA ASP H 128 -18.47 5.24 -51.56
C ASP H 128 -17.80 3.98 -51.03
N LEU H 129 -17.25 4.04 -49.80
CA LEU H 129 -16.55 2.95 -49.13
C LEU H 129 -17.47 1.78 -48.78
N SER H 130 -17.07 0.56 -49.17
CA SER H 130 -17.81 -0.67 -48.91
C SER H 130 -17.27 -1.35 -47.65
N ALA H 131 -15.98 -1.78 -47.68
CA ALA H 131 -15.21 -2.45 -46.62
C ALA H 131 -15.75 -3.83 -46.18
N VAL H 132 -14.87 -4.84 -46.18
CA VAL H 132 -15.21 -6.22 -45.79
C VAL H 132 -14.03 -6.90 -45.08
N LEU H 133 -14.34 -7.80 -44.11
CA LEU H 133 -13.34 -8.54 -43.36
C LEU H 133 -13.02 -9.86 -44.07
N CYS H 134 -11.74 -10.04 -44.46
CA CYS H 134 -11.26 -11.23 -45.18
C CYS H 134 -11.07 -12.44 -44.24
N HIS H 135 -11.20 -13.67 -44.81
CA HIS H 135 -11.06 -14.94 -44.09
C HIS H 135 -9.67 -15.14 -43.46
N ASP H 136 -8.64 -14.44 -43.98
CA ASP H 136 -7.26 -14.51 -43.49
C ASP H 136 -7.14 -13.89 -42.09
N GLY H 137 -7.38 -12.58 -41.99
CA GLY H 137 -7.32 -11.84 -40.75
C GLY H 137 -7.00 -10.36 -40.94
N ILE H 138 -7.72 -9.71 -41.88
CA ILE H 138 -7.58 -8.29 -42.20
C ILE H 138 -8.87 -7.70 -42.76
N LEU H 139 -9.26 -6.50 -42.29
CA LEU H 139 -10.46 -5.80 -42.75
C LEU H 139 -10.08 -4.77 -43.82
N VAL H 140 -10.20 -5.18 -45.10
CA VAL H 140 -9.83 -4.37 -46.26
C VAL H 140 -10.94 -3.42 -46.73
N VAL H 141 -10.56 -2.23 -47.21
CA VAL H 141 -11.45 -1.18 -47.73
C VAL H 141 -11.17 -0.92 -49.22
N GLU H 142 -12.24 -0.77 -50.03
CA GLU H 142 -12.13 -0.53 -51.48
C GLU H 142 -12.25 0.94 -51.86
N VAL H 143 -13.30 1.62 -51.36
CA VAL H 143 -13.63 3.04 -51.58
C VAL H 143 -13.54 3.50 -53.06
N LYS H 144 -12.48 4.24 -53.46
CA LYS H 144 -12.67 5.64 -53.91
C LYS H 144 -14.11 6.18 -53.85
N UNK I 1 -23.34 -29.46 -49.04
CA UNK I 1 -22.80 -28.47 -48.12
C UNK I 1 -22.82 -27.05 -48.71
N UNK I 2 -21.77 -26.27 -48.42
CA UNK I 2 -21.61 -24.88 -48.87
C UNK I 2 -20.17 -24.47 -48.57
N UNK I 3 -19.29 -24.52 -49.59
CA UNK I 3 -17.87 -24.20 -49.44
C UNK I 3 -17.56 -22.77 -49.85
N UNK I 4 -17.67 -21.83 -48.88
CA UNK I 4 -17.39 -20.38 -48.97
C UNK I 4 -18.20 -19.61 -50.05
N UNK I 5 -18.95 -20.34 -50.92
CA UNK I 5 -19.77 -19.77 -51.99
C UNK I 5 -21.13 -20.48 -52.00
N UNK I 6 -21.51 -21.10 -53.13
CA UNK I 6 -22.78 -21.83 -53.28
C UNK I 6 -22.55 -23.24 -53.78
N UNK I 7 -22.90 -24.25 -52.96
CA UNK I 7 -22.75 -25.66 -53.28
C UNK I 7 -24.09 -26.40 -53.23
N UNK I 8 -24.23 -27.46 -54.06
CA UNK I 8 -25.44 -28.27 -54.14
C UNK I 8 -25.24 -29.70 -53.64
N UNK I 9 -26.18 -30.19 -52.82
CA UNK I 9 -26.21 -31.53 -52.23
C UNK I 9 -27.61 -31.85 -51.67
N UNK I 10 -27.78 -33.07 -51.12
CA UNK I 10 -29.02 -33.55 -50.51
C UNK I 10 -28.74 -34.14 -49.13
N UNK I 11 -29.40 -33.59 -48.08
CA UNK I 11 -29.24 -34.05 -46.70
C UNK I 11 -30.38 -34.99 -46.31
N UNK I 12 -30.04 -36.25 -45.98
CA UNK I 12 -31.01 -37.28 -45.62
C UNK I 12 -31.04 -37.58 -44.10
N UNK I 13 -30.29 -38.61 -43.65
CA UNK I 13 -30.22 -39.03 -42.24
C UNK I 13 -28.78 -39.28 -41.82
N UNK I 14 -20.19 -40.20 -35.84
CA UNK I 14 -20.84 -38.93 -35.59
C UNK I 14 -20.45 -38.34 -34.23
N UNK I 15 -20.43 -37.00 -34.13
CA UNK I 15 -20.08 -36.26 -32.92
C UNK I 15 -21.08 -35.12 -32.64
N UNK I 16 -21.48 -34.97 -31.36
CA UNK I 16 -22.43 -33.95 -30.92
C UNK I 16 -21.75 -32.60 -30.65
N UNK I 17 -22.51 -31.49 -30.81
CA UNK I 17 -22.02 -30.12 -30.60
C UNK I 17 -23.17 -29.17 -30.22
N UNK I 18 -23.11 -28.63 -28.98
CA UNK I 18 -24.12 -27.70 -28.46
C UNK I 18 -23.52 -26.32 -28.22
N UNK I 19 -24.23 -25.26 -28.66
CA UNK I 19 -23.80 -23.86 -28.52
C UNK I 19 -24.08 -23.29 -27.13
N UNK I 20 -23.11 -22.55 -26.57
CA UNK I 20 -23.18 -21.93 -25.24
C UNK I 20 -24.21 -20.78 -25.19
N UNK I 21 -24.69 -20.45 -23.97
CA UNK I 21 -25.66 -19.38 -23.75
C UNK I 21 -25.02 -18.15 -23.08
N GLU I 87 -22.57 -24.72 -21.35
CA GLU I 87 -23.61 -24.55 -22.36
C GLU I 87 -24.65 -23.51 -21.96
N LEU I 88 -24.80 -23.24 -20.66
CA LEU I 88 -25.77 -22.27 -20.12
C LEU I 88 -25.08 -21.10 -19.39
N ARG I 89 -24.57 -21.35 -18.16
CA ARG I 89 -23.85 -20.43 -17.26
C ARG I 89 -24.67 -19.22 -16.76
N LEU I 90 -24.59 -18.96 -15.44
CA LEU I 90 -25.25 -17.85 -14.73
C LEU I 90 -24.52 -17.58 -13.42
N SER I 91 -24.16 -16.30 -13.15
CA SER I 91 -23.42 -15.90 -11.95
C SER I 91 -24.18 -14.93 -11.03
N GLU I 92 -23.46 -14.35 -10.02
CA GLU I 92 -23.92 -13.38 -9.00
C GLU I 92 -24.95 -13.98 -8.03
N GLY I 93 -24.51 -14.19 -6.78
CA GLY I 93 -25.34 -14.74 -5.71
C GLY I 93 -25.38 -16.25 -5.69
N LYS I 94 -25.66 -16.87 -6.85
CA LYS I 94 -25.74 -18.31 -7.04
C LYS I 94 -25.29 -18.68 -8.46
N PHE I 95 -24.20 -19.46 -8.57
CA PHE I 95 -23.65 -19.95 -9.83
C PHE I 95 -24.37 -21.23 -10.26
N GLN I 96 -24.65 -21.36 -11.57
CA GLN I 96 -25.33 -22.53 -12.15
C GLN I 96 -24.96 -22.77 -13.61
N ALA I 97 -24.83 -24.05 -14.01
CA ALA I 97 -24.49 -24.45 -15.38
C ALA I 97 -25.22 -25.74 -15.80
N PHE I 98 -25.78 -25.74 -17.03
CA PHE I 98 -26.51 -26.87 -17.61
C PHE I 98 -25.71 -27.53 -18.74
N LEU I 99 -25.81 -28.87 -18.85
CA LEU I 99 -25.12 -29.66 -19.88
C LEU I 99 -26.01 -30.78 -20.42
N ASP I 100 -26.14 -30.86 -21.76
CA ASP I 100 -26.93 -31.90 -22.44
C ASP I 100 -26.15 -33.22 -22.38
N VAL I 101 -26.38 -33.99 -21.31
CA VAL I 101 -25.71 -35.26 -21.01
C VAL I 101 -26.44 -36.49 -21.61
N SER I 102 -27.66 -36.26 -22.17
CA SER I 102 -28.59 -37.24 -22.77
C SER I 102 -27.97 -38.51 -23.37
N HIS I 103 -26.83 -38.39 -24.09
CA HIS I 103 -26.14 -39.51 -24.74
C HIS I 103 -25.52 -40.53 -23.76
N PHE I 104 -25.03 -40.07 -22.59
CA PHE I 104 -24.40 -40.93 -21.58
C PHE I 104 -25.34 -41.38 -20.46
N THR I 105 -25.06 -42.57 -19.88
CA THR I 105 -25.84 -43.15 -18.78
C THR I 105 -25.50 -42.46 -17.43
N PRO I 106 -26.36 -42.53 -16.38
CA PRO I 106 -26.03 -41.85 -15.11
C PRO I 106 -24.81 -42.42 -14.36
N ASP I 107 -24.40 -43.65 -14.71
CA ASP I 107 -23.25 -44.32 -14.13
C ASP I 107 -21.96 -43.88 -14.83
N GLU I 108 -22.07 -43.50 -16.12
CA GLU I 108 -20.96 -43.06 -16.97
C GLU I 108 -20.71 -41.55 -16.90
N VAL I 109 -20.72 -40.99 -15.67
CA VAL I 109 -20.47 -39.57 -15.37
C VAL I 109 -19.87 -39.40 -13.99
N THR I 110 -18.75 -38.67 -13.91
CA THR I 110 -18.02 -38.37 -12.67
C THR I 110 -17.57 -36.91 -12.66
N VAL I 111 -18.21 -36.09 -11.81
CA VAL I 111 -17.93 -34.65 -11.69
C VAL I 111 -16.97 -34.38 -10.52
N ARG I 112 -15.78 -33.82 -10.83
CA ARG I 112 -14.72 -33.50 -9.86
C ARG I 112 -14.61 -32.00 -9.62
N THR I 113 -14.22 -31.61 -8.40
CA THR I 113 -13.99 -30.22 -8.03
C THR I 113 -12.51 -30.00 -7.68
N VAL I 114 -11.64 -30.16 -8.70
CA VAL I 114 -10.19 -29.99 -8.54
C VAL I 114 -9.85 -28.49 -8.35
N ASP I 115 -9.31 -28.16 -7.15
CA ASP I 115 -8.92 -26.81 -6.71
C ASP I 115 -10.11 -25.82 -6.78
N ASN I 116 -10.29 -25.16 -7.94
CA ASN I 116 -11.38 -24.21 -8.20
C ASN I 116 -11.82 -24.31 -9.68
N LEU I 117 -12.19 -25.54 -10.08
CA LEU I 117 -12.65 -25.92 -11.42
C LEU I 117 -13.73 -26.98 -11.28
N LEU I 118 -14.57 -27.15 -12.32
CA LEU I 118 -15.62 -28.17 -12.32
C LEU I 118 -15.43 -29.07 -13.54
N GLU I 119 -14.64 -30.13 -13.36
CA GLU I 119 -14.31 -31.10 -14.41
C GLU I 119 -15.40 -32.17 -14.49
N VAL I 120 -15.87 -32.49 -15.72
CA VAL I 120 -16.90 -33.51 -15.93
C VAL I 120 -16.38 -34.62 -16.86
N SER I 121 -16.40 -35.87 -16.38
CA SER I 121 -15.92 -37.03 -17.13
C SER I 121 -17.06 -37.86 -17.71
N ALA I 122 -16.78 -38.67 -18.75
CA ALA I 122 -17.79 -39.50 -19.41
C ALA I 122 -17.33 -40.94 -19.74
N ARG I 123 -16.76 -41.16 -20.96
CA ARG I 123 -16.26 -42.42 -21.52
C ARG I 123 -17.37 -43.43 -21.87
N HIS I 124 -17.22 -44.13 -23.02
CA HIS I 124 -18.17 -45.15 -23.50
C HIS I 124 -17.51 -46.11 -24.53
N PRO I 125 -17.64 -47.45 -24.35
CA PRO I 125 -17.01 -48.38 -25.31
C PRO I 125 -17.81 -48.60 -26.60
N GLN I 126 -19.12 -48.92 -26.47
CA GLN I 126 -20.03 -49.18 -27.60
C GLN I 126 -21.47 -48.77 -27.28
N ARG I 127 -22.18 -48.24 -28.29
CA ARG I 127 -23.57 -47.80 -28.21
C ARG I 127 -24.22 -47.82 -29.59
N LEU I 128 -25.49 -48.24 -29.67
CA LEU I 128 -26.24 -48.30 -30.93
C LEU I 128 -27.00 -47.00 -31.22
N ASP I 129 -28.04 -46.70 -30.41
CA ASP I 129 -28.92 -45.52 -30.46
C ASP I 129 -29.53 -45.27 -31.86
N ARG I 130 -28.78 -44.63 -32.77
CA ARG I 130 -29.24 -44.32 -34.13
C ARG I 130 -29.16 -45.55 -35.03
N HIS I 131 -27.96 -46.16 -35.19
CA HIS I 131 -27.76 -47.35 -36.02
C HIS I 131 -26.51 -48.19 -35.63
N GLY I 132 -25.33 -47.78 -36.10
CA GLY I 132 -24.05 -48.48 -35.89
C GLY I 132 -23.45 -48.43 -34.50
N PHE I 133 -22.19 -48.86 -34.39
CA PHE I 133 -21.41 -48.89 -33.13
C PHE I 133 -20.68 -47.56 -32.91
N VAL I 134 -21.08 -46.82 -31.85
CA VAL I 134 -20.49 -45.50 -31.51
C VAL I 134 -19.83 -45.53 -30.12
N SER I 135 -18.66 -44.88 -30.02
CA SER I 135 -17.87 -44.71 -28.80
C SER I 135 -17.69 -43.20 -28.58
N ARG I 136 -17.89 -42.73 -27.33
CA ARG I 136 -17.79 -41.32 -27.00
C ARG I 136 -17.17 -41.04 -25.63
N GLU I 137 -16.38 -39.95 -25.54
CA GLU I 137 -15.67 -39.48 -24.35
C GLU I 137 -15.54 -37.95 -24.45
N PHE I 138 -16.04 -37.21 -23.43
CA PHE I 138 -15.96 -35.74 -23.38
C PHE I 138 -15.52 -35.28 -21.99
N CYS I 139 -14.85 -34.11 -21.92
CA CYS I 139 -14.38 -33.55 -20.64
C CYS I 139 -14.35 -32.02 -20.62
N ARG I 140 -15.35 -31.40 -19.98
CA ARG I 140 -15.46 -29.94 -19.87
C ARG I 140 -15.09 -29.50 -18.45
N THR I 141 -13.95 -28.80 -18.32
CA THR I 141 -13.46 -28.30 -17.03
C THR I 141 -13.75 -26.79 -16.92
N TYR I 142 -15.00 -26.44 -16.57
CA TYR I 142 -15.49 -25.08 -16.42
C TYR I 142 -14.77 -24.33 -15.30
N VAL I 143 -14.55 -23.03 -15.52
CA VAL I 143 -13.88 -22.14 -14.58
C VAL I 143 -14.82 -21.71 -13.46
N LEU I 144 -14.40 -21.94 -12.21
CA LEU I 144 -15.15 -21.60 -10.99
C LEU I 144 -14.67 -20.26 -10.42
N PRO I 145 -15.58 -19.29 -10.14
CA PRO I 145 -15.14 -17.98 -9.61
C PRO I 145 -14.55 -18.04 -8.20
N ALA I 146 -13.72 -17.03 -7.87
CA ALA I 146 -13.01 -16.88 -6.61
C ALA I 146 -13.94 -16.75 -5.41
N ASP I 147 -15.00 -15.90 -5.51
CA ASP I 147 -15.98 -15.69 -4.44
C ASP I 147 -17.03 -16.81 -4.38
N VAL I 148 -16.62 -18.04 -4.74
CA VAL I 148 -17.45 -19.26 -4.73
C VAL I 148 -16.73 -20.39 -3.97
N ASP I 149 -17.48 -21.13 -3.14
CA ASP I 149 -17.04 -22.26 -2.33
C ASP I 149 -16.71 -23.49 -3.21
N PRO I 150 -15.57 -24.21 -2.98
CA PRO I 150 -15.27 -25.41 -3.79
C PRO I 150 -16.28 -26.54 -3.54
N TRP I 151 -16.81 -26.59 -2.31
CA TRP I 151 -17.83 -27.53 -1.88
C TRP I 151 -19.21 -26.83 -2.06
N ARG I 152 -20.25 -27.26 -1.33
CA ARG I 152 -21.63 -26.72 -1.38
C ARG I 152 -22.31 -26.85 -2.77
N VAL I 153 -21.57 -27.32 -3.80
CA VAL I 153 -22.05 -27.52 -5.16
C VAL I 153 -22.91 -28.79 -5.25
N ARG I 154 -24.13 -28.67 -5.78
CA ARG I 154 -25.08 -29.77 -5.93
C ARG I 154 -25.27 -30.13 -7.39
N ALA I 155 -25.37 -31.44 -7.68
CA ALA I 155 -25.57 -31.96 -9.03
C ALA I 155 -26.79 -32.86 -9.08
N ALA I 156 -27.66 -32.65 -10.07
CA ALA I 156 -28.88 -33.42 -10.26
C ALA I 156 -28.99 -33.96 -11.67
N LEU I 157 -29.42 -35.22 -11.82
CA LEU I 157 -29.58 -35.86 -13.12
C LEU I 157 -31.07 -36.04 -13.42
N SER I 158 -31.52 -35.48 -14.54
CA SER I 158 -32.91 -35.53 -14.99
C SER I 158 -33.19 -36.83 -15.76
N HIS I 159 -34.47 -37.20 -15.85
CA HIS I 159 -34.94 -38.40 -16.55
C HIS I 159 -34.75 -38.29 -18.07
N ASP I 160 -34.80 -37.06 -18.60
CA ASP I 160 -34.60 -36.76 -20.02
C ASP I 160 -33.11 -36.91 -20.40
N GLY I 161 -32.23 -36.51 -19.48
CA GLY I 161 -30.77 -36.56 -19.65
C GLY I 161 -30.13 -35.19 -19.58
N ILE I 162 -30.41 -34.44 -18.50
CA ILE I 162 -29.88 -33.10 -18.28
C ILE I 162 -29.08 -33.07 -16.97
N LEU I 163 -27.78 -32.71 -17.04
CA LEU I 163 -26.91 -32.62 -15.87
C LEU I 163 -26.64 -31.15 -15.52
N ASN I 164 -27.30 -30.65 -14.45
CA ASN I 164 -27.15 -29.28 -14.00
C ASN I 164 -26.40 -29.21 -12.67
N LEU I 165 -25.37 -28.36 -12.60
CA LEU I 165 -24.54 -28.16 -11.42
C LEU I 165 -24.68 -26.73 -10.91
N GLU I 166 -25.15 -26.56 -9.67
CA GLU I 166 -25.34 -25.25 -9.04
C GLU I 166 -24.53 -25.12 -7.75
N ALA I 167 -23.73 -24.04 -7.66
CA ALA I 167 -22.88 -23.73 -6.51
C ALA I 167 -23.24 -22.35 -5.95
N PRO I 168 -23.36 -22.17 -4.61
CA PRO I 168 -23.71 -20.85 -4.08
C PRO I 168 -22.50 -19.91 -3.95
N ARG I 169 -22.71 -18.61 -4.26
CA ARG I 169 -21.65 -17.60 -4.18
C ARG I 169 -21.51 -17.07 -2.76
N GLY I 170 -20.29 -17.14 -2.22
CA GLY I 170 -19.95 -16.70 -0.88
C GLY I 170 -19.05 -17.68 -0.16
N GLY I 171 -17.79 -17.31 0.10
CA GLY I 171 -17.21 -16.02 -0.25
C GLY I 171 -15.73 -15.98 0.09
N ARG I 172 -14.89 -16.54 -0.80
CA ARG I 172 -13.45 -16.63 -0.63
C ARG I 172 -12.71 -15.36 -1.11
N HIS I 173 -13.05 -14.21 -0.51
CA HIS I 173 -12.41 -12.92 -0.80
C HIS I 173 -11.05 -12.88 -0.07
N LEU I 174 -11.00 -13.48 1.15
CA LEU I 174 -9.84 -13.61 2.05
C LEU I 174 -9.19 -12.25 2.40
N ASP I 175 -8.38 -11.69 1.48
CA ASP I 175 -7.69 -10.40 1.63
C ASP I 175 -7.40 -9.82 0.23
N THR I 176 -7.97 -8.65 -0.09
CA THR I 176 -7.81 -7.99 -1.39
C THR I 176 -7.28 -6.56 -1.25
N GLU I 177 -6.39 -6.16 -2.18
CA GLU I 177 -5.73 -4.84 -2.29
C GLU I 177 -4.95 -4.43 -1.00
N VAL I 178 -3.67 -4.85 -0.75
CA VAL I 178 -2.66 -5.72 -1.41
C VAL I 178 -2.72 -5.68 -2.99
N ASN I 179 -1.97 -4.72 -3.56
CA ASN I 179 -1.83 -4.50 -5.00
C ASN I 179 -0.35 -4.22 -5.36
N GLU I 180 0.17 -3.04 -4.93
CA GLU I 180 1.55 -2.50 -5.09
C GLU I 180 2.27 -2.90 -6.42
N VAL I 181 3.62 -3.10 -6.37
CA VAL I 181 4.53 -3.48 -7.46
C VAL I 181 4.74 -2.33 -8.49
N TYR I 182 6.02 -2.09 -8.85
CA TYR I 182 6.47 -1.11 -9.85
C TYR I 182 7.42 -1.80 -10.84
N ILE I 183 7.65 -1.18 -12.01
CA ILE I 183 8.52 -1.75 -13.05
C ILE I 183 9.80 -0.90 -13.25
N SER I 184 10.95 -1.58 -13.44
CA SER I 184 12.25 -0.95 -13.66
C SER I 184 12.79 -1.23 -15.08
N LEU I 185 13.32 -0.17 -15.73
CA LEU I 185 13.89 -0.24 -17.08
C LEU I 185 15.29 -0.88 -17.06
N LEU I 186 15.63 -1.65 -18.12
CA LEU I 186 16.95 -2.29 -18.26
C LEU I 186 17.80 -1.54 -19.29
N UNK J 1 28.04 60.79 -5.08
CA UNK J 1 26.94 61.25 -4.24
C UNK J 1 27.17 60.92 -2.77
N UNK J 2 27.38 59.63 -2.47
CA UNK J 2 27.61 59.12 -1.11
C UNK J 2 26.40 58.38 -0.55
N UNK J 3 26.44 58.08 0.76
CA UNK J 3 25.35 57.38 1.47
C UNK J 3 25.33 55.91 1.13
N UNK J 4 24.80 55.57 -0.07
CA UNK J 4 24.68 54.19 -0.58
C UNK J 4 25.40 54.02 -1.93
N UNK J 5 26.32 53.02 -2.13
CA UNK J 5 26.82 51.91 -1.27
C UNK J 5 25.81 50.77 -1.06
N UNK J 6 26.15 49.56 -1.55
CA UNK J 6 25.27 48.41 -1.45
C UNK J 6 25.91 47.14 -0.91
N UNK J 7 27.21 46.90 -1.20
CA UNK J 7 28.00 45.71 -0.78
C UNK J 7 27.37 44.36 -1.24
N UNK J 8 27.53 43.25 -0.46
CA UNK J 8 27.02 41.92 -0.84
C UNK J 8 26.65 41.02 0.34
N UNK J 9 25.71 40.07 0.10
CA UNK J 9 25.19 39.06 1.02
C UNK J 9 24.50 37.93 0.23
N UNK J 10 23.94 38.28 -0.95
CA UNK J 10 23.25 37.39 -1.89
C UNK J 10 23.52 37.86 -3.32
N UNK K 1 -2.64 -33.61 42.99
CA UNK K 1 -4.05 -33.85 42.71
C UNK K 1 -4.90 -32.61 42.95
N UNK K 2 -4.53 -31.78 43.95
CA UNK K 2 -5.22 -30.54 44.30
C UNK K 2 -4.42 -29.33 43.83
N UNK K 3 -5.07 -28.42 43.09
CA UNK K 3 -4.42 -27.22 42.55
C UNK K 3 -5.15 -25.94 42.98
N UNK K 4 -4.40 -24.99 43.57
CA UNK K 4 -4.91 -23.69 44.00
C UNK K 4 -5.11 -22.80 42.77
N UNK K 5 -6.06 -21.86 42.82
CA UNK K 5 -6.33 -20.99 41.67
C UNK K 5 -6.10 -19.50 41.94
N UNK K 6 -7.01 -18.84 42.69
CA UNK K 6 -7.01 -17.41 43.06
C UNK K 6 -7.22 -16.47 41.85
N UNK K 7 -6.28 -16.50 40.86
CA UNK K 7 -6.26 -15.73 39.61
C UNK K 7 -6.57 -14.24 39.76
N UNK L 1 -17.77 -16.43 -42.86
CA UNK L 1 -18.34 -17.28 -41.82
C UNK L 1 -19.82 -16.97 -41.56
N UNK L 2 -20.56 -17.94 -41.00
CA UNK L 2 -21.99 -17.83 -40.68
C UNK L 2 -22.33 -18.70 -39.44
N UNK L 3 -23.29 -19.65 -39.55
CA UNK L 3 -23.79 -20.60 -38.54
C UNK L 3 -24.46 -19.95 -37.31
N UNK L 4 -25.73 -20.30 -36.99
CA UNK L 4 -26.55 -21.27 -37.72
C UNK L 4 -27.73 -20.61 -38.44
N UNK L 5 -27.82 -20.84 -39.78
CA UNK L 5 -28.87 -20.33 -40.66
C UNK L 5 -30.06 -21.29 -40.73
N UNK L 6 -31.23 -20.81 -41.22
CA UNK L 6 -32.45 -21.62 -41.31
C UNK L 6 -32.88 -21.90 -42.76
N MET M 1 33.18 35.17 -37.44
CA MET M 1 34.44 35.59 -36.84
C MET M 1 34.50 35.32 -35.33
N ALA M 2 35.73 35.25 -34.78
CA ALA M 2 36.07 34.99 -33.37
C ALA M 2 35.28 35.78 -32.33
N LYS M 3 35.09 35.18 -31.14
CA LYS M 3 34.36 35.74 -30.00
C LYS M 3 35.20 36.62 -29.09
N ILE M 4 34.61 37.74 -28.63
CA ILE M 4 35.25 38.70 -27.72
C ILE M 4 34.96 38.35 -26.27
N ILE M 5 35.93 38.57 -25.37
CA ILE M 5 35.82 38.26 -23.94
C ILE M 5 35.85 39.51 -23.06
N LEU M 6 34.96 39.57 -22.06
CA LEU M 6 34.86 40.68 -21.09
C LEU M 6 35.97 40.60 -20.04
N ARG M 7 36.19 41.71 -19.30
CA ARG M 7 37.22 41.78 -18.26
C ARG M 7 36.77 42.59 -17.04
N HIS M 8 37.54 43.64 -16.64
CA HIS M 8 37.29 44.55 -15.51
C HIS M 8 37.27 43.87 -14.13
N LEU M 9 37.03 44.68 -13.07
CA LEU M 9 36.96 44.32 -11.64
C LEU M 9 38.34 44.02 -11.03
N ILE M 10 38.61 44.61 -9.86
CA ILE M 10 39.87 44.47 -9.12
C ILE M 10 40.08 43.05 -8.60
N GLU M 66 46.43 40.17 18.61
CA GLU M 66 47.41 39.13 18.33
C GLU M 66 48.56 39.17 19.35
N GLY M 67 48.71 38.07 20.10
CA GLY M 67 49.73 37.91 21.13
C GLY M 67 49.53 38.83 22.31
N LYS M 68 49.97 40.09 22.18
CA LYS M 68 49.87 41.15 23.18
C LYS M 68 49.46 42.47 22.52
N SER M 69 48.97 43.43 23.35
CA SER M 69 48.50 44.78 22.97
C SER M 69 47.27 44.80 22.04
N HIS M 70 46.80 43.62 21.56
CA HIS M 70 45.64 43.50 20.68
C HIS M 70 44.78 42.25 20.94
N PHE M 71 43.46 42.40 20.71
CA PHE M 71 42.45 41.34 20.86
C PHE M 71 41.63 41.27 19.56
N GLN M 72 41.49 40.06 18.98
CA GLN M 72 40.77 39.86 17.72
C GLN M 72 39.80 38.68 17.74
N ILE M 73 38.59 38.89 17.20
CA ILE M 73 37.56 37.85 17.13
C ILE M 73 36.87 37.82 15.75
N LEU M 74 37.37 36.95 14.85
CA LEU M 74 36.84 36.77 13.49
C LEU M 74 35.91 35.54 13.46
N LEU M 75 34.62 35.77 13.10
CA LEU M 75 33.58 34.73 13.01
C LEU M 75 33.13 34.52 11.55
N ASP M 76 32.45 33.38 11.29
CA ASP M 76 31.96 33.03 9.95
C ASP M 76 30.48 33.33 9.73
N VAL M 77 30.19 34.56 9.27
CA VAL M 77 28.83 34.98 8.94
C VAL M 77 28.53 34.40 7.55
N VAL M 78 27.67 33.35 7.50
CA VAL M 78 27.30 32.64 6.27
C VAL M 78 26.52 33.53 5.29
N GLN M 79 25.20 33.32 5.17
CA GLN M 79 24.35 34.14 4.30
C GLN M 79 23.57 35.15 5.16
N PHE M 80 24.08 35.43 6.38
CA PHE M 80 23.49 36.41 7.30
C PHE M 80 23.94 37.82 6.87
N LEU M 81 22.99 38.59 6.29
CA LEU M 81 23.18 39.95 5.75
C LEU M 81 23.51 40.97 6.85
N PRO M 82 24.23 42.09 6.55
CA PRO M 82 24.53 43.09 7.61
C PRO M 82 23.31 43.78 8.21
N GLU M 83 22.18 43.80 7.45
CA GLU M 83 20.89 44.34 7.87
C GLU M 83 20.25 43.41 8.92
N ASP M 84 20.69 42.12 8.92
CA ASP M 84 20.24 41.07 9.85
C ASP M 84 21.20 40.96 11.04
N ILE M 85 22.54 40.96 10.78
CA ILE M 85 23.57 40.85 11.82
C ILE M 85 23.74 42.15 12.59
N ILE M 86 23.91 42.05 13.92
CA ILE M 86 24.07 43.20 14.82
C ILE M 86 25.09 42.90 15.91
N ILE M 87 26.20 43.67 15.93
CA ILE M 87 27.29 43.54 16.90
C ILE M 87 27.20 44.58 18.02
N GLN M 88 26.62 44.19 19.18
CA GLN M 88 26.45 45.07 20.34
C GLN M 88 27.38 44.70 21.50
N THR M 89 28.11 45.71 22.04
CA THR M 89 29.05 45.54 23.16
C THR M 89 28.55 46.20 24.44
N PHE M 90 28.34 45.39 25.49
CA PHE M 90 27.84 45.83 26.80
C PHE M 90 29.02 46.25 27.69
N GLU M 91 29.13 45.68 28.92
CA GLU M 91 30.20 45.99 29.88
C GLU M 91 31.59 45.71 29.32
N GLY M 92 31.75 44.53 28.70
CA GLY M 92 33.00 44.10 28.11
C GLY M 92 32.86 42.96 27.12
N TRP M 93 31.91 42.05 27.39
CA TRP M 93 31.64 40.89 26.53
C TRP M 93 31.13 41.28 25.14
N LEU M 94 31.85 40.84 24.09
CA LEU M 94 31.54 41.11 22.68
C LEU M 94 30.41 40.19 22.21
N LEU M 95 29.25 40.77 21.88
CA LEU M 95 28.07 40.02 21.42
C LEU M 95 27.68 40.35 19.98
N ILE M 96 27.04 39.38 19.29
CA ILE M 96 26.56 39.46 17.91
C ILE M 96 25.42 38.47 17.66
N LYS M 97 24.41 38.85 16.86
CA LYS M 97 23.27 37.98 16.51
C LYS M 97 22.97 38.01 15.00
N ALA M 98 22.97 36.81 14.35
CA ALA M 98 22.73 36.65 12.90
C ALA M 98 21.29 36.96 12.47
N GLN M 99 20.32 36.13 12.91
CA GLN M 99 18.87 36.24 12.64
C GLN M 99 18.49 36.46 11.16
N HIS M 100 18.39 35.36 10.39
CA HIS M 100 17.99 35.39 8.98
C HIS M 100 16.53 35.00 8.88
N GLY M 101 15.71 35.90 8.34
CA GLY M 101 14.26 35.70 8.19
C GLY M 101 13.87 34.55 7.30
N THR M 102 12.56 34.19 7.33
CA THR M 102 12.01 33.08 6.54
C THR M 102 12.08 33.40 5.04
N ARG M 103 13.24 33.10 4.43
CA ARG M 103 13.51 33.35 3.01
C ARG M 103 13.22 32.10 2.16
N MET M 104 13.26 32.24 0.81
CA MET M 104 12.99 31.19 -0.19
C MET M 104 13.95 29.99 -0.06
N ASP M 105 15.26 30.27 0.10
CA ASP M 105 16.37 29.32 0.28
C ASP M 105 16.37 28.14 -0.71
N GLU M 106 16.19 28.46 -2.01
CA GLU M 106 16.16 27.52 -3.15
C GLU M 106 15.15 26.36 -2.97
N HIS M 107 15.62 25.18 -2.46
CA HIS M 107 14.82 23.97 -2.21
C HIS M 107 13.62 24.21 -1.25
N GLY M 108 13.92 24.35 0.04
CA GLY M 108 12.92 24.61 1.06
C GLY M 108 13.11 25.95 1.73
N PHE M 109 12.01 26.61 2.13
CA PHE M 109 12.04 27.92 2.79
C PHE M 109 12.65 27.84 4.20
N ILE M 110 13.80 28.52 4.42
CA ILE M 110 14.53 28.45 5.68
C ILE M 110 14.63 29.77 6.44
N SER M 111 14.89 29.67 7.75
CA SER M 111 15.08 30.77 8.69
C SER M 111 16.17 30.40 9.73
N ARG M 112 16.80 31.42 10.36
CA ARG M 112 17.88 31.21 11.35
C ARG M 112 17.98 32.31 12.43
N SER M 113 18.87 32.09 13.42
CA SER M 113 19.22 32.98 14.55
C SER M 113 20.49 32.47 15.25
N PHE M 114 21.59 33.27 15.23
CA PHE M 114 22.85 32.86 15.85
C PHE M 114 23.48 33.94 16.73
N THR M 115 23.05 33.98 18.00
CA THR M 115 23.51 34.95 19.01
C THR M 115 24.67 34.39 19.82
N ARG M 116 25.88 34.95 19.63
CA ARG M 116 27.08 34.52 20.32
C ARG M 116 27.72 35.63 21.15
N GLN M 117 28.05 35.33 22.43
CA GLN M 117 28.70 36.26 23.35
C GLN M 117 30.10 35.73 23.68
N TYR M 118 31.12 36.57 23.42
CA TYR M 118 32.54 36.28 23.66
C TYR M 118 33.07 37.15 24.81
N LYS M 119 33.63 36.49 25.85
CA LYS M 119 34.15 37.14 27.06
C LYS M 119 35.45 37.90 26.84
N LEU M 120 35.52 39.13 27.40
CA LEU M 120 36.66 40.04 27.35
C LEU M 120 37.83 39.55 28.24
N PRO M 121 39.12 39.84 27.90
CA PRO M 121 40.23 39.36 28.75
C PRO M 121 40.63 40.34 29.86
N ASP M 122 39.67 40.64 30.77
CA ASP M 122 39.80 41.55 31.92
C ASP M 122 40.13 43.00 31.51
N GLY M 123 41.38 43.26 31.17
CA GLY M 123 41.86 44.57 30.74
C GLY M 123 41.45 44.91 29.32
N VAL M 124 40.16 45.28 29.14
CA VAL M 124 39.57 45.64 27.85
C VAL M 124 38.39 46.60 28.02
N GLU M 125 38.36 47.66 27.17
CA GLU M 125 37.31 48.68 27.16
C GLU M 125 36.49 48.59 25.86
N ILE M 126 35.15 48.52 26.00
CA ILE M 126 34.21 48.40 24.87
C ILE M 126 34.04 49.75 24.13
N LYS M 127 35.13 50.23 23.50
CA LYS M 127 35.21 51.48 22.74
C LYS M 127 36.38 51.42 21.76
N ASP M 128 37.51 50.82 22.20
CA ASP M 128 38.73 50.62 21.42
C ASP M 128 38.50 49.56 20.33
N LEU M 129 37.51 48.66 20.57
CA LEU M 129 37.10 47.60 19.65
C LEU M 129 36.31 48.18 18.48
N SER M 130 36.73 47.83 17.25
CA SER M 130 36.10 48.26 16.01
C SER M 130 35.89 47.04 15.10
N ALA M 131 34.63 46.61 14.97
CA ALA M 131 34.24 45.46 14.16
C ALA M 131 34.20 45.78 12.66
N VAL M 132 34.13 44.72 11.81
CA VAL M 132 34.07 44.82 10.35
C VAL M 132 33.61 43.51 9.74
N LEU M 133 32.59 43.56 8.86
CA LEU M 133 32.06 42.39 8.18
C LEU M 133 32.58 42.37 6.74
N CYS M 134 33.63 41.57 6.48
CA CYS M 134 34.27 41.46 5.16
C CYS M 134 33.36 40.81 4.12
N HIS M 135 33.43 41.34 2.86
CA HIS M 135 32.67 40.90 1.67
C HIS M 135 32.71 39.38 1.44
N ASP M 136 33.84 38.73 1.80
CA ASP M 136 34.05 37.29 1.70
C ASP M 136 33.09 36.50 2.59
N GLY M 137 32.70 37.11 3.72
CA GLY M 137 31.79 36.51 4.68
C GLY M 137 32.23 36.60 6.13
N ILE M 138 33.57 36.56 6.37
CA ILE M 138 34.18 36.61 7.71
C ILE M 138 34.06 37.99 8.37
N LEU M 139 33.32 38.07 9.50
CA LEU M 139 33.12 39.29 10.29
C LEU M 139 34.03 39.29 11.51
N VAL M 140 34.94 40.28 11.57
CA VAL M 140 35.94 40.38 12.65
C VAL M 140 35.73 41.57 13.57
N VAL M 141 35.77 41.30 14.89
CA VAL M 141 35.66 42.27 15.97
C VAL M 141 37.03 42.33 16.69
N GLU M 142 37.84 43.35 16.35
CA GLU M 142 39.20 43.56 16.86
C GLU M 142 39.47 45.01 17.25
N VAL M 143 40.53 45.24 18.05
CA VAL M 143 40.94 46.58 18.49
C VAL M 143 42.24 47.00 17.82
N LYS M 144 42.18 48.11 17.04
CA LYS M 144 43.33 48.65 16.31
C LYS M 144 43.63 50.09 16.71
N SER N 70 -31.27 -42.24 50.20
CA SER N 70 -31.38 -42.90 48.90
C SER N 70 -32.75 -42.73 48.26
N GLU N 71 -33.69 -43.63 48.61
CA GLU N 71 -35.08 -43.61 48.11
C GLU N 71 -35.86 -42.45 48.75
N GLY N 72 -35.72 -42.31 50.10
CA GLY N 72 -36.35 -41.26 50.91
C GLY N 72 -35.57 -39.94 50.81
N LYS N 73 -34.23 -40.00 50.94
CA LYS N 73 -33.33 -38.86 50.84
C LYS N 73 -32.90 -38.71 49.37
N PHE N 74 -33.65 -37.91 48.59
CA PHE N 74 -33.40 -37.66 47.16
C PHE N 74 -32.28 -36.64 46.95
N GLN N 75 -31.04 -37.14 46.93
CA GLN N 75 -29.83 -36.33 46.76
C GLN N 75 -29.09 -36.62 45.45
N ALA N 76 -28.70 -35.53 44.74
CA ALA N 76 -27.94 -35.56 43.47
C ALA N 76 -27.02 -34.35 43.34
N PHE N 77 -25.70 -34.60 43.38
CA PHE N 77 -24.66 -33.56 43.28
C PHE N 77 -24.24 -33.34 41.83
N LEU N 78 -24.26 -32.06 41.37
CA LEU N 78 -23.87 -31.66 40.01
C LEU N 78 -22.47 -31.05 39.95
N ASP N 79 -21.66 -31.54 38.99
CA ASP N 79 -20.28 -31.11 38.77
C ASP N 79 -20.21 -29.83 37.94
N VAL N 80 -20.54 -28.71 38.58
CA VAL N 80 -20.53 -27.39 37.96
C VAL N 80 -19.17 -26.69 38.17
N SER N 81 -18.06 -27.41 37.87
CA SER N 81 -16.67 -26.94 37.95
C SER N 81 -16.42 -25.74 36.99
N HIS N 82 -17.29 -25.57 35.98
CA HIS N 82 -17.31 -24.49 35.00
C HIS N 82 -18.39 -23.47 35.42
N PHE N 83 -18.27 -22.21 34.97
CA PHE N 83 -19.19 -21.09 35.25
C PHE N 83 -19.13 -20.58 36.71
N THR N 84 -19.47 -19.29 36.90
CA THR N 84 -19.44 -18.55 38.17
C THR N 84 -20.46 -19.02 39.22
N PRO N 85 -20.11 -18.95 40.54
CA PRO N 85 -21.09 -19.35 41.58
C PRO N 85 -22.20 -18.31 41.79
N ASP N 86 -22.00 -17.08 41.27
CA ASP N 86 -22.98 -16.00 41.35
C ASP N 86 -24.00 -16.17 40.20
N GLU N 87 -23.49 -16.41 38.96
CA GLU N 87 -24.31 -16.61 37.77
C GLU N 87 -24.78 -18.08 37.64
N VAL N 88 -25.53 -18.54 38.67
CA VAL N 88 -26.10 -19.88 38.76
C VAL N 88 -27.43 -19.83 39.52
N THR N 89 -28.55 -19.86 38.78
CA THR N 89 -29.89 -19.79 39.36
C THR N 89 -30.54 -21.18 39.48
N VAL N 90 -30.64 -21.69 40.73
CA VAL N 90 -31.22 -23.00 41.06
C VAL N 90 -32.66 -22.86 41.58
N ARG N 91 -33.59 -22.59 40.64
CA ARG N 91 -35.02 -22.41 40.91
C ARG N 91 -35.72 -23.75 41.18
N THR N 92 -36.60 -23.79 42.19
CA THR N 92 -37.33 -25.00 42.59
C THR N 92 -38.84 -24.91 42.23
N VAL N 93 -39.14 -24.50 40.99
CA VAL N 93 -40.47 -24.32 40.42
C VAL N 93 -41.35 -25.57 40.49
N ASP N 94 -42.56 -25.42 41.07
CA ASP N 94 -43.58 -26.45 41.27
C ASP N 94 -43.02 -27.68 42.01
N ASN N 95 -42.86 -28.82 41.31
CA ASN N 95 -42.34 -30.06 41.86
C ASN N 95 -41.11 -30.61 41.16
N LEU N 96 -40.32 -29.71 40.52
CA LEU N 96 -39.09 -30.06 39.80
C LEU N 96 -37.98 -29.05 40.11
N LEU N 97 -36.75 -29.54 40.30
CA LEU N 97 -35.58 -28.69 40.59
C LEU N 97 -34.80 -28.41 39.31
N GLU N 98 -34.68 -27.11 38.94
CA GLU N 98 -33.98 -26.66 37.74
C GLU N 98 -32.86 -25.66 38.06
N VAL N 99 -31.63 -25.94 37.60
CA VAL N 99 -30.45 -25.10 37.79
C VAL N 99 -29.94 -24.57 36.44
N SER N 100 -29.90 -23.24 36.28
CA SER N 100 -29.46 -22.57 35.05
C SER N 100 -28.18 -21.77 35.26
N ALA N 101 -27.21 -21.95 34.33
CA ALA N 101 -25.90 -21.30 34.35
C ALA N 101 -25.69 -20.36 33.14
N ARG N 102 -24.59 -19.56 33.17
CA ARG N 102 -24.17 -18.61 32.13
C ARG N 102 -22.73 -18.14 32.38
N HIS N 103 -21.86 -18.29 31.36
CA HIS N 103 -20.46 -17.88 31.42
C HIS N 103 -20.03 -17.20 30.10
N PRO N 104 -20.49 -15.96 29.92
CA PRO N 104 -20.25 -15.15 28.74
C PRO N 104 -18.85 -14.59 28.61
N GLN N 105 -18.30 -14.64 27.37
CA GLN N 105 -16.98 -14.17 26.95
C GLN N 105 -15.88 -14.63 27.92
N ARG N 106 -15.62 -15.96 27.93
CA ARG N 106 -14.66 -16.64 28.81
C ARG N 106 -13.23 -16.11 28.75
N LEU N 107 -12.76 -15.67 27.55
CA LEU N 107 -11.41 -15.16 27.29
C LEU N 107 -10.33 -16.17 27.77
N ASP N 108 -10.62 -17.49 27.58
CA ASP N 108 -9.79 -18.64 27.96
C ASP N 108 -8.48 -18.72 27.16
N ARG N 109 -7.55 -19.59 27.62
CA ARG N 109 -6.22 -19.83 27.03
C ARG N 109 -6.24 -19.95 25.48
N HIS N 110 -7.23 -20.67 24.92
CA HIS N 110 -7.38 -20.87 23.48
C HIS N 110 -8.20 -19.75 22.77
N GLY N 111 -8.98 -19.00 23.56
CA GLY N 111 -9.82 -17.91 23.10
C GLY N 111 -11.06 -17.72 23.94
N PHE N 112 -11.94 -16.78 23.53
CA PHE N 112 -13.19 -16.52 24.24
C PHE N 112 -14.21 -17.63 24.02
N VAL N 113 -14.95 -18.03 25.09
CA VAL N 113 -15.96 -19.08 25.03
C VAL N 113 -17.28 -18.69 25.73
N SER N 114 -18.44 -18.95 25.07
CA SER N 114 -19.78 -18.68 25.59
C SER N 114 -20.43 -19.98 26.05
N ARG N 115 -21.05 -19.96 27.25
CA ARG N 115 -21.68 -21.13 27.87
C ARG N 115 -23.23 -21.06 27.86
N GLU N 116 -23.87 -21.18 29.05
CA GLU N 116 -25.32 -21.19 29.33
C GLU N 116 -25.94 -22.58 29.16
N PHE N 117 -26.36 -23.20 30.28
CA PHE N 117 -26.99 -24.53 30.33
C PHE N 117 -28.08 -24.62 31.39
N CYS N 118 -29.34 -24.86 30.96
CA CYS N 118 -30.51 -24.96 31.85
C CYS N 118 -30.89 -26.42 32.13
N ARG N 119 -30.09 -27.10 32.97
CA ARG N 119 -30.30 -28.49 33.37
C ARG N 119 -31.42 -28.59 34.41
N THR N 120 -32.41 -29.46 34.15
CA THR N 120 -33.57 -29.64 35.03
C THR N 120 -33.79 -31.10 35.42
N TYR N 121 -34.24 -31.32 36.67
CA TYR N 121 -34.54 -32.63 37.26
C TYR N 121 -35.91 -32.60 37.94
N VAL N 122 -36.59 -33.76 38.02
CA VAL N 122 -37.91 -33.87 38.63
C VAL N 122 -37.87 -34.45 40.06
N LEU N 123 -38.30 -33.65 41.05
CA LEU N 123 -38.35 -34.04 42.47
C LEU N 123 -39.56 -34.95 42.73
N PRO N 124 -39.44 -35.98 43.61
CA PRO N 124 -40.60 -36.86 43.87
C PRO N 124 -41.80 -36.16 44.53
N ALA N 125 -43.00 -36.74 44.38
CA ALA N 125 -44.25 -36.20 44.94
C ALA N 125 -44.24 -36.14 46.47
N ASP N 126 -43.56 -37.09 47.10
CA ASP N 126 -43.42 -37.17 48.56
C ASP N 126 -42.35 -36.25 49.11
N VAL N 127 -42.27 -35.03 48.56
CA VAL N 127 -41.31 -33.98 48.94
C VAL N 127 -41.99 -32.60 48.84
N ASP N 128 -41.46 -31.62 49.60
CA ASP N 128 -41.96 -30.25 49.63
C ASP N 128 -40.86 -29.26 49.22
N PRO N 129 -41.22 -28.28 48.36
CA PRO N 129 -40.28 -27.27 47.88
C PRO N 129 -40.04 -26.18 48.95
N TRP N 130 -39.78 -26.63 50.19
CA TRP N 130 -39.49 -25.81 51.36
C TRP N 130 -38.14 -26.21 51.94
N ARG N 131 -37.71 -27.47 51.70
CA ARG N 131 -36.42 -27.98 52.15
C ARG N 131 -35.35 -27.56 51.14
N VAL N 132 -35.60 -27.87 49.82
CA VAL N 132 -34.76 -27.57 48.65
C VAL N 132 -33.30 -28.06 48.75
N ARG N 133 -32.48 -27.37 49.60
CA ARG N 133 -31.06 -27.62 49.87
C ARG N 133 -30.18 -27.44 48.65
N ALA N 134 -29.51 -26.28 48.58
CA ALA N 134 -28.59 -25.92 47.51
C ALA N 134 -27.18 -25.71 48.10
N ALA N 135 -26.35 -26.77 48.02
CA ALA N 135 -24.98 -26.76 48.53
C ALA N 135 -23.99 -26.42 47.43
N LEU N 136 -22.80 -25.93 47.82
CA LEU N 136 -21.71 -25.58 46.90
C LEU N 136 -20.37 -26.00 47.49
N SER N 137 -19.35 -26.17 46.65
CA SER N 137 -18.01 -26.56 47.08
C SER N 137 -16.95 -25.72 46.37
N HIS N 138 -15.71 -25.74 46.89
CA HIS N 138 -14.58 -25.04 46.27
C HIS N 138 -14.12 -25.81 45.02
N ASP N 139 -14.46 -27.12 44.95
CA ASP N 139 -14.16 -28.05 43.87
C ASP N 139 -15.16 -27.94 42.70
N GLY N 140 -16.39 -27.51 43.01
CA GLY N 140 -17.46 -27.36 42.03
C GLY N 140 -18.65 -28.26 42.26
N ILE N 141 -18.50 -29.27 43.14
CA ILE N 141 -19.55 -30.24 43.47
C ILE N 141 -20.73 -29.59 44.24
N LEU N 142 -21.81 -29.27 43.49
CA LEU N 142 -23.02 -28.65 44.00
C LEU N 142 -24.07 -29.71 44.35
N ASN N 143 -24.18 -30.05 45.64
CA ASN N 143 -25.11 -31.08 46.15
C ASN N 143 -26.53 -30.55 46.39
N LEU N 144 -27.54 -31.28 45.86
CA LEU N 144 -28.96 -30.93 46.01
C LEU N 144 -29.78 -32.11 46.57
N GLU N 145 -30.00 -32.08 47.90
CA GLU N 145 -30.71 -33.11 48.66
C GLU N 145 -32.16 -32.73 48.99
N ALA N 146 -33.07 -33.74 49.01
CA ALA N 146 -34.49 -33.57 49.32
C ALA N 146 -34.90 -34.30 50.62
N PRO N 147 -36.19 -34.17 51.01
CA PRO N 147 -36.73 -34.81 52.23
C PRO N 147 -38.14 -35.39 52.03
N ARG N 148 -38.64 -36.13 53.04
CA ARG N 148 -39.96 -36.78 53.04
C ARG N 148 -41.12 -35.76 53.00
N SER O 70 -29.32 -45.49 -51.15
CA SER O 70 -29.93 -46.43 -52.08
C SER O 70 -29.07 -47.63 -52.42
N GLU O 71 -29.56 -48.46 -53.38
CA GLU O 71 -28.88 -49.67 -53.85
C GLU O 71 -27.59 -49.38 -54.63
N GLY O 72 -26.69 -50.38 -54.71
CA GLY O 72 -25.35 -50.36 -55.34
C GLY O 72 -24.36 -49.44 -54.62
N LYS O 73 -24.70 -48.15 -54.49
CA LYS O 73 -23.88 -47.15 -53.79
C LYS O 73 -24.53 -46.74 -52.46
N PHE O 74 -23.90 -47.15 -51.33
CA PHE O 74 -24.38 -46.86 -49.97
C PHE O 74 -23.62 -45.68 -49.34
N GLN O 75 -24.09 -44.45 -49.62
CA GLN O 75 -23.51 -43.20 -49.12
C GLN O 75 -23.65 -43.03 -47.60
N ALA O 76 -22.62 -42.45 -46.95
CA ALA O 76 -22.60 -42.20 -45.51
C ALA O 76 -22.18 -40.75 -45.21
N PHE O 77 -22.68 -40.18 -44.09
CA PHE O 77 -22.38 -38.79 -43.67
C PHE O 77 -22.50 -38.62 -42.15
N LEU O 78 -21.47 -37.98 -41.53
CA LEU O 78 -21.40 -37.73 -40.09
C LEU O 78 -20.87 -36.31 -39.77
N ASP O 79 -21.63 -35.54 -38.97
CA ASP O 79 -21.29 -34.15 -38.60
C ASP O 79 -20.16 -34.07 -37.58
N VAL O 80 -18.92 -33.90 -38.08
CA VAL O 80 -17.69 -33.77 -37.27
C VAL O 80 -17.36 -32.29 -37.00
N SER O 81 -18.40 -31.50 -36.70
CA SER O 81 -18.34 -30.05 -36.40
C SER O 81 -17.61 -29.77 -35.08
N HIS O 82 -17.65 -30.75 -34.14
CA HIS O 82 -17.00 -30.69 -32.84
C HIS O 82 -15.46 -30.77 -32.99
N PHE O 83 -14.97 -31.70 -33.84
CA PHE O 83 -13.54 -31.92 -34.11
C PHE O 83 -12.98 -31.05 -35.24
N THR O 84 -11.64 -30.94 -35.29
CA THR O 84 -10.85 -30.17 -36.25
C THR O 84 -10.66 -30.94 -37.60
N PRO O 85 -10.23 -30.29 -38.72
CA PRO O 85 -10.05 -31.05 -39.98
C PRO O 85 -8.85 -32.00 -39.95
N ASP O 86 -7.72 -31.57 -39.33
CA ASP O 86 -6.50 -32.35 -39.19
C ASP O 86 -6.71 -33.51 -38.21
N GLU O 87 -7.40 -33.25 -37.08
CA GLU O 87 -7.72 -34.23 -36.03
C GLU O 87 -8.56 -35.40 -36.55
N VAL O 88 -9.52 -35.13 -37.45
CA VAL O 88 -10.39 -36.14 -38.05
C VAL O 88 -9.63 -37.01 -39.06
N THR O 89 -9.75 -38.35 -38.91
CA THR O 89 -9.08 -39.35 -39.75
C THR O 89 -9.95 -40.58 -39.98
N VAL O 90 -10.07 -41.02 -41.25
CA VAL O 90 -10.88 -42.17 -41.67
C VAL O 90 -10.02 -43.39 -42.07
N ARG O 91 -10.44 -44.59 -41.63
CA ARG O 91 -9.76 -45.85 -41.92
C ARG O 91 -10.78 -46.99 -42.06
N THR O 92 -10.71 -47.72 -43.20
CA THR O 92 -11.61 -48.83 -43.51
C THR O 92 -10.91 -50.19 -43.39
N VAL O 93 -10.99 -50.80 -42.20
CA VAL O 93 -10.40 -52.11 -41.91
C VAL O 93 -11.23 -53.20 -42.59
N ASP O 94 -10.69 -53.75 -43.69
CA ASP O 94 -11.28 -54.78 -44.56
C ASP O 94 -12.56 -54.28 -45.28
N ASN O 95 -13.72 -54.44 -44.65
CA ASN O 95 -15.00 -54.02 -45.22
C ASN O 95 -15.92 -53.32 -44.24
N LEU O 96 -15.36 -52.35 -43.49
CA LEU O 96 -16.09 -51.55 -42.50
C LEU O 96 -15.38 -50.21 -42.28
N LEU O 97 -16.07 -49.09 -42.56
CA LEU O 97 -15.51 -47.74 -42.42
C LEU O 97 -15.55 -47.26 -40.97
N GLU O 98 -14.37 -47.19 -40.33
CA GLU O 98 -14.21 -46.75 -38.93
C GLU O 98 -13.69 -45.31 -38.86
N VAL O 99 -14.39 -44.45 -38.08
CA VAL O 99 -14.03 -43.05 -37.88
C VAL O 99 -13.29 -42.82 -36.56
N SER O 100 -12.42 -41.79 -36.53
CA SER O 100 -11.62 -41.42 -35.36
C SER O 100 -11.56 -39.90 -35.20
N ALA O 101 -11.96 -39.38 -34.03
CA ALA O 101 -11.95 -37.94 -33.74
C ALA O 101 -10.68 -37.50 -32.99
N ARG O 102 -10.62 -37.74 -31.65
CA ARG O 102 -9.50 -37.41 -30.75
C ARG O 102 -9.02 -35.94 -30.87
N HIS O 103 -9.78 -35.01 -30.26
CA HIS O 103 -9.50 -33.57 -30.25
C HIS O 103 -9.06 -33.08 -28.85
N PRO O 104 -8.13 -32.12 -28.82
CA PRO O 104 -7.60 -31.56 -27.59
C PRO O 104 -8.53 -30.61 -26.84
N GLN O 105 -8.02 -29.97 -25.77
CA GLN O 105 -8.76 -29.01 -24.95
C GLN O 105 -8.74 -27.62 -25.59
N ARG O 106 -9.93 -27.01 -25.80
CA ARG O 106 -10.10 -25.71 -26.46
C ARG O 106 -10.45 -24.57 -25.49
N LEU O 107 -11.57 -23.85 -25.74
CA LEU O 107 -12.03 -22.73 -24.93
C LEU O 107 -13.56 -22.75 -24.77
N ASP O 108 -14.30 -23.07 -25.86
CA ASP O 108 -15.76 -23.21 -25.97
C ASP O 108 -16.59 -21.96 -25.55
N ARG O 109 -15.92 -20.81 -25.27
CA ARG O 109 -16.51 -19.53 -24.84
C ARG O 109 -17.34 -19.67 -23.54
N HIS O 110 -16.93 -20.62 -22.67
CA HIS O 110 -17.56 -20.92 -21.38
C HIS O 110 -16.60 -21.73 -20.48
N GLY O 111 -15.95 -22.74 -21.07
CA GLY O 111 -15.00 -23.62 -20.38
C GLY O 111 -14.34 -24.60 -21.32
N PHE O 112 -13.00 -24.78 -21.17
CA PHE O 112 -12.15 -25.66 -21.98
C PHE O 112 -12.65 -27.11 -22.02
N VAL O 113 -12.99 -27.61 -23.24
CA VAL O 113 -13.50 -28.97 -23.45
C VAL O 113 -12.60 -29.80 -24.37
N SER O 114 -12.36 -31.07 -23.98
CA SER O 114 -11.53 -32.05 -24.71
C SER O 114 -12.33 -33.34 -24.94
N ARG O 115 -12.51 -33.73 -26.22
CA ARG O 115 -13.30 -34.91 -26.57
C ARG O 115 -12.62 -35.87 -27.57
N GLU O 116 -12.85 -37.19 -27.39
CA GLU O 116 -12.34 -38.26 -28.25
C GLU O 116 -13.47 -39.24 -28.57
N PHE O 117 -13.80 -39.41 -29.87
CA PHE O 117 -14.88 -40.29 -30.33
C PHE O 117 -14.51 -41.20 -31.50
N CYS O 118 -14.96 -42.46 -31.46
CA CYS O 118 -14.73 -43.49 -32.48
C CYS O 118 -16.07 -44.05 -32.94
N ARG O 119 -16.29 -44.10 -34.27
CA ARG O 119 -17.54 -44.63 -34.84
C ARG O 119 -17.29 -45.80 -35.79
N THR O 120 -18.33 -46.63 -36.00
CA THR O 120 -18.26 -47.80 -36.87
C THR O 120 -19.39 -47.82 -37.91
N TYR O 121 -19.07 -48.27 -39.14
CA TYR O 121 -20.02 -48.38 -40.24
C TYR O 121 -19.84 -49.73 -40.93
N VAL O 122 -20.67 -50.73 -40.52
CA VAL O 122 -20.64 -52.10 -41.03
C VAL O 122 -21.12 -52.19 -42.48
N LEU O 123 -20.16 -52.09 -43.43
CA LEU O 123 -20.42 -52.18 -44.86
C LEU O 123 -20.56 -53.65 -45.27
N PRO O 124 -21.47 -54.00 -46.21
CA PRO O 124 -21.61 -55.42 -46.60
C PRO O 124 -20.45 -55.92 -47.47
N ALA O 125 -20.38 -57.24 -47.68
CA ALA O 125 -19.35 -57.89 -48.49
C ALA O 125 -19.40 -57.45 -49.96
N ASP O 126 -20.60 -57.15 -50.46
CA ASP O 126 -20.83 -56.70 -51.82
C ASP O 126 -20.51 -55.23 -52.04
N VAL O 127 -19.27 -54.84 -51.69
CA VAL O 127 -18.71 -53.48 -51.78
C VAL O 127 -17.16 -53.53 -51.82
N ASP O 128 -16.53 -52.53 -52.47
CA ASP O 128 -15.07 -52.45 -52.57
C ASP O 128 -14.44 -51.92 -51.28
N PRO O 129 -13.22 -52.41 -50.93
CA PRO O 129 -12.47 -52.02 -49.74
C PRO O 129 -12.10 -50.53 -49.77
N TRP O 130 -11.64 -50.05 -50.93
CA TRP O 130 -11.29 -48.65 -51.17
C TRP O 130 -12.53 -47.97 -51.79
N ARG O 131 -12.36 -47.27 -52.94
CA ARG O 131 -13.41 -46.58 -53.72
C ARG O 131 -14.11 -45.41 -52.99
N VAL O 132 -14.13 -45.43 -51.64
CA VAL O 132 -14.73 -44.41 -50.79
C VAL O 132 -13.94 -43.10 -50.88
N ARG O 133 -14.55 -42.08 -51.54
CA ARG O 133 -13.94 -40.77 -51.73
C ARG O 133 -14.22 -39.89 -50.50
N ALA O 134 -13.32 -39.99 -49.48
CA ALA O 134 -13.42 -39.24 -48.23
C ALA O 134 -13.12 -37.77 -48.49
N ALA O 135 -14.12 -36.91 -48.22
CA ALA O 135 -14.04 -35.46 -48.39
C ALA O 135 -15.02 -34.79 -47.44
N LEU O 136 -14.50 -34.01 -46.48
CA LEU O 136 -15.32 -33.31 -45.50
C LEU O 136 -15.91 -32.03 -46.07
N SER O 137 -17.23 -31.83 -45.85
CA SER O 137 -17.94 -30.65 -46.30
C SER O 137 -17.71 -29.49 -45.32
N HIS O 138 -17.65 -28.24 -45.84
CA HIS O 138 -17.45 -27.03 -45.05
C HIS O 138 -18.57 -26.83 -44.01
N ASP O 139 -19.72 -27.53 -44.21
CA ASP O 139 -20.88 -27.54 -43.33
C ASP O 139 -20.56 -28.24 -42.01
N GLY O 140 -19.82 -29.35 -42.09
CA GLY O 140 -19.43 -30.15 -40.94
C GLY O 140 -19.60 -31.65 -41.14
N ILE O 141 -20.59 -32.05 -41.97
CA ILE O 141 -20.85 -33.46 -42.26
C ILE O 141 -19.80 -34.02 -43.23
N LEU O 142 -18.99 -34.99 -42.76
CA LEU O 142 -17.92 -35.64 -43.53
C LEU O 142 -18.48 -36.88 -44.22
N ASN O 143 -18.85 -36.73 -45.51
CA ASN O 143 -19.44 -37.78 -46.34
C ASN O 143 -18.44 -38.90 -46.65
N LEU O 144 -18.66 -40.09 -46.02
CA LEU O 144 -17.84 -41.29 -46.20
C LEU O 144 -18.08 -41.86 -47.60
N GLU O 145 -19.37 -42.13 -47.96
CA GLU O 145 -19.89 -42.60 -49.25
C GLU O 145 -19.22 -43.87 -49.81
N ALA O 146 -20.04 -44.89 -50.13
CA ALA O 146 -19.56 -46.16 -50.67
C ALA O 146 -20.19 -46.50 -52.03
N PRO O 147 -19.79 -47.67 -52.60
CA PRO O 147 -20.26 -48.22 -53.87
C PRO O 147 -20.05 -49.75 -53.89
N ARG O 148 -20.63 -50.46 -54.89
CA ARG O 148 -20.52 -51.91 -55.02
C ARG O 148 -19.27 -52.33 -55.79
N UNK P 1 26.35 48.72 20.71
CA UNK P 1 26.26 48.48 19.28
C UNK P 1 27.30 49.28 18.50
N UNK P 2 28.29 48.58 17.92
CA UNK P 2 29.38 49.22 17.19
C UNK P 2 29.66 48.61 15.82
N UNK P 3 30.03 49.48 14.85
CA UNK P 3 30.42 49.23 13.46
C UNK P 3 29.40 48.44 12.58
N UNK P 4 29.12 47.14 12.91
CA UNK P 4 28.21 46.19 12.23
C UNK P 4 28.54 45.94 10.73
N UNK P 5 28.31 46.95 9.85
CA UNK P 5 28.56 46.86 8.40
C UNK P 5 30.01 47.23 8.10
N UNK Q 1 16.55 -20.69 46.03
CA UNK Q 1 15.13 -20.66 45.69
C UNK Q 1 14.34 -21.71 46.47
N UNK Q 2 13.31 -21.26 47.21
CA UNK Q 2 12.46 -22.12 48.05
C UNK Q 2 11.01 -21.62 48.15
N UNK Q 3 10.09 -22.51 48.61
CA UNK Q 3 8.66 -22.31 48.82
C UNK Q 3 7.88 -21.94 47.54
CA UNK Q 4 7.45 -20.08 45.83
C UNK Q 4 5.90 -20.03 45.84
N UNK Q 5 5.22 -21.20 45.82
CA UNK Q 5 3.76 -21.30 45.83
C UNK Q 5 3.23 -21.54 47.23
N UNK R 1 -22.18 4.12 -40.43
CA UNK R 1 -22.03 2.66 -40.40
C UNK R 1 -21.35 2.12 -41.68
N UNK R 2 -20.71 0.95 -41.57
CA UNK R 2 -20.05 0.25 -42.68
C UNK R 2 -20.41 -1.23 -42.67
N UNK R 3 -20.24 -1.91 -43.81
CA UNK R 3 -20.53 -3.34 -44.00
C UNK R 3 -19.83 -4.29 -43.01
N UNK R 4 -18.60 -3.92 -42.54
CA UNK R 4 -17.75 -4.64 -41.57
C UNK R 4 -17.61 -6.17 -41.82
N UNK R 5 -18.63 -6.97 -41.40
CA UNK R 5 -18.68 -8.41 -41.58
C UNK R 5 -19.08 -8.75 -43.02
N UNK S 1 47.18 45.77 -5.48
CA UNK S 1 48.15 44.82 -6.01
C UNK S 1 47.88 43.40 -5.48
N UNK S 2 48.33 42.38 -6.25
CA UNK S 2 48.16 40.96 -5.92
C UNK S 2 48.92 40.55 -4.64
N UNK S 3 48.33 39.63 -3.83
CA UNK S 3 48.90 39.16 -2.57
C UNK S 3 48.70 37.66 -2.30
N UNK S 4 49.51 37.12 -1.36
CA UNK S 4 49.49 35.73 -0.91
C UNK S 4 49.06 35.68 0.58
N UNK S 5 48.66 36.84 1.13
CA UNK S 5 48.19 37.00 2.51
C UNK S 5 46.88 37.81 2.54
N UNK S 6 45.90 37.36 3.34
CA UNK S 6 44.60 38.00 3.48
C UNK S 6 44.60 39.01 4.64
N UNK S 7 44.40 40.31 4.33
CA UNK S 7 44.41 41.40 5.32
C UNK S 7 43.06 42.13 5.45
N UNK S 8 42.61 42.85 4.39
CA UNK S 8 41.35 43.59 4.39
C UNK S 8 40.68 43.70 3.02
N UNK S 9 39.39 43.33 2.96
CA UNK S 9 38.52 43.38 1.80
C UNK S 9 37.48 44.49 2.03
N UNK S 10 36.85 44.51 3.23
CA UNK S 10 35.87 45.48 3.75
C UNK S 10 34.62 45.70 2.88
N UNK S 11 33.68 46.55 3.37
CA UNK S 11 32.43 46.89 2.70
C UNK S 11 31.99 48.33 3.00
N UNK S 12 31.73 48.65 4.29
CA UNK S 12 31.28 49.97 4.73
C UNK S 12 31.85 50.32 6.11
N UNK T 1 -8.74 -24.06 -61.08
CA UNK T 1 -7.39 -23.60 -61.33
C UNK T 1 -6.83 -22.80 -60.15
N UNK T 2 -5.51 -22.94 -59.90
CA UNK T 2 -4.80 -22.25 -58.82
C UNK T 2 -4.65 -20.74 -59.11
N UNK T 3 -4.43 -19.92 -58.06
CA UNK T 3 -4.29 -18.48 -58.19
C UNK T 3 -2.87 -17.97 -57.89
N UNK T 4 -2.49 -16.86 -58.55
CA UNK T 4 -1.19 -16.19 -58.40
C UNK T 4 -1.34 -14.85 -57.68
N UNK T 5 -2.53 -14.21 -57.83
CA UNK T 5 -2.87 -12.93 -57.21
C UNK T 5 -4.08 -13.08 -56.28
N UNK T 6 -4.05 -12.40 -55.12
CA UNK T 6 -5.12 -12.42 -54.12
C UNK T 6 -5.97 -11.15 -54.21
N UNK T 7 -7.31 -11.32 -54.21
CA UNK T 7 -8.27 -10.21 -54.29
C UNK T 7 -9.26 -10.19 -53.12
N UNK T 8 -10.08 -11.25 -52.97
CA UNK T 8 -11.08 -11.36 -51.90
C UNK T 8 -11.32 -12.83 -51.53
N UNK T 9 -11.15 -13.15 -50.24
CA UNK T 9 -11.31 -14.51 -49.71
C UNK T 9 -12.78 -14.83 -49.35
N UNK T 10 -13.22 -14.49 -48.11
CA UNK T 10 -14.57 -14.71 -47.61
C UNK T 10 -14.92 -13.68 -46.54
N UNK T 11 -16.17 -13.18 -46.54
CA UNK T 11 -16.66 -12.19 -45.58
C UNK T 11 -17.94 -12.62 -44.87
N UNK T 12 -19.02 -12.88 -45.63
CA UNK T 12 -20.32 -13.30 -45.10
C UNK T 12 -21.05 -14.21 -46.08
N UNK U 1 -12.51 -18.32 61.53
CA UNK U 1 -13.49 -17.45 60.92
C UNK U 1 -13.76 -16.19 61.75
N UNK U 2 -14.08 -16.36 63.06
CA UNK U 2 -14.36 -15.26 64.00
C UNK U 2 -13.09 -14.71 64.68
N UNK U 3 -12.45 -13.73 64.01
CA UNK U 3 -11.22 -13.04 64.47
C UNK U 3 -11.06 -11.68 63.79
N UNK U 4 -10.35 -10.76 64.45
CA UNK U 4 -10.09 -9.40 63.96
C UNK U 4 -8.93 -9.34 62.97
N UNK U 5 -7.86 -10.12 63.23
CA UNK U 5 -6.65 -10.18 62.41
C UNK U 5 -6.77 -11.08 61.16
N UNK U 6 -5.88 -10.84 60.17
CA UNK U 6 -5.78 -11.58 58.91
C UNK U 6 -4.29 -11.89 58.64
N UNK U 7 -3.95 -13.19 58.42
CA UNK U 7 -2.56 -13.61 58.20
C UNK U 7 -2.35 -14.75 57.19
N UNK U 8 -3.21 -15.78 57.19
CA UNK U 8 -3.02 -16.94 56.30
C UNK U 8 -4.23 -17.31 55.42
N UNK U 9 -3.98 -17.33 54.09
CA UNK U 9 -4.88 -17.73 53.00
C UNK U 9 -4.14 -18.81 52.20
N UNK U 10 -2.87 -18.52 51.84
CA UNK U 10 -1.84 -19.33 51.17
C UNK U 10 -2.32 -20.20 49.99
N UNK U 11 -1.49 -21.21 49.63
CA UNK U 11 -1.72 -22.16 48.54
C UNK U 11 -1.12 -23.54 48.88
N UNK U 12 0.22 -23.60 49.08
CA UNK U 12 0.98 -24.80 49.42
C UNK U 12 2.34 -24.42 50.03
#